data_2MQH
#
_entry.id   2MQH
#
_entity_poly.entity_id   1
_entity_poly.type   'polypeptide(L)'
_entity_poly.pdbx_seq_one_letter_code
;MRGSHHHHHHGSGEQLRQQGTVKWFNATKGFGFITPGGGGEDLFVHQTNINSEGFRSLREGEVVEFEVEAGPDGRSKAVN
VT
;
_entity_poly.pdbx_strand_id   A
#
# COMPACT_ATOMS: atom_id res chain seq x y z
N GLY A 11 -3.29 -19.70 -1.47
CA GLY A 11 -3.97 -19.47 -2.73
C GLY A 11 -5.42 -19.07 -2.54
N SER A 12 -6.33 -19.89 -3.03
CA SER A 12 -7.76 -19.62 -2.93
C SER A 12 -8.21 -19.70 -1.46
N GLY A 13 -9.09 -18.77 -1.08
CA GLY A 13 -9.59 -18.76 0.29
C GLY A 13 -8.91 -17.71 1.14
N GLU A 14 -7.63 -17.45 0.85
CA GLU A 14 -6.87 -16.47 1.61
C GLU A 14 -7.11 -15.07 1.06
N GLN A 15 -8.04 -14.35 1.69
CA GLN A 15 -8.37 -12.99 1.27
C GLN A 15 -7.49 -11.97 1.97
N LEU A 16 -6.70 -11.23 1.20
CA LEU A 16 -5.82 -10.21 1.75
C LEU A 16 -6.10 -8.85 1.14
N ARG A 17 -7.18 -8.21 1.59
CA ARG A 17 -7.56 -6.90 1.09
C ARG A 17 -7.38 -5.83 2.17
N GLN A 18 -6.43 -4.94 1.94
CA GLN A 18 -6.14 -3.87 2.89
C GLN A 18 -6.57 -2.51 2.34
N GLN A 19 -6.61 -1.51 3.20
CA GLN A 19 -7.01 -0.16 2.79
C GLN A 19 -6.14 0.89 3.48
N GLY A 20 -5.63 1.84 2.69
CA GLY A 20 -4.79 2.89 3.24
C GLY A 20 -5.16 4.25 2.70
N THR A 21 -4.87 5.29 3.48
CA THR A 21 -5.17 6.66 3.08
C THR A 21 -3.91 7.40 2.68
N VAL A 22 -4.07 8.42 1.84
CA VAL A 22 -2.94 9.22 1.38
C VAL A 22 -2.55 10.29 2.41
N LYS A 23 -3.50 10.63 3.26
CA LYS A 23 -3.28 11.63 4.29
C LYS A 23 -2.03 11.30 5.11
N TRP A 24 -1.73 10.01 5.23
CA TRP A 24 -0.57 9.56 5.98
C TRP A 24 0.50 9.01 5.04
N PHE A 25 0.59 9.59 3.85
CA PHE A 25 1.58 9.15 2.86
C PHE A 25 2.72 10.16 2.75
N ASN A 26 3.92 9.66 2.53
CA ASN A 26 5.10 10.52 2.41
C ASN A 26 5.92 10.14 1.18
N ALA A 27 5.48 10.60 0.01
CA ALA A 27 6.18 10.31 -1.24
C ALA A 27 7.58 10.89 -1.22
N THR A 28 7.69 12.15 -0.80
CA THR A 28 8.99 12.83 -0.74
C THR A 28 10.02 11.98 0.00
N LYS A 29 9.57 11.34 1.09
CA LYS A 29 10.46 10.51 1.90
C LYS A 29 10.59 9.12 1.29
N GLY A 30 9.56 8.70 0.55
CA GLY A 30 9.58 7.40 -0.08
C GLY A 30 9.08 6.30 0.85
N PHE A 31 8.34 6.70 1.88
CA PHE A 31 7.81 5.75 2.85
C PHE A 31 6.51 6.28 3.48
N GLY A 32 5.40 5.63 3.17
CA GLY A 32 4.12 6.05 3.70
C GLY A 32 3.62 5.12 4.80
N PHE A 33 2.31 5.08 4.99
CA PHE A 33 1.71 4.23 6.01
C PHE A 33 0.30 3.81 5.61
N ILE A 34 -0.17 2.71 6.18
CA ILE A 34 -1.50 2.19 5.88
C ILE A 34 -2.37 2.15 7.14
N THR A 35 -3.65 2.45 6.97
CA THR A 35 -4.58 2.45 8.09
C THR A 35 -5.65 1.37 7.91
N PRO A 36 -5.26 0.11 8.14
CA PRO A 36 -6.16 -1.04 8.00
C PRO A 36 -7.22 -1.07 9.11
N GLY A 37 -8.48 -1.10 8.70
CA GLY A 37 -9.56 -1.13 9.68
C GLY A 37 -10.28 0.20 9.80
N GLY A 38 -9.50 1.28 9.88
CA GLY A 38 -10.09 2.61 10.00
C GLY A 38 -10.02 3.14 11.41
N GLY A 39 -9.13 2.57 12.23
CA GLY A 39 -8.99 3.01 13.59
C GLY A 39 -8.35 1.95 14.48
N GLY A 40 -7.03 1.87 14.45
CA GLY A 40 -6.32 0.90 15.25
C GLY A 40 -4.82 1.03 15.13
N GLU A 41 -4.17 0.00 14.57
CA GLU A 41 -2.73 0.01 14.41
C GLU A 41 -2.35 0.29 12.96
N ASP A 42 -1.33 1.11 12.76
CA ASP A 42 -0.86 1.46 11.42
C ASP A 42 0.44 0.73 11.09
N LEU A 43 0.63 0.42 9.82
CA LEU A 43 1.82 -0.28 9.37
C LEU A 43 2.59 0.55 8.33
N PHE A 44 3.86 0.25 8.17
CA PHE A 44 4.70 0.97 7.21
C PHE A 44 4.68 0.28 5.85
N VAL A 45 4.72 1.08 4.79
CA VAL A 45 4.71 0.54 3.43
C VAL A 45 5.79 1.20 2.58
N HIS A 46 6.39 0.41 1.69
CA HIS A 46 7.44 0.90 0.81
C HIS A 46 7.02 0.82 -0.66
N GLN A 47 7.40 1.82 -1.44
CA GLN A 47 7.06 1.85 -2.85
C GLN A 47 7.95 0.92 -3.65
N THR A 48 7.43 -0.24 -4.02
CA THR A 48 8.19 -1.22 -4.78
C THR A 48 7.64 -1.36 -6.20
N ASN A 49 6.31 -1.50 -6.31
CA ASN A 49 5.67 -1.63 -7.61
C ASN A 49 4.53 -0.63 -7.75
N ILE A 50 4.64 0.49 -7.03
CA ILE A 50 3.61 1.52 -7.09
C ILE A 50 4.10 2.73 -7.87
N ASN A 51 4.07 2.63 -9.20
CA ASN A 51 4.51 3.70 -10.07
C ASN A 51 3.75 3.68 -11.40
N SER A 52 3.57 4.86 -11.99
CA SER A 52 2.86 4.97 -13.26
C SER A 52 3.81 5.38 -14.38
N GLU A 53 3.29 5.42 -15.60
CA GLU A 53 4.10 5.81 -16.76
C GLU A 53 4.27 7.32 -16.82
N GLY A 54 3.23 8.05 -16.43
CA GLY A 54 3.29 9.51 -16.45
C GLY A 54 3.32 10.10 -15.06
N PHE A 55 2.23 10.75 -14.67
CA PHE A 55 2.15 11.37 -13.35
C PHE A 55 0.98 10.80 -12.56
N ARG A 56 0.81 11.28 -11.33
CA ARG A 56 -0.26 10.82 -10.47
C ARG A 56 -0.91 11.98 -9.73
N SER A 57 -2.16 12.28 -10.08
CA SER A 57 -2.89 13.36 -9.45
C SER A 57 -3.81 12.84 -8.36
N LEU A 58 -3.29 12.81 -7.13
CA LEU A 58 -4.07 12.34 -5.99
C LEU A 58 -4.01 13.34 -4.84
N ARG A 59 -4.98 13.26 -3.94
CA ARG A 59 -5.05 14.16 -2.80
C ARG A 59 -5.13 13.37 -1.49
N GLU A 60 -4.87 14.05 -0.38
CA GLU A 60 -4.90 13.42 0.93
C GLU A 60 -6.32 12.97 1.29
N GLY A 61 -6.43 11.75 1.79
CA GLY A 61 -7.73 11.23 2.16
C GLY A 61 -8.19 10.12 1.24
N GLU A 62 -7.61 10.06 0.05
CA GLU A 62 -7.97 9.04 -0.93
C GLU A 62 -7.58 7.65 -0.44
N VAL A 63 -8.52 6.72 -0.50
CA VAL A 63 -8.27 5.35 -0.07
C VAL A 63 -7.66 4.52 -1.19
N VAL A 64 -6.76 3.60 -0.81
CA VAL A 64 -6.11 2.74 -1.79
C VAL A 64 -6.34 1.26 -1.46
N GLU A 65 -6.11 0.40 -2.44
CA GLU A 65 -6.30 -1.03 -2.26
C GLU A 65 -5.05 -1.80 -2.68
N PHE A 66 -4.73 -2.85 -1.94
CA PHE A 66 -3.57 -3.68 -2.24
C PHE A 66 -3.61 -4.98 -1.45
N GLU A 67 -2.68 -5.88 -1.75
CA GLU A 67 -2.61 -7.17 -1.08
C GLU A 67 -1.16 -7.55 -0.76
N VAL A 68 -0.95 -8.12 0.41
CA VAL A 68 0.39 -8.54 0.84
C VAL A 68 0.82 -9.81 0.12
N GLU A 69 1.97 -9.76 -0.53
CA GLU A 69 2.51 -10.91 -1.25
C GLU A 69 3.77 -11.44 -0.58
N ALA A 70 3.90 -12.76 -0.54
CA ALA A 70 5.06 -13.40 0.06
C ALA A 70 5.90 -14.14 -0.98
N GLY A 71 7.17 -13.77 -1.08
CA GLY A 71 8.05 -14.40 -2.04
C GLY A 71 8.63 -15.70 -1.52
N PRO A 72 9.50 -16.34 -2.33
CA PRO A 72 10.13 -17.60 -1.97
C PRO A 72 11.16 -17.44 -0.86
N ASP A 73 11.58 -16.21 -0.62
CA ASP A 73 12.56 -15.92 0.42
C ASP A 73 11.92 -16.03 1.80
N GLY A 74 10.61 -15.85 1.87
CA GLY A 74 9.91 -15.93 3.13
C GLY A 74 9.37 -14.59 3.59
N ARG A 75 9.94 -13.52 3.04
CA ARG A 75 9.51 -12.17 3.40
C ARG A 75 8.24 -11.78 2.65
N SER A 76 7.48 -10.86 3.23
CA SER A 76 6.24 -10.40 2.62
C SER A 76 6.18 -8.87 2.58
N LYS A 77 5.45 -8.34 1.61
CA LYS A 77 5.30 -6.90 1.46
C LYS A 77 4.08 -6.55 0.61
N ALA A 78 3.72 -5.28 0.60
CA ALA A 78 2.56 -4.82 -0.16
C ALA A 78 2.99 -4.27 -1.52
N VAL A 79 2.18 -4.53 -2.54
CA VAL A 79 2.47 -4.05 -3.89
C VAL A 79 1.19 -3.77 -4.66
N ASN A 80 1.32 -3.06 -5.78
CA ASN A 80 0.17 -2.71 -6.61
C ASN A 80 -0.87 -1.94 -5.81
N VAL A 81 -0.43 -0.85 -5.17
CA VAL A 81 -1.32 -0.02 -4.37
C VAL A 81 -1.99 1.03 -5.23
N THR A 82 -3.29 0.85 -5.46
CA THR A 82 -4.07 1.78 -6.27
C THR A 82 -5.25 2.34 -5.49
N GLY A 11 -10.27 -21.09 -5.08
CA GLY A 11 -10.07 -20.88 -3.65
C GLY A 11 -9.47 -19.52 -3.36
N SER A 12 -9.12 -19.29 -2.09
CA SER A 12 -8.55 -18.02 -1.68
C SER A 12 -7.17 -17.82 -2.28
N GLY A 13 -6.19 -18.57 -1.77
CA GLY A 13 -4.84 -18.46 -2.28
C GLY A 13 -4.02 -17.43 -1.54
N GLU A 14 -4.12 -17.43 -0.21
CA GLU A 14 -3.39 -16.48 0.62
C GLU A 14 -3.81 -15.05 0.29
N GLN A 15 -5.08 -14.87 -0.04
CA GLN A 15 -5.61 -13.55 -0.37
C GLN A 15 -5.52 -12.61 0.82
N LEU A 16 -5.29 -11.33 0.55
CA LEU A 16 -5.17 -10.33 1.61
C LEU A 16 -5.50 -8.94 1.07
N ARG A 17 -6.66 -8.42 1.45
CA ARG A 17 -7.09 -7.10 1.01
C ARG A 17 -6.94 -6.07 2.12
N GLN A 18 -6.19 -5.02 1.86
CA GLN A 18 -5.97 -3.97 2.84
C GLN A 18 -6.45 -2.62 2.33
N GLN A 19 -6.46 -1.62 3.20
CA GLN A 19 -6.92 -0.28 2.83
C GLN A 19 -6.07 0.78 3.53
N GLY A 20 -5.64 1.78 2.76
CA GLY A 20 -4.83 2.85 3.33
C GLY A 20 -5.17 4.20 2.73
N THR A 21 -4.87 5.26 3.48
CA THR A 21 -5.15 6.62 3.02
C THR A 21 -3.87 7.33 2.63
N VAL A 22 -4.01 8.39 1.83
CA VAL A 22 -2.85 9.17 1.38
C VAL A 22 -2.47 10.24 2.40
N LYS A 23 -3.42 10.59 3.27
CA LYS A 23 -3.19 11.59 4.29
C LYS A 23 -1.94 11.24 5.12
N TRP A 24 -1.66 9.95 5.23
CA TRP A 24 -0.50 9.49 5.99
C TRP A 24 0.57 8.94 5.06
N PHE A 25 0.67 9.53 3.87
CA PHE A 25 1.66 9.10 2.88
C PHE A 25 2.76 10.15 2.73
N ASN A 26 3.99 9.68 2.52
CA ASN A 26 5.14 10.57 2.35
C ASN A 26 5.98 10.17 1.16
N ALA A 27 5.51 10.51 -0.04
CA ALA A 27 6.22 10.19 -1.27
C ALA A 27 7.62 10.78 -1.27
N THR A 28 7.72 12.07 -0.91
CA THR A 28 9.00 12.75 -0.87
C THR A 28 10.02 11.97 -0.04
N LYS A 29 9.56 11.40 1.06
CA LYS A 29 10.42 10.62 1.94
C LYS A 29 10.65 9.22 1.38
N GLY A 30 9.69 8.74 0.60
CA GLY A 30 9.80 7.42 0.00
C GLY A 30 9.29 6.33 0.93
N PHE A 31 8.47 6.72 1.91
CA PHE A 31 7.92 5.77 2.86
C PHE A 31 6.63 6.30 3.46
N GLY A 32 5.52 5.61 3.19
CA GLY A 32 4.23 6.03 3.71
C GLY A 32 3.72 5.09 4.79
N PHE A 33 2.40 5.08 4.97
CA PHE A 33 1.78 4.22 5.98
C PHE A 33 0.36 3.86 5.58
N ILE A 34 -0.12 2.73 6.09
CA ILE A 34 -1.47 2.27 5.79
C ILE A 34 -2.32 2.15 7.06
N THR A 35 -3.54 2.67 7.00
CA THR A 35 -4.44 2.63 8.15
C THR A 35 -5.65 1.73 7.86
N PRO A 36 -5.42 0.41 7.88
CA PRO A 36 -6.48 -0.57 7.63
C PRO A 36 -7.50 -0.63 8.75
N GLY A 37 -8.72 -0.20 8.46
CA GLY A 37 -9.78 -0.22 9.46
C GLY A 37 -10.09 1.17 9.98
N GLY A 38 -9.06 1.94 10.30
CA GLY A 38 -9.26 3.29 10.80
C GLY A 38 -9.36 3.32 12.31
N GLY A 39 -8.78 2.33 12.98
CA GLY A 39 -8.83 2.27 14.42
C GLY A 39 -7.70 3.05 15.07
N GLY A 40 -6.56 3.11 14.38
CA GLY A 40 -5.42 3.83 14.91
C GLY A 40 -4.10 3.17 14.56
N GLU A 41 -4.11 1.85 14.50
CA GLU A 41 -2.90 1.09 14.17
C GLU A 41 -2.51 1.32 12.71
N ASP A 42 -1.30 1.84 12.51
CA ASP A 42 -0.80 2.11 11.17
C ASP A 42 0.31 1.14 10.80
N LEU A 43 0.24 0.57 9.59
CA LEU A 43 1.24 -0.37 9.13
C LEU A 43 2.28 0.32 8.25
N PHE A 44 3.47 -0.27 8.17
CA PHE A 44 4.55 0.29 7.37
C PHE A 44 4.47 -0.20 5.94
N VAL A 45 4.79 0.69 4.99
CA VAL A 45 4.75 0.34 3.58
C VAL A 45 5.92 0.96 2.84
N HIS A 46 6.42 0.25 1.82
CA HIS A 46 7.54 0.74 1.03
C HIS A 46 7.24 0.62 -0.47
N GLN A 47 7.37 1.74 -1.18
CA GLN A 47 7.11 1.76 -2.61
C GLN A 47 7.99 0.75 -3.34
N THR A 48 7.40 -0.38 -3.72
CA THR A 48 8.13 -1.41 -4.42
C THR A 48 7.68 -1.53 -5.88
N ASN A 49 6.37 -1.60 -6.08
CA ASN A 49 5.80 -1.71 -7.42
C ASN A 49 4.66 -0.69 -7.61
N ILE A 50 4.72 0.39 -6.86
CA ILE A 50 3.71 1.44 -6.95
C ILE A 50 4.16 2.57 -7.87
N ASN A 51 3.88 2.43 -9.16
CA ASN A 51 4.26 3.44 -10.14
C ASN A 51 3.23 3.52 -11.27
N SER A 52 3.50 4.37 -12.25
CA SER A 52 2.59 4.54 -13.39
C SER A 52 3.38 4.67 -14.69
N GLU A 53 2.66 4.70 -15.80
CA GLU A 53 3.29 4.83 -17.11
C GLU A 53 3.66 6.28 -17.41
N GLY A 54 2.91 7.21 -16.80
CA GLY A 54 3.17 8.62 -17.02
C GLY A 54 3.21 9.39 -15.71
N PHE A 55 2.12 10.07 -15.38
CA PHE A 55 2.04 10.86 -14.17
C PHE A 55 0.78 10.53 -13.38
N ARG A 56 0.94 10.29 -12.08
CA ARG A 56 -0.18 9.95 -11.22
C ARG A 56 -0.67 11.19 -10.45
N SER A 57 -1.97 11.25 -10.19
CA SER A 57 -2.56 12.37 -9.47
C SER A 57 -3.38 11.89 -8.29
N LEU A 58 -2.78 11.91 -7.11
CA LEU A 58 -3.46 11.46 -5.89
C LEU A 58 -3.53 12.59 -4.87
N ARG A 59 -4.61 12.62 -4.11
CA ARG A 59 -4.80 13.66 -3.09
C ARG A 59 -4.90 13.03 -1.70
N GLU A 60 -4.75 13.86 -0.67
CA GLU A 60 -4.82 13.40 0.71
C GLU A 60 -6.23 12.93 1.05
N GLY A 61 -6.33 11.76 1.69
CA GLY A 61 -7.63 11.23 2.06
C GLY A 61 -8.08 10.12 1.14
N GLU A 62 -7.49 10.06 -0.05
CA GLU A 62 -7.84 9.03 -1.03
C GLU A 62 -7.49 7.64 -0.51
N VAL A 63 -8.45 6.73 -0.55
CA VAL A 63 -8.23 5.36 -0.10
C VAL A 63 -7.71 4.48 -1.21
N VAL A 64 -6.68 3.70 -0.91
CA VAL A 64 -6.07 2.81 -1.90
C VAL A 64 -6.21 1.35 -1.47
N GLU A 65 -6.21 0.45 -2.45
CA GLU A 65 -6.33 -0.98 -2.18
C GLU A 65 -5.19 -1.76 -2.83
N PHE A 66 -4.61 -2.68 -2.09
CA PHE A 66 -3.51 -3.51 -2.60
C PHE A 66 -3.60 -4.93 -2.06
N GLU A 67 -2.79 -5.81 -2.63
CA GLU A 67 -2.77 -7.21 -2.21
C GLU A 67 -1.38 -7.62 -1.72
N VAL A 68 -1.35 -8.38 -0.63
CA VAL A 68 -0.09 -8.84 -0.06
C VAL A 68 0.49 -10.00 -0.86
N GLU A 69 1.76 -9.86 -1.24
CA GLU A 69 2.43 -10.89 -2.02
C GLU A 69 3.63 -11.45 -1.25
N ALA A 70 3.93 -12.72 -1.48
CA ALA A 70 5.05 -13.38 -0.80
C ALA A 70 6.20 -13.63 -1.78
N GLY A 71 7.31 -12.93 -1.55
CA GLY A 71 8.46 -13.08 -2.43
C GLY A 71 9.11 -14.45 -2.29
N PRO A 72 10.23 -14.65 -2.99
CA PRO A 72 10.97 -15.92 -2.96
C PRO A 72 11.64 -16.17 -1.62
N ASP A 73 11.80 -15.10 -0.84
CA ASP A 73 12.43 -15.21 0.46
C ASP A 73 11.45 -15.71 1.52
N GLY A 74 10.16 -15.49 1.26
CA GLY A 74 9.13 -15.92 2.19
C GLY A 74 8.45 -14.77 2.88
N ARG A 75 9.10 -13.60 2.87
CA ARG A 75 8.53 -12.41 3.50
C ARG A 75 7.36 -11.87 2.69
N SER A 76 6.49 -11.11 3.36
CA SER A 76 5.32 -10.53 2.70
C SER A 76 5.51 -9.04 2.49
N LYS A 77 4.83 -8.50 1.48
CA LYS A 77 4.92 -7.08 1.17
C LYS A 77 3.72 -6.63 0.34
N ALA A 78 3.44 -5.33 0.35
CA ALA A 78 2.32 -4.77 -0.41
C ALA A 78 2.80 -4.21 -1.74
N VAL A 79 1.98 -4.39 -2.78
CA VAL A 79 2.31 -3.89 -4.11
C VAL A 79 1.06 -3.60 -4.92
N ASN A 80 1.22 -2.91 -6.04
CA ASN A 80 0.10 -2.55 -6.89
C ASN A 80 -0.94 -1.74 -6.13
N VAL A 81 -0.47 -0.73 -5.41
CA VAL A 81 -1.37 0.13 -4.63
C VAL A 81 -2.06 1.15 -5.52
N THR A 82 -3.38 1.01 -5.65
CA THR A 82 -4.16 1.93 -6.47
C THR A 82 -5.30 2.55 -5.67
N GLY A 11 2.72 -18.22 -3.17
CA GLY A 11 1.53 -18.88 -3.68
C GLY A 11 0.77 -19.62 -2.60
N SER A 12 0.58 -18.97 -1.45
CA SER A 12 -0.13 -19.58 -0.34
C SER A 12 -1.59 -19.84 -0.70
N GLY A 13 -2.15 -18.96 -1.51
CA GLY A 13 -3.54 -19.12 -1.93
C GLY A 13 -4.51 -18.48 -0.94
N GLU A 14 -4.03 -17.49 -0.20
CA GLU A 14 -4.87 -16.81 0.78
C GLU A 14 -5.19 -15.38 0.33
N GLN A 15 -6.41 -14.94 0.60
CA GLN A 15 -6.84 -13.60 0.21
C GLN A 15 -6.53 -12.60 1.31
N LEU A 16 -6.25 -11.36 0.91
CA LEU A 16 -5.93 -10.31 1.87
C LEU A 16 -6.24 -8.93 1.28
N ARG A 17 -7.31 -8.31 1.77
CA ARG A 17 -7.71 -6.99 1.30
C ARG A 17 -7.33 -5.91 2.31
N GLN A 18 -6.56 -4.92 1.85
CA GLN A 18 -6.14 -3.83 2.72
C GLN A 18 -6.43 -2.48 2.06
N GLN A 19 -6.56 -1.44 2.89
CA GLN A 19 -6.85 -0.10 2.40
C GLN A 19 -6.11 0.95 3.23
N GLY A 20 -5.62 1.99 2.56
CA GLY A 20 -4.90 3.04 3.25
C GLY A 20 -5.18 4.41 2.67
N THR A 21 -4.90 5.45 3.46
CA THR A 21 -5.13 6.82 3.01
C THR A 21 -3.81 7.54 2.75
N VAL A 22 -3.85 8.53 1.86
CA VAL A 22 -2.66 9.30 1.52
C VAL A 22 -2.34 10.30 2.62
N LYS A 23 -3.34 10.65 3.42
CA LYS A 23 -3.15 11.60 4.51
C LYS A 23 -1.98 11.20 5.39
N TRP A 24 -1.72 9.90 5.47
CA TRP A 24 -0.63 9.38 6.29
C TRP A 24 0.50 8.85 5.41
N PHE A 25 0.68 9.47 4.24
CA PHE A 25 1.73 9.05 3.32
C PHE A 25 2.86 10.07 3.27
N ASN A 26 4.08 9.59 3.13
CA ASN A 26 5.25 10.46 3.06
C ASN A 26 6.03 10.23 1.77
N ALA A 27 5.63 10.93 0.72
CA ALA A 27 6.29 10.81 -0.58
C ALA A 27 7.70 11.38 -0.53
N THR A 28 7.84 12.55 0.09
CA THR A 28 9.14 13.21 0.21
C THR A 28 10.18 12.26 0.78
N LYS A 29 9.85 11.64 1.90
CA LYS A 29 10.77 10.69 2.55
C LYS A 29 10.86 9.39 1.76
N GLY A 30 9.79 9.08 1.02
CA GLY A 30 9.77 7.85 0.24
C GLY A 30 9.30 6.66 1.04
N PHE A 31 8.55 6.93 2.12
CA PHE A 31 8.04 5.86 2.96
C PHE A 31 6.74 6.29 3.65
N GLY A 32 5.64 5.64 3.27
CA GLY A 32 4.35 5.96 3.85
C GLY A 32 3.83 4.87 4.76
N PHE A 33 2.53 4.88 5.01
CA PHE A 33 1.91 3.88 5.88
C PHE A 33 0.45 3.65 5.49
N ILE A 34 -0.12 2.57 5.99
CA ILE A 34 -1.51 2.23 5.70
C ILE A 34 -2.34 2.16 6.97
N THR A 35 -3.47 2.86 6.97
CA THR A 35 -4.37 2.87 8.13
C THR A 35 -5.69 2.19 7.82
N PRO A 36 -5.67 0.84 7.75
CA PRO A 36 -6.86 0.04 7.46
C PRO A 36 -7.87 0.07 8.61
N GLY A 37 -9.13 0.32 8.26
CA GLY A 37 -10.17 0.36 9.28
C GLY A 37 -10.55 1.78 9.65
N GLY A 38 -10.26 2.72 8.75
CA GLY A 38 -10.59 4.11 9.01
C GLY A 38 -9.99 4.62 10.31
N GLY A 39 -8.87 4.03 10.70
CA GLY A 39 -8.21 4.43 11.94
C GLY A 39 -7.89 3.26 12.84
N GLY A 40 -6.90 2.46 12.43
CA GLY A 40 -6.52 1.30 13.22
C GLY A 40 -5.01 1.11 13.26
N GLU A 41 -4.59 -0.14 13.34
CA GLU A 41 -3.15 -0.46 13.40
C GLU A 41 -2.44 0.06 12.16
N ASP A 42 -1.40 0.87 12.38
CA ASP A 42 -0.63 1.45 11.29
C ASP A 42 0.33 0.41 10.70
N LEU A 43 0.37 0.34 9.37
CA LEU A 43 1.23 -0.61 8.68
C LEU A 43 2.25 0.12 7.80
N PHE A 44 3.43 -0.48 7.64
CA PHE A 44 4.49 0.11 6.83
C PHE A 44 4.35 -0.31 5.37
N VAL A 45 4.56 0.64 4.46
CA VAL A 45 4.47 0.37 3.03
C VAL A 45 5.58 1.05 2.27
N HIS A 46 6.23 0.30 1.38
CA HIS A 46 7.33 0.84 0.58
C HIS A 46 7.04 0.67 -0.91
N GLN A 47 7.15 1.77 -1.66
CA GLN A 47 6.90 1.75 -3.09
C GLN A 47 7.80 0.74 -3.78
N THR A 48 7.25 -0.43 -4.10
CA THR A 48 8.02 -1.48 -4.77
C THR A 48 7.55 -1.67 -6.20
N ASN A 49 6.24 -1.79 -6.38
CA ASN A 49 5.66 -1.97 -7.71
C ASN A 49 4.51 -1.01 -7.95
N ILE A 50 4.54 0.13 -7.25
CA ILE A 50 3.50 1.13 -7.38
C ILE A 50 3.91 2.23 -8.37
N ASN A 51 3.79 1.92 -9.66
CA ASN A 51 4.15 2.89 -10.70
C ASN A 51 3.31 2.66 -11.95
N SER A 52 3.10 3.73 -12.71
CA SER A 52 2.31 3.65 -13.94
C SER A 52 3.04 4.32 -15.10
N GLU A 53 2.49 4.17 -16.30
CA GLU A 53 3.10 4.77 -17.49
C GLU A 53 2.90 6.28 -17.50
N GLY A 54 1.77 6.73 -16.99
CA GLY A 54 1.49 8.16 -16.96
C GLY A 54 1.53 8.72 -15.55
N PHE A 55 1.72 10.04 -15.44
CA PHE A 55 1.79 10.70 -14.15
C PHE A 55 0.40 10.80 -13.52
N ARG A 56 0.37 10.93 -12.20
CA ARG A 56 -0.89 11.02 -11.47
C ARG A 56 -0.80 12.06 -10.36
N SER A 57 -1.91 12.73 -10.07
CA SER A 57 -1.95 13.74 -9.02
C SER A 57 -3.17 13.56 -8.13
N LEU A 58 -2.94 13.15 -6.89
CA LEU A 58 -4.01 12.94 -5.94
C LEU A 58 -3.75 13.68 -4.63
N ARG A 59 -4.81 14.16 -4.00
CA ARG A 59 -4.70 14.89 -2.75
C ARG A 59 -4.79 13.94 -1.55
N GLU A 60 -4.55 14.48 -0.36
CA GLU A 60 -4.61 13.68 0.85
C GLU A 60 -6.03 13.20 1.12
N GLY A 61 -6.15 11.97 1.62
CA GLY A 61 -7.46 11.42 1.92
C GLY A 61 -7.85 10.31 0.95
N GLU A 62 -7.19 10.28 -0.21
CA GLU A 62 -7.47 9.28 -1.22
C GLU A 62 -7.22 7.87 -0.67
N VAL A 63 -8.21 6.99 -0.85
CA VAL A 63 -8.09 5.61 -0.37
C VAL A 63 -7.56 4.69 -1.47
N VAL A 64 -6.55 3.90 -1.15
CA VAL A 64 -5.97 2.97 -2.09
C VAL A 64 -6.27 1.53 -1.72
N GLU A 65 -6.11 0.63 -2.69
CA GLU A 65 -6.37 -0.79 -2.46
C GLU A 65 -5.21 -1.64 -2.96
N PHE A 66 -4.89 -2.69 -2.22
CA PHE A 66 -3.81 -3.59 -2.59
C PHE A 66 -3.93 -4.93 -1.85
N GLU A 67 -3.18 -5.92 -2.32
CA GLU A 67 -3.20 -7.25 -1.70
C GLU A 67 -1.81 -7.67 -1.27
N VAL A 68 -1.74 -8.44 -0.19
CA VAL A 68 -0.45 -8.91 0.32
C VAL A 68 0.08 -10.07 -0.51
N GLU A 69 1.30 -9.92 -1.02
CA GLU A 69 1.92 -10.96 -1.84
C GLU A 69 3.10 -11.59 -1.10
N ALA A 70 3.25 -12.90 -1.24
CA ALA A 70 4.33 -13.63 -0.60
C ALA A 70 5.34 -14.11 -1.62
N GLY A 71 6.61 -13.71 -1.44
CA GLY A 71 7.66 -14.11 -2.35
C GLY A 71 8.33 -15.40 -1.94
N PRO A 72 9.35 -15.82 -2.69
CA PRO A 72 10.10 -17.05 -2.41
C PRO A 72 10.96 -16.93 -1.16
N ASP A 73 11.18 -15.70 -0.71
CA ASP A 73 11.98 -15.45 0.48
C ASP A 73 11.22 -15.88 1.74
N GLY A 74 9.90 -15.89 1.65
CA GLY A 74 9.08 -16.26 2.78
C GLY A 74 8.34 -15.09 3.40
N ARG A 75 8.82 -13.89 3.12
CA ARG A 75 8.21 -12.67 3.65
C ARG A 75 7.15 -12.14 2.69
N SER A 76 6.11 -11.52 3.25
CA SER A 76 5.02 -10.97 2.44
C SER A 76 5.11 -9.44 2.40
N LYS A 77 4.80 -8.88 1.23
CA LYS A 77 4.83 -7.43 1.06
C LYS A 77 3.61 -6.95 0.27
N ALA A 78 3.41 -5.64 0.25
CA ALA A 78 2.29 -5.06 -0.46
C ALA A 78 2.73 -4.47 -1.81
N VAL A 79 1.93 -4.70 -2.84
CA VAL A 79 2.24 -4.20 -4.18
C VAL A 79 0.96 -3.90 -4.96
N ASN A 80 1.13 -3.31 -6.14
CA ASN A 80 -0.01 -2.98 -6.99
C ASN A 80 -1.03 -2.12 -6.22
N VAL A 81 -0.54 -1.08 -5.57
CA VAL A 81 -1.41 -0.19 -4.80
C VAL A 81 -2.02 0.90 -5.69
N THR A 82 -3.31 0.78 -5.96
CA THR A 82 -4.00 1.75 -6.79
C THR A 82 -4.09 3.11 -6.10
N GLY A 11 -2.02 -20.35 1.27
CA GLY A 11 -3.35 -20.79 1.64
C GLY A 11 -4.24 -21.02 0.43
N SER A 12 -5.53 -21.24 0.69
CA SER A 12 -6.48 -21.48 -0.38
C SER A 12 -7.84 -20.85 -0.06
N GLY A 13 -8.31 -19.97 -0.94
CA GLY A 13 -9.58 -19.32 -0.73
C GLY A 13 -9.47 -18.13 0.21
N GLU A 14 -8.25 -17.60 0.37
CA GLU A 14 -8.02 -16.47 1.25
C GLU A 14 -7.94 -15.17 0.44
N GLN A 15 -8.43 -14.08 1.04
CA GLN A 15 -8.42 -12.78 0.37
C GLN A 15 -7.56 -11.79 1.16
N LEU A 16 -6.84 -10.94 0.42
CA LEU A 16 -5.98 -9.95 1.05
C LEU A 16 -6.34 -8.54 0.56
N ARG A 17 -7.38 -7.97 1.17
CA ARG A 17 -7.83 -6.64 0.80
C ARG A 17 -7.43 -5.62 1.86
N GLN A 18 -6.52 -4.72 1.51
CA GLN A 18 -6.04 -3.69 2.42
C GLN A 18 -6.41 -2.31 1.92
N GLN A 19 -6.50 -1.36 2.85
CA GLN A 19 -6.84 0.02 2.51
C GLN A 19 -5.93 1.01 3.21
N GLY A 20 -5.38 1.95 2.44
CA GLY A 20 -4.48 2.94 3.01
C GLY A 20 -4.79 4.34 2.53
N THR A 21 -4.55 5.33 3.39
CA THR A 21 -4.81 6.73 3.04
C THR A 21 -3.52 7.46 2.70
N VAL A 22 -3.61 8.42 1.79
CA VAL A 22 -2.45 9.19 1.37
C VAL A 22 -2.08 10.23 2.42
N LYS A 23 -3.03 10.57 3.28
CA LYS A 23 -2.80 11.54 4.35
C LYS A 23 -1.56 11.18 5.16
N TRP A 24 -1.28 9.88 5.24
CA TRP A 24 -0.13 9.40 5.99
C TRP A 24 0.93 8.83 5.06
N PHE A 25 1.03 9.42 3.86
CA PHE A 25 2.02 8.96 2.88
C PHE A 25 3.12 10.01 2.70
N ASN A 26 4.34 9.53 2.48
CA ASN A 26 5.48 10.41 2.29
C ASN A 26 6.31 9.98 1.09
N ALA A 27 5.92 10.44 -0.10
CA ALA A 27 6.62 10.10 -1.32
C ALA A 27 8.02 10.70 -1.34
N THR A 28 8.11 11.99 -1.00
CA THR A 28 9.39 12.69 -0.98
C THR A 28 10.41 11.92 -0.14
N LYS A 29 9.96 11.37 0.98
CA LYS A 29 10.82 10.61 1.88
C LYS A 29 10.96 9.17 1.40
N GLY A 30 9.93 8.68 0.70
CA GLY A 30 9.96 7.31 0.21
C GLY A 30 9.45 6.32 1.23
N PHE A 31 8.63 6.80 2.15
CA PHE A 31 8.07 5.95 3.20
C PHE A 31 6.68 6.41 3.60
N GLY A 32 5.67 5.58 3.33
CA GLY A 32 4.30 5.92 3.66
C GLY A 32 3.75 5.05 4.76
N PHE A 33 2.42 4.99 4.84
CA PHE A 33 1.75 4.19 5.86
C PHE A 33 0.36 3.76 5.40
N ILE A 34 -0.09 2.61 5.89
CA ILE A 34 -1.41 2.09 5.52
C ILE A 34 -2.30 1.96 6.76
N THR A 35 -3.49 2.55 6.68
CA THR A 35 -4.44 2.50 7.78
C THR A 35 -5.70 1.74 7.38
N PRO A 36 -5.60 0.40 7.31
CA PRO A 36 -6.71 -0.46 6.94
C PRO A 36 -7.79 -0.51 8.03
N GLY A 37 -9.05 -0.57 7.60
CA GLY A 37 -10.14 -0.63 8.55
C GLY A 37 -10.84 0.71 8.71
N GLY A 38 -10.12 1.79 8.42
CA GLY A 38 -10.68 3.12 8.54
C GLY A 38 -10.51 3.69 9.93
N GLY A 39 -9.50 3.21 10.65
CA GLY A 39 -9.25 3.69 12.00
C GLY A 39 -8.73 2.60 12.92
N GLY A 40 -7.49 2.17 12.68
CA GLY A 40 -6.90 1.12 13.50
C GLY A 40 -5.39 1.22 13.54
N GLU A 41 -4.73 0.06 13.51
CA GLU A 41 -3.27 0.02 13.55
C GLU A 41 -2.68 0.28 12.17
N ASP A 42 -1.67 1.12 12.11
CA ASP A 42 -1.01 1.46 10.85
C ASP A 42 0.25 0.63 10.66
N LEU A 43 0.56 0.30 9.42
CA LEU A 43 1.74 -0.49 9.10
C LEU A 43 2.71 0.31 8.23
N PHE A 44 3.94 -0.17 8.14
CA PHE A 44 4.97 0.49 7.33
C PHE A 44 4.93 -0.01 5.89
N VAL A 45 5.03 0.93 4.95
CA VAL A 45 5.02 0.58 3.54
C VAL A 45 5.97 1.47 2.75
N HIS A 46 6.70 0.87 1.81
CA HIS A 46 7.66 1.59 0.99
C HIS A 46 7.38 1.35 -0.50
N GLN A 47 7.28 2.44 -1.26
CA GLN A 47 7.02 2.35 -2.69
C GLN A 47 8.03 1.41 -3.36
N THR A 48 7.57 0.20 -3.68
CA THR A 48 8.43 -0.79 -4.33
C THR A 48 8.05 -0.96 -5.79
N ASN A 49 6.76 -1.11 -6.05
CA ASN A 49 6.27 -1.28 -7.43
C ASN A 49 5.10 -0.34 -7.70
N ILE A 50 5.07 0.78 -7.00
CA ILE A 50 4.00 1.77 -7.18
C ILE A 50 4.46 2.93 -8.06
N ASN A 51 4.38 2.73 -9.36
CA ASN A 51 4.79 3.76 -10.31
C ASN A 51 4.01 3.64 -11.62
N SER A 52 3.87 4.76 -12.32
CA SER A 52 3.15 4.78 -13.59
C SER A 52 4.00 5.36 -14.71
N GLU A 53 3.50 5.30 -15.93
CA GLU A 53 4.22 5.82 -17.08
C GLU A 53 3.94 7.31 -17.27
N GLY A 54 2.78 7.74 -16.80
CA GLY A 54 2.41 9.14 -16.94
C GLY A 54 2.55 9.90 -15.62
N PHE A 55 1.47 10.56 -15.20
CA PHE A 55 1.47 11.32 -13.98
C PHE A 55 0.41 10.80 -13.01
N ARG A 56 0.53 11.19 -11.74
CA ARG A 56 -0.41 10.76 -10.71
C ARG A 56 -0.94 11.96 -9.92
N SER A 57 -2.25 12.15 -9.95
CA SER A 57 -2.88 13.25 -9.23
C SER A 57 -3.69 12.75 -8.05
N LEU A 58 -3.00 12.56 -6.92
CA LEU A 58 -3.65 12.07 -5.71
C LEU A 58 -3.52 13.10 -4.58
N ARG A 59 -4.57 13.23 -3.77
CA ARG A 59 -4.57 14.15 -2.66
C ARG A 59 -4.66 13.41 -1.33
N GLU A 60 -4.27 14.09 -0.25
CA GLU A 60 -4.31 13.49 1.08
C GLU A 60 -5.72 13.07 1.45
N GLY A 61 -5.87 11.83 1.88
CA GLY A 61 -7.18 11.32 2.25
C GLY A 61 -7.68 10.25 1.31
N GLU A 62 -7.12 10.23 0.10
CA GLU A 62 -7.53 9.24 -0.90
C GLU A 62 -7.18 7.83 -0.45
N VAL A 63 -8.16 6.93 -0.53
CA VAL A 63 -7.96 5.55 -0.13
C VAL A 63 -7.44 4.70 -1.29
N VAL A 64 -6.45 3.87 -1.01
CA VAL A 64 -5.86 3.00 -2.04
C VAL A 64 -6.20 1.54 -1.78
N GLU A 65 -5.74 0.67 -2.67
CA GLU A 65 -6.00 -0.75 -2.54
C GLU A 65 -4.82 -1.57 -3.08
N PHE A 66 -4.49 -2.65 -2.37
CA PHE A 66 -3.39 -3.51 -2.76
C PHE A 66 -3.51 -4.88 -2.11
N GLU A 67 -2.79 -5.86 -2.66
CA GLU A 67 -2.81 -7.22 -2.12
C GLU A 67 -1.42 -7.66 -1.68
N VAL A 68 -1.38 -8.52 -0.67
CA VAL A 68 -0.10 -9.01 -0.14
C VAL A 68 0.50 -10.07 -1.05
N GLU A 69 1.73 -9.84 -1.49
CA GLU A 69 2.42 -10.77 -2.38
C GLU A 69 3.56 -11.48 -1.64
N ALA A 70 3.75 -12.75 -1.95
CA ALA A 70 4.80 -13.54 -1.33
C ALA A 70 5.89 -13.92 -2.34
N GLY A 71 7.11 -13.49 -2.08
CA GLY A 71 8.21 -13.79 -2.98
C GLY A 71 8.77 -15.18 -2.76
N PRO A 72 9.81 -15.54 -3.54
CA PRO A 72 10.44 -16.85 -3.44
C PRO A 72 11.24 -17.02 -2.15
N ASP A 73 11.54 -15.89 -1.50
CA ASP A 73 12.30 -15.92 -0.25
C ASP A 73 11.41 -16.38 0.90
N GLY A 74 10.11 -16.18 0.76
CA GLY A 74 9.18 -16.58 1.80
C GLY A 74 8.53 -15.40 2.49
N ARG A 75 9.16 -14.23 2.37
CA ARG A 75 8.63 -13.02 2.98
C ARG A 75 7.46 -12.47 2.18
N SER A 76 6.64 -11.64 2.83
CA SER A 76 5.48 -11.04 2.17
C SER A 76 5.57 -9.52 2.18
N LYS A 77 5.11 -8.91 1.09
CA LYS A 77 5.15 -7.46 0.97
C LYS A 77 3.93 -6.95 0.20
N ALA A 78 3.70 -5.64 0.24
CA ALA A 78 2.58 -5.03 -0.46
C ALA A 78 3.05 -4.30 -1.71
N VAL A 79 2.36 -4.51 -2.82
CA VAL A 79 2.70 -3.87 -4.08
C VAL A 79 1.46 -3.61 -4.93
N ASN A 80 1.65 -2.93 -6.05
CA ASN A 80 0.54 -2.61 -6.94
C ASN A 80 -0.55 -1.84 -6.22
N VAL A 81 -0.15 -0.79 -5.51
CA VAL A 81 -1.08 0.05 -4.77
C VAL A 81 -1.68 1.13 -5.66
N THR A 82 -2.99 1.08 -5.86
CA THR A 82 -3.67 2.07 -6.68
C THR A 82 -4.90 2.64 -5.96
N GLY A 11 -0.87 -21.18 -7.54
CA GLY A 11 -2.10 -20.70 -6.96
C GLY A 11 -1.97 -20.37 -5.49
N SER A 12 -1.35 -19.23 -5.19
CA SER A 12 -1.15 -18.80 -3.81
C SER A 12 -2.48 -18.69 -3.08
N GLY A 13 -3.43 -18.00 -3.69
CA GLY A 13 -4.74 -17.84 -3.09
C GLY A 13 -4.66 -17.20 -1.71
N GLU A 14 -3.91 -16.11 -1.61
CA GLU A 14 -3.76 -15.40 -0.34
C GLU A 14 -4.71 -14.22 -0.25
N GLN A 15 -6.00 -14.53 -0.06
CA GLN A 15 -7.02 -13.48 0.04
C GLN A 15 -6.71 -12.53 1.20
N LEU A 16 -6.47 -11.27 0.86
CA LEU A 16 -6.15 -10.26 1.87
C LEU A 16 -6.43 -8.86 1.34
N ARG A 17 -7.52 -8.27 1.80
CA ARG A 17 -7.91 -6.92 1.37
C ARG A 17 -7.33 -5.87 2.31
N GLN A 18 -6.58 -4.93 1.75
CA GLN A 18 -5.97 -3.86 2.54
C GLN A 18 -6.23 -2.50 1.91
N GLN A 19 -6.16 -1.45 2.72
CA GLN A 19 -6.38 -0.09 2.25
C GLN A 19 -5.69 0.93 3.14
N GLY A 20 -5.38 2.09 2.58
CA GLY A 20 -4.72 3.14 3.34
C GLY A 20 -4.87 4.50 2.72
N THR A 21 -4.69 5.55 3.53
CA THR A 21 -4.82 6.91 3.04
C THR A 21 -3.48 7.46 2.57
N VAL A 22 -3.51 8.32 1.57
CA VAL A 22 -2.30 8.92 1.03
C VAL A 22 -1.82 10.10 1.88
N LYS A 23 -2.76 10.66 2.65
CA LYS A 23 -2.44 11.79 3.52
C LYS A 23 -1.29 11.45 4.47
N TRP A 24 -1.13 10.16 4.76
CA TRP A 24 -0.08 9.71 5.65
C TRP A 24 1.11 9.18 4.86
N PHE A 25 1.26 9.67 3.63
CA PHE A 25 2.37 9.25 2.77
C PHE A 25 3.49 10.27 2.79
N ASN A 26 4.73 9.78 2.92
CA ASN A 26 5.90 10.66 2.95
C ASN A 26 6.92 10.25 1.89
N ALA A 27 6.97 11.01 0.82
CA ALA A 27 7.90 10.73 -0.27
C ALA A 27 9.33 11.07 0.13
N THR A 28 9.52 12.26 0.69
CA THR A 28 10.84 12.71 1.11
C THR A 28 11.47 11.71 2.09
N LYS A 29 10.63 11.10 2.92
CA LYS A 29 11.10 10.13 3.90
C LYS A 29 11.51 8.82 3.22
N GLY A 30 10.90 8.56 2.06
CA GLY A 30 11.21 7.34 1.33
C GLY A 30 10.37 6.16 1.79
N PHE A 31 9.23 6.44 2.40
CA PHE A 31 8.35 5.40 2.89
C PHE A 31 7.06 6.00 3.46
N GLY A 32 5.92 5.52 2.96
CA GLY A 32 4.65 6.02 3.42
C GLY A 32 4.06 5.17 4.53
N PHE A 33 2.74 5.08 4.58
CA PHE A 33 2.05 4.29 5.60
C PHE A 33 0.68 3.84 5.11
N ILE A 34 0.10 2.87 5.81
CA ILE A 34 -1.21 2.34 5.45
C ILE A 34 -2.13 2.30 6.66
N THR A 35 -3.33 2.85 6.51
CA THR A 35 -4.30 2.87 7.59
C THR A 35 -5.52 2.03 7.24
N PRO A 36 -5.35 0.70 7.31
CA PRO A 36 -6.43 -0.25 7.01
C PRO A 36 -7.53 -0.24 8.07
N GLY A 37 -8.70 0.24 7.69
CA GLY A 37 -9.82 0.29 8.61
C GLY A 37 -10.09 1.70 9.11
N GLY A 38 -9.04 2.51 9.19
CA GLY A 38 -9.20 3.88 9.64
C GLY A 38 -9.45 3.96 11.14
N GLY A 39 -9.05 2.92 11.87
CA GLY A 39 -9.24 2.90 13.31
C GLY A 39 -8.10 3.55 14.05
N GLY A 40 -6.88 3.38 13.54
CA GLY A 40 -5.71 3.96 14.19
C GLY A 40 -4.44 3.21 13.86
N GLU A 41 -4.50 1.89 13.88
CA GLU A 41 -3.33 1.06 13.59
C GLU A 41 -2.71 1.47 12.25
N ASP A 42 -1.41 1.75 12.29
CA ASP A 42 -0.69 2.15 11.08
C ASP A 42 0.23 1.03 10.59
N LEU A 43 0.37 0.91 9.29
CA LEU A 43 1.21 -0.12 8.69
C LEU A 43 2.30 0.49 7.83
N PHE A 44 3.45 -0.16 7.77
CA PHE A 44 4.58 0.33 6.98
C PHE A 44 4.49 -0.19 5.54
N VAL A 45 4.66 0.71 4.57
CA VAL A 45 4.60 0.35 3.17
C VAL A 45 5.79 0.93 2.40
N HIS A 46 6.26 0.18 1.41
CA HIS A 46 7.39 0.62 0.60
C HIS A 46 7.07 0.51 -0.89
N GLN A 47 7.17 1.63 -1.59
CA GLN A 47 6.89 1.66 -3.02
C GLN A 47 7.81 0.73 -3.78
N THR A 48 7.29 -0.44 -4.15
CA THR A 48 8.08 -1.43 -4.88
C THR A 48 7.57 -1.58 -6.31
N ASN A 49 6.28 -1.76 -6.46
CA ASN A 49 5.66 -1.91 -7.78
C ASN A 49 4.50 -0.95 -7.96
N ILE A 50 4.55 0.17 -7.24
CA ILE A 50 3.48 1.17 -7.32
C ILE A 50 3.91 2.34 -8.19
N ASN A 51 3.84 2.14 -9.51
CA ASN A 51 4.22 3.19 -10.46
C ASN A 51 3.46 3.02 -11.77
N SER A 52 3.32 4.11 -12.52
CA SER A 52 2.62 4.09 -13.79
C SER A 52 3.53 4.56 -14.92
N GLU A 53 3.08 4.37 -16.16
CA GLU A 53 3.85 4.78 -17.32
C GLU A 53 3.86 6.29 -17.48
N GLY A 54 2.72 6.92 -17.20
CA GLY A 54 2.62 8.36 -17.29
C GLY A 54 2.43 9.03 -15.95
N PHE A 55 1.29 9.67 -15.77
CA PHE A 55 0.98 10.37 -14.52
C PHE A 55 -0.44 10.05 -14.05
N ARG A 56 -0.64 10.11 -12.74
CA ARG A 56 -1.96 9.82 -12.16
C ARG A 56 -2.45 11.01 -11.34
N SER A 57 -3.75 11.29 -11.44
CA SER A 57 -4.35 12.40 -10.70
C SER A 57 -4.89 11.92 -9.35
N LEU A 58 -4.00 11.84 -8.36
CA LEU A 58 -4.38 11.41 -7.03
C LEU A 58 -4.04 12.48 -5.99
N ARG A 59 -4.98 12.75 -5.10
CA ARG A 59 -4.79 13.75 -4.05
C ARG A 59 -4.68 13.10 -2.68
N GLU A 60 -4.11 13.81 -1.73
CA GLU A 60 -3.95 13.30 -0.37
C GLU A 60 -5.31 13.03 0.27
N GLY A 61 -5.36 12.03 1.14
CA GLY A 61 -6.59 11.68 1.82
C GLY A 61 -7.35 10.57 1.11
N GLU A 62 -7.01 10.34 -0.15
CA GLU A 62 -7.66 9.30 -0.94
C GLU A 62 -7.23 7.91 -0.47
N VAL A 63 -8.19 7.02 -0.26
CA VAL A 63 -7.91 5.67 0.19
C VAL A 63 -7.51 4.78 -0.98
N VAL A 64 -6.54 3.90 -0.74
CA VAL A 64 -6.05 2.99 -1.77
C VAL A 64 -6.43 1.55 -1.46
N GLU A 65 -6.12 0.64 -2.37
CA GLU A 65 -6.42 -0.77 -2.19
C GLU A 65 -5.28 -1.64 -2.72
N PHE A 66 -5.00 -2.73 -2.01
CA PHE A 66 -3.94 -3.65 -2.41
C PHE A 66 -4.06 -4.97 -1.68
N GLU A 67 -3.34 -5.98 -2.16
CA GLU A 67 -3.38 -7.30 -1.54
C GLU A 67 -1.97 -7.75 -1.16
N VAL A 68 -1.89 -8.59 -0.13
CA VAL A 68 -0.59 -9.10 0.34
C VAL A 68 -0.09 -10.23 -0.55
N GLU A 69 1.12 -10.08 -1.05
CA GLU A 69 1.73 -11.08 -1.92
C GLU A 69 2.99 -11.66 -1.29
N ALA A 70 3.12 -12.98 -1.35
CA ALA A 70 4.29 -13.66 -0.79
C ALA A 70 5.26 -14.08 -1.89
N GLY A 71 6.47 -13.56 -1.82
CA GLY A 71 7.48 -13.88 -2.82
C GLY A 71 8.03 -15.28 -2.63
N PRO A 72 9.01 -15.65 -3.47
CA PRO A 72 9.65 -16.96 -3.42
C PRO A 72 10.51 -17.15 -2.17
N ASP A 73 10.87 -16.04 -1.53
CA ASP A 73 11.68 -16.08 -0.33
C ASP A 73 10.87 -16.56 0.87
N GLY A 74 9.55 -16.37 0.80
CA GLY A 74 8.69 -16.79 1.88
C GLY A 74 8.08 -15.62 2.62
N ARG A 75 8.68 -14.45 2.48
CA ARG A 75 8.19 -13.26 3.15
C ARG A 75 6.95 -12.72 2.44
N SER A 76 6.28 -11.76 3.09
CA SER A 76 5.08 -11.17 2.53
C SER A 76 5.23 -9.66 2.38
N LYS A 77 4.68 -9.12 1.31
CA LYS A 77 4.76 -7.68 1.05
C LYS A 77 3.55 -7.21 0.25
N ALA A 78 3.31 -5.90 0.28
CA ALA A 78 2.18 -5.31 -0.45
C ALA A 78 2.64 -4.68 -1.74
N VAL A 79 1.85 -4.86 -2.80
CA VAL A 79 2.17 -4.29 -4.11
C VAL A 79 0.91 -4.02 -4.91
N ASN A 80 1.08 -3.32 -6.04
CA ASN A 80 -0.05 -2.99 -6.90
C ASN A 80 -1.09 -2.17 -6.15
N VAL A 81 -0.62 -1.13 -5.45
CA VAL A 81 -1.52 -0.26 -4.69
C VAL A 81 -2.11 0.83 -5.56
N THR A 82 -3.44 0.83 -5.68
CA THR A 82 -4.12 1.83 -6.50
C THR A 82 -4.43 3.08 -5.69
N GLY A 11 -9.08 -25.10 3.68
CA GLY A 11 -10.07 -24.51 2.80
C GLY A 11 -9.44 -23.74 1.64
N SER A 12 -10.09 -22.67 1.23
CA SER A 12 -9.59 -21.86 0.12
C SER A 12 -10.24 -20.47 0.14
N GLY A 13 -9.80 -19.61 -0.78
CA GLY A 13 -10.33 -18.27 -0.85
C GLY A 13 -9.51 -17.26 -0.08
N GLU A 14 -8.22 -17.55 0.06
CA GLU A 14 -7.31 -16.66 0.78
C GLU A 14 -7.16 -15.32 0.05
N GLN A 15 -7.97 -14.35 0.45
CA GLN A 15 -7.93 -13.03 -0.16
C GLN A 15 -7.19 -12.03 0.74
N LEU A 16 -6.31 -11.24 0.14
CA LEU A 16 -5.54 -10.26 0.88
C LEU A 16 -5.92 -8.85 0.47
N ARG A 17 -7.10 -8.40 0.88
CA ARG A 17 -7.57 -7.06 0.54
C ARG A 17 -7.16 -6.05 1.60
N GLN A 18 -6.36 -5.08 1.20
CA GLN A 18 -5.89 -4.05 2.12
C GLN A 18 -6.26 -2.65 1.62
N GLN A 19 -6.34 -1.70 2.53
CA GLN A 19 -6.68 -0.33 2.18
C GLN A 19 -5.85 0.67 2.98
N GLY A 20 -5.39 1.72 2.31
CA GLY A 20 -4.58 2.73 2.98
C GLY A 20 -4.93 4.14 2.52
N THR A 21 -4.77 5.10 3.43
CA THR A 21 -5.07 6.49 3.12
C THR A 21 -3.80 7.26 2.76
N VAL A 22 -3.95 8.31 1.96
CA VAL A 22 -2.81 9.12 1.54
C VAL A 22 -2.46 10.16 2.61
N LYS A 23 -3.41 10.44 3.48
CA LYS A 23 -3.21 11.41 4.55
C LYS A 23 -1.95 11.08 5.35
N TRP A 24 -1.62 9.79 5.42
CA TRP A 24 -0.44 9.35 6.14
C TRP A 24 0.64 8.85 5.18
N PHE A 25 0.70 9.46 4.00
CA PHE A 25 1.68 9.07 3.00
C PHE A 25 2.71 10.19 2.78
N ASN A 26 3.96 9.80 2.54
CA ASN A 26 5.02 10.77 2.31
C ASN A 26 5.77 10.46 1.02
N ALA A 27 5.12 10.73 -0.11
CA ALA A 27 5.73 10.49 -1.41
C ALA A 27 7.10 11.13 -1.51
N THR A 28 7.18 12.42 -1.19
CA THR A 28 8.44 13.15 -1.23
C THR A 28 9.53 12.42 -0.46
N LYS A 29 9.20 11.99 0.75
CA LYS A 29 10.15 11.28 1.60
C LYS A 29 10.44 9.90 1.04
N GLY A 30 9.48 9.34 0.30
CA GLY A 30 9.65 8.02 -0.28
C GLY A 30 9.28 6.91 0.69
N PHE A 31 8.50 7.25 1.71
CA PHE A 31 8.08 6.27 2.70
C PHE A 31 6.74 6.67 3.31
N GLY A 32 5.71 5.87 3.03
CA GLY A 32 4.39 6.16 3.56
C GLY A 32 3.93 5.13 4.57
N PHE A 33 2.63 5.06 4.81
CA PHE A 33 2.08 4.12 5.77
C PHE A 33 0.64 3.75 5.40
N ILE A 34 0.25 2.51 5.69
CA ILE A 34 -1.09 2.03 5.39
C ILE A 34 -1.88 1.78 6.66
N THR A 35 -3.10 2.29 6.71
CA THR A 35 -3.97 2.11 7.87
C THR A 35 -5.18 1.24 7.53
N PRO A 36 -4.94 -0.07 7.40
CA PRO A 36 -6.01 -1.03 7.08
C PRO A 36 -6.99 -1.22 8.23
N GLY A 37 -8.28 -1.24 7.90
CA GLY A 37 -9.30 -1.41 8.92
C GLY A 37 -9.87 -0.09 9.39
N GLY A 38 -9.00 0.90 9.57
CA GLY A 38 -9.44 2.21 10.02
C GLY A 38 -9.55 2.29 11.53
N GLY A 39 -8.76 1.47 12.23
CA GLY A 39 -8.78 1.47 13.68
C GLY A 39 -7.66 2.30 14.27
N GLY A 40 -6.51 1.66 14.50
CA GLY A 40 -5.38 2.37 15.07
C GLY A 40 -4.07 1.62 14.87
N GLU A 41 -3.93 0.97 13.72
CA GLU A 41 -2.73 0.20 13.41
C GLU A 41 -2.15 0.63 12.06
N ASP A 42 -0.92 1.13 12.08
CA ASP A 42 -0.24 1.57 10.87
C ASP A 42 0.75 0.52 10.39
N LEU A 43 0.92 0.42 9.07
CA LEU A 43 1.84 -0.54 8.49
C LEU A 43 2.90 0.17 7.64
N PHE A 44 4.03 -0.51 7.43
CA PHE A 44 5.12 0.05 6.64
C PHE A 44 4.95 -0.30 5.17
N VAL A 45 5.22 0.69 4.31
CA VAL A 45 5.10 0.49 2.87
C VAL A 45 6.18 1.27 2.12
N HIS A 46 6.79 0.62 1.12
CA HIS A 46 7.84 1.24 0.33
C HIS A 46 7.54 1.12 -1.16
N GLN A 47 7.76 2.20 -1.90
CA GLN A 47 7.51 2.21 -3.33
C GLN A 47 8.37 1.18 -4.05
N THR A 48 7.78 0.04 -4.38
CA THR A 48 8.48 -1.02 -5.07
C THR A 48 8.00 -1.17 -6.51
N ASN A 49 6.69 -1.26 -6.68
CA ASN A 49 6.10 -1.40 -8.00
C ASN A 49 4.96 -0.40 -8.21
N ILE A 50 5.04 0.72 -7.50
CA ILE A 50 4.01 1.75 -7.60
C ILE A 50 4.44 2.86 -8.56
N ASN A 51 4.29 2.60 -9.86
CA ASN A 51 4.66 3.58 -10.87
C ASN A 51 3.76 3.46 -12.10
N SER A 52 3.30 4.60 -12.60
CA SER A 52 2.42 4.61 -13.77
C SER A 52 3.11 5.29 -14.95
N GLU A 53 2.46 5.26 -16.11
CA GLU A 53 3.01 5.88 -17.31
C GLU A 53 2.92 7.40 -17.23
N GLY A 54 1.96 7.90 -16.46
CA GLY A 54 1.80 9.34 -16.32
C GLY A 54 1.56 9.74 -14.87
N PHE A 55 1.90 10.98 -14.55
CA PHE A 55 1.73 11.50 -13.20
C PHE A 55 0.26 11.46 -12.80
N ARG A 56 0.00 11.14 -11.54
CA ARG A 56 -1.36 11.07 -11.02
C ARG A 56 -1.56 12.08 -9.90
N SER A 57 -2.78 12.61 -9.80
CA SER A 57 -3.11 13.59 -8.77
C SER A 57 -3.89 12.95 -7.63
N LEU A 58 -3.20 12.66 -6.54
CA LEU A 58 -3.82 12.03 -5.38
C LEU A 58 -3.76 12.95 -4.16
N ARG A 59 -4.93 13.24 -3.58
CA ARG A 59 -5.00 14.11 -2.41
C ARG A 59 -5.04 13.29 -1.13
N GLU A 60 -4.83 13.96 0.00
CA GLU A 60 -4.84 13.30 1.30
C GLU A 60 -6.25 12.80 1.65
N GLY A 61 -6.35 11.54 2.06
CA GLY A 61 -7.64 10.98 2.41
C GLY A 61 -8.09 9.91 1.43
N GLU A 62 -7.52 9.93 0.23
CA GLU A 62 -7.87 8.96 -0.80
C GLU A 62 -7.42 7.56 -0.40
N VAL A 63 -8.34 6.59 -0.50
CA VAL A 63 -8.04 5.21 -0.16
C VAL A 63 -7.44 4.47 -1.34
N VAL A 64 -6.37 3.72 -1.08
CA VAL A 64 -5.70 2.95 -2.12
C VAL A 64 -5.90 1.46 -1.93
N GLU A 65 -5.79 0.70 -3.01
CA GLU A 65 -5.95 -0.75 -2.94
C GLU A 65 -4.67 -1.46 -3.40
N PHE A 66 -4.37 -2.59 -2.77
CA PHE A 66 -3.19 -3.37 -3.11
C PHE A 66 -3.26 -4.77 -2.50
N GLU A 67 -2.42 -5.67 -3.01
CA GLU A 67 -2.39 -7.04 -2.52
C GLU A 67 -1.02 -7.37 -1.93
N VAL A 68 -1.04 -8.09 -0.81
CA VAL A 68 0.20 -8.49 -0.15
C VAL A 68 0.88 -9.65 -0.86
N GLU A 69 2.13 -9.44 -1.27
CA GLU A 69 2.89 -10.47 -1.97
C GLU A 69 3.94 -11.09 -1.05
N ALA A 70 3.90 -12.41 -0.93
CA ALA A 70 4.85 -13.14 -0.09
C ALA A 70 5.82 -13.95 -0.94
N GLY A 71 7.10 -13.63 -0.84
CA GLY A 71 8.11 -14.35 -1.60
C GLY A 71 8.49 -15.67 -0.96
N PRO A 72 9.43 -16.39 -1.60
CA PRO A 72 9.89 -17.68 -1.09
C PRO A 72 10.72 -17.55 0.18
N ASP A 73 11.18 -16.34 0.46
CA ASP A 73 11.97 -16.08 1.66
C ASP A 73 11.10 -16.09 2.90
N GLY A 74 9.82 -15.81 2.72
CA GLY A 74 8.89 -15.78 3.84
C GLY A 74 8.40 -14.38 4.15
N ARG A 75 9.13 -13.38 3.69
CA ARG A 75 8.76 -11.99 3.92
C ARG A 75 7.69 -11.53 2.94
N SER A 76 6.83 -10.63 3.39
CA SER A 76 5.76 -10.11 2.54
C SER A 76 5.88 -8.59 2.37
N LYS A 77 5.48 -8.11 1.21
CA LYS A 77 5.55 -6.68 0.92
C LYS A 77 4.35 -6.24 0.08
N ALA A 78 3.91 -5.00 0.29
CA ALA A 78 2.77 -4.46 -0.44
C ALA A 78 3.23 -3.79 -1.73
N VAL A 79 2.54 -4.09 -2.83
CA VAL A 79 2.87 -3.51 -4.13
C VAL A 79 1.63 -3.35 -4.99
N ASN A 80 1.78 -2.66 -6.12
CA ASN A 80 0.66 -2.43 -7.04
C ASN A 80 -0.42 -1.58 -6.37
N VAL A 81 0.02 -0.57 -5.62
CA VAL A 81 -0.92 0.31 -4.93
C VAL A 81 -1.50 1.35 -5.89
N THR A 82 -2.81 1.24 -6.15
CA THR A 82 -3.49 2.16 -7.04
C THR A 82 -4.95 2.31 -6.67
N GLY A 11 -3.66 -25.50 -1.31
CA GLY A 11 -5.02 -25.25 -1.78
C GLY A 11 -5.21 -23.81 -2.20
N SER A 12 -6.24 -23.17 -1.64
CA SER A 12 -6.55 -21.78 -1.96
C SER A 12 -7.28 -21.11 -0.81
N GLY A 13 -7.54 -19.81 -0.96
CA GLY A 13 -8.23 -19.07 0.08
C GLY A 13 -7.28 -18.26 0.94
N GLU A 14 -6.28 -17.66 0.31
CA GLU A 14 -5.31 -16.85 1.02
C GLU A 14 -5.28 -15.42 0.49
N GLN A 15 -6.40 -14.72 0.63
CA GLN A 15 -6.51 -13.34 0.16
C GLN A 15 -6.24 -12.36 1.30
N LEU A 16 -5.65 -11.22 0.97
CA LEU A 16 -5.35 -10.19 1.96
C LEU A 16 -5.81 -8.82 1.48
N ARG A 17 -7.03 -8.46 1.86
CA ARG A 17 -7.59 -7.16 1.47
C ARG A 17 -7.07 -6.06 2.38
N GLN A 18 -6.32 -5.13 1.81
CA GLN A 18 -5.77 -4.01 2.57
C GLN A 18 -6.09 -2.68 1.91
N GLN A 19 -6.23 -1.63 2.71
CA GLN A 19 -6.54 -0.31 2.19
C GLN A 19 -5.88 0.78 3.05
N GLY A 20 -5.39 1.81 2.38
CA GLY A 20 -4.75 2.91 3.09
C GLY A 20 -5.10 4.27 2.52
N THR A 21 -4.87 5.31 3.31
CA THR A 21 -5.18 6.67 2.88
C THR A 21 -3.90 7.43 2.50
N VAL A 22 -4.07 8.55 1.79
CA VAL A 22 -2.94 9.36 1.37
C VAL A 22 -2.55 10.36 2.46
N LYS A 23 -3.50 10.64 3.36
CA LYS A 23 -3.26 11.58 4.45
C LYS A 23 -1.98 11.22 5.20
N TRP A 24 -1.66 9.93 5.23
CA TRP A 24 -0.47 9.46 5.92
C TRP A 24 0.58 8.97 4.93
N PHE A 25 0.62 9.58 3.75
CA PHE A 25 1.57 9.21 2.72
C PHE A 25 2.60 10.31 2.49
N ASN A 26 3.83 9.91 2.21
CA ASN A 26 4.90 10.87 1.96
C ASN A 26 5.86 10.36 0.89
N ALA A 27 5.84 11.02 -0.26
CA ALA A 27 6.71 10.63 -1.38
C ALA A 27 8.16 11.01 -1.10
N THR A 28 8.36 12.20 -0.54
CA THR A 28 9.70 12.69 -0.23
C THR A 28 10.47 11.66 0.58
N LYS A 29 9.86 11.16 1.64
CA LYS A 29 10.50 10.18 2.51
C LYS A 29 10.60 8.82 1.80
N GLY A 30 9.70 8.59 0.85
CA GLY A 30 9.71 7.34 0.11
C GLY A 30 9.06 6.20 0.89
N PHE A 31 8.25 6.56 1.89
CA PHE A 31 7.57 5.55 2.71
C PHE A 31 6.29 6.11 3.29
N GLY A 32 5.15 5.57 2.84
CA GLY A 32 3.86 6.02 3.31
C GLY A 32 3.36 5.20 4.48
N PHE A 33 2.04 5.08 4.59
CA PHE A 33 1.43 4.31 5.67
C PHE A 33 0.05 3.81 5.28
N ILE A 34 -0.29 2.61 5.71
CA ILE A 34 -1.58 2.01 5.39
C ILE A 34 -2.44 1.87 6.65
N THR A 35 -3.66 2.39 6.58
CA THR A 35 -4.58 2.32 7.71
C THR A 35 -5.78 1.44 7.39
N PRO A 36 -5.56 0.11 7.40
CA PRO A 36 -6.60 -0.87 7.12
C PRO A 36 -7.64 -0.94 8.23
N GLY A 37 -8.89 -0.62 7.89
CA GLY A 37 -9.95 -0.65 8.87
C GLY A 37 -10.46 0.73 9.23
N GLY A 38 -9.53 1.65 9.46
CA GLY A 38 -9.91 3.01 9.81
C GLY A 38 -9.94 3.24 11.31
N GLY A 39 -9.22 2.39 12.04
CA GLY A 39 -9.18 2.52 13.49
C GLY A 39 -7.98 3.33 13.97
N GLY A 40 -6.94 2.62 14.39
CA GLY A 40 -5.74 3.29 14.87
C GLY A 40 -4.50 2.45 14.70
N GLU A 41 -4.40 1.76 13.57
CA GLU A 41 -3.24 0.92 13.28
C GLU A 41 -2.61 1.28 11.94
N ASP A 42 -1.35 1.69 11.98
CA ASP A 42 -0.63 2.07 10.77
C ASP A 42 0.39 1.01 10.39
N LEU A 43 0.48 0.71 9.10
CA LEU A 43 1.42 -0.29 8.60
C LEU A 43 2.51 0.35 7.76
N PHE A 44 3.65 -0.32 7.65
CA PHE A 44 4.78 0.19 6.87
C PHE A 44 4.68 -0.28 5.42
N VAL A 45 4.70 0.68 4.49
CA VAL A 45 4.62 0.37 3.07
C VAL A 45 5.77 0.99 2.30
N HIS A 46 6.43 0.19 1.48
CA HIS A 46 7.55 0.68 0.68
C HIS A 46 7.25 0.58 -0.80
N GLN A 47 7.19 1.74 -1.47
CA GLN A 47 6.90 1.79 -2.90
C GLN A 47 7.83 0.85 -3.67
N THR A 48 7.30 -0.29 -4.09
CA THR A 48 8.09 -1.27 -4.84
C THR A 48 7.64 -1.33 -6.29
N ASN A 49 6.32 -1.47 -6.50
CA ASN A 49 5.77 -1.54 -7.84
C ASN A 49 4.62 -0.56 -8.00
N ILE A 50 4.66 0.53 -7.23
CA ILE A 50 3.62 1.54 -7.30
C ILE A 50 4.06 2.72 -8.17
N ASN A 51 3.90 2.57 -9.48
CA ASN A 51 4.28 3.61 -10.42
C ASN A 51 3.36 3.61 -11.65
N SER A 52 3.25 4.76 -12.30
CA SER A 52 2.41 4.88 -13.48
C SER A 52 3.22 5.29 -14.70
N GLU A 53 2.62 5.17 -15.88
CA GLU A 53 3.30 5.53 -17.12
C GLU A 53 3.42 7.04 -17.26
N GLY A 54 2.44 7.76 -16.74
CA GLY A 54 2.45 9.20 -16.81
C GLY A 54 2.66 9.86 -15.45
N PHE A 55 1.69 10.64 -15.02
CA PHE A 55 1.76 11.33 -13.74
C PHE A 55 0.66 10.85 -12.80
N ARG A 56 0.80 11.17 -11.52
CA ARG A 56 -0.18 10.78 -10.52
C ARG A 56 -0.84 12.00 -9.89
N SER A 57 -2.17 12.01 -9.87
CA SER A 57 -2.92 13.13 -9.31
C SER A 57 -3.84 12.64 -8.18
N LEU A 58 -3.29 12.55 -6.98
CA LEU A 58 -4.06 12.11 -5.83
C LEU A 58 -3.99 13.14 -4.69
N ARG A 59 -5.07 13.26 -3.94
CA ARG A 59 -5.13 14.20 -2.84
C ARG A 59 -5.19 13.47 -1.51
N GLU A 60 -5.08 14.23 -0.41
CA GLU A 60 -5.11 13.65 0.93
C GLU A 60 -6.50 13.12 1.25
N GLY A 61 -6.56 11.88 1.72
CA GLY A 61 -7.83 11.27 2.07
C GLY A 61 -8.22 10.16 1.12
N GLU A 62 -7.63 10.16 -0.07
CA GLU A 62 -7.92 9.14 -1.06
C GLU A 62 -7.52 7.75 -0.56
N VAL A 63 -8.45 6.80 -0.66
CA VAL A 63 -8.19 5.43 -0.22
C VAL A 63 -7.67 4.58 -1.36
N VAL A 64 -6.71 3.71 -1.06
CA VAL A 64 -6.13 2.82 -2.05
C VAL A 64 -6.42 1.36 -1.73
N GLU A 65 -5.93 0.47 -2.58
CA GLU A 65 -6.14 -0.96 -2.38
C GLU A 65 -4.96 -1.77 -2.93
N PHE A 66 -4.68 -2.90 -2.30
CA PHE A 66 -3.58 -3.77 -2.72
C PHE A 66 -3.65 -5.12 -2.04
N GLU A 67 -2.89 -6.08 -2.55
CA GLU A 67 -2.87 -7.42 -1.99
C GLU A 67 -1.46 -7.81 -1.54
N VAL A 68 -1.37 -8.59 -0.47
CA VAL A 68 -0.09 -9.03 0.05
C VAL A 68 0.51 -10.13 -0.83
N GLU A 69 1.72 -9.88 -1.33
CA GLU A 69 2.41 -10.84 -2.18
C GLU A 69 3.52 -11.54 -1.42
N ALA A 70 3.54 -12.87 -1.49
CA ALA A 70 4.56 -13.66 -0.81
C ALA A 70 5.64 -14.11 -1.78
N GLY A 71 6.87 -13.63 -1.56
CA GLY A 71 7.98 -13.99 -2.41
C GLY A 71 8.46 -15.41 -2.17
N PRO A 72 9.53 -15.80 -2.88
CA PRO A 72 10.12 -17.13 -2.75
C PRO A 72 10.79 -17.35 -1.41
N ASP A 73 11.08 -16.26 -0.71
CA ASP A 73 11.72 -16.33 0.60
C ASP A 73 10.70 -16.61 1.69
N GLY A 74 9.45 -16.24 1.44
CA GLY A 74 8.39 -16.47 2.42
C GLY A 74 7.87 -15.17 3.01
N ARG A 75 8.67 -14.12 2.90
CA ARG A 75 8.28 -12.81 3.44
C ARG A 75 7.06 -12.26 2.70
N SER A 76 6.48 -11.20 3.26
CA SER A 76 5.30 -10.58 2.66
C SER A 76 5.59 -9.14 2.26
N LYS A 77 5.04 -8.73 1.12
CA LYS A 77 5.24 -7.37 0.62
C LYS A 77 4.04 -6.92 -0.20
N ALA A 78 3.64 -5.66 -0.01
CA ALA A 78 2.51 -5.10 -0.73
C ALA A 78 2.96 -4.41 -2.01
N VAL A 79 2.18 -4.57 -3.07
CA VAL A 79 2.51 -3.97 -4.37
C VAL A 79 1.24 -3.69 -5.17
N ASN A 80 1.41 -3.01 -6.30
CA ASN A 80 0.29 -2.68 -7.16
C ASN A 80 -0.81 -1.95 -6.38
N VAL A 81 -0.41 -0.94 -5.61
CA VAL A 81 -1.35 -0.17 -4.81
C VAL A 81 -1.97 0.96 -5.63
N THR A 82 -3.24 0.81 -5.97
CA THR A 82 -3.94 1.83 -6.75
C THR A 82 -3.83 3.19 -6.11
N GLY A 11 2.41 -22.56 -0.06
CA GLY A 11 1.75 -21.55 0.75
C GLY A 11 1.80 -20.17 0.11
N SER A 12 1.07 -20.00 -0.98
CA SER A 12 1.04 -18.72 -1.68
C SER A 12 -0.36 -18.43 -2.23
N GLY A 13 -0.70 -17.15 -2.33
CA GLY A 13 -2.00 -16.77 -2.85
C GLY A 13 -2.96 -16.36 -1.75
N GLU A 14 -2.41 -15.95 -0.60
CA GLU A 14 -3.23 -15.53 0.52
C GLU A 14 -3.45 -14.03 0.50
N GLN A 15 -4.24 -13.57 -0.47
CA GLN A 15 -4.54 -12.15 -0.60
C GLN A 15 -5.33 -11.64 0.60
N LEU A 16 -5.29 -10.32 0.82
CA LEU A 16 -6.00 -9.72 1.93
C LEU A 16 -6.36 -8.26 1.62
N ARG A 17 -7.64 -8.03 1.35
CA ARG A 17 -8.11 -6.68 1.04
C ARG A 17 -7.75 -5.71 2.15
N GLN A 18 -6.90 -4.73 1.82
CA GLN A 18 -6.46 -3.74 2.78
C GLN A 18 -6.82 -2.33 2.31
N GLN A 19 -6.91 -1.40 3.26
CA GLN A 19 -7.23 -0.02 2.93
C GLN A 19 -6.27 0.95 3.61
N GLY A 20 -5.91 2.02 2.91
CA GLY A 20 -4.99 2.99 3.46
C GLY A 20 -5.23 4.39 2.91
N THR A 21 -4.93 5.40 3.72
CA THR A 21 -5.12 6.78 3.31
C THR A 21 -3.79 7.41 2.86
N VAL A 22 -3.88 8.42 2.00
CA VAL A 22 -2.70 9.10 1.48
C VAL A 22 -2.24 10.18 2.45
N LYS A 23 -3.14 10.62 3.32
CA LYS A 23 -2.83 11.66 4.30
C LYS A 23 -1.58 11.30 5.09
N TRP A 24 -1.35 10.00 5.25
CA TRP A 24 -0.18 9.53 6.00
C TRP A 24 0.81 8.84 5.06
N PHE A 25 0.88 9.32 3.82
CA PHE A 25 1.79 8.75 2.83
C PHE A 25 2.90 9.75 2.49
N ASN A 26 4.10 9.22 2.28
CA ASN A 26 5.26 10.06 1.94
C ASN A 26 5.97 9.52 0.70
N ALA A 27 5.54 9.99 -0.47
CA ALA A 27 6.14 9.58 -1.73
C ALA A 27 7.57 10.08 -1.85
N THR A 28 7.77 11.36 -1.56
CA THR A 28 9.09 11.97 -1.64
C THR A 28 10.12 11.16 -0.86
N LYS A 29 9.78 10.81 0.37
CA LYS A 29 10.66 10.04 1.23
C LYS A 29 10.77 8.59 0.73
N GLY A 30 9.71 8.12 0.06
CA GLY A 30 9.71 6.77 -0.45
C GLY A 30 9.23 5.76 0.58
N PHE A 31 8.50 6.24 1.58
CA PHE A 31 7.99 5.38 2.63
C PHE A 31 6.71 5.96 3.25
N GLY A 32 5.59 5.26 3.03
CA GLY A 32 4.32 5.72 3.56
C GLY A 32 3.79 4.83 4.66
N PHE A 33 2.49 4.89 4.89
CA PHE A 33 1.86 4.07 5.93
C PHE A 33 0.40 3.79 5.58
N ILE A 34 -0.09 2.62 5.99
CA ILE A 34 -1.46 2.23 5.73
C ILE A 34 -2.25 2.07 7.02
N THR A 35 -3.37 2.80 7.12
CA THR A 35 -4.21 2.74 8.30
C THR A 35 -5.56 2.10 7.99
N PRO A 36 -5.57 0.77 7.83
CA PRO A 36 -6.78 0.02 7.52
C PRO A 36 -7.75 -0.02 8.70
N GLY A 37 -8.98 0.42 8.46
CA GLY A 37 -9.98 0.42 9.52
C GLY A 37 -10.37 1.83 9.93
N GLY A 38 -9.46 2.77 9.75
CA GLY A 38 -9.73 4.15 10.12
C GLY A 38 -9.59 4.39 11.61
N GLY A 39 -8.86 3.51 12.29
CA GLY A 39 -8.66 3.64 13.71
C GLY A 39 -8.04 2.41 14.33
N GLY A 40 -6.74 2.23 14.14
CA GLY A 40 -6.06 1.08 14.69
C GLY A 40 -4.55 1.18 14.54
N GLU A 41 -3.91 0.05 14.22
CA GLU A 41 -2.47 0.01 14.05
C GLU A 41 -2.09 0.10 12.58
N ASP A 42 -1.22 1.06 12.25
CA ASP A 42 -0.78 1.26 10.88
C ASP A 42 0.43 0.39 10.57
N LEU A 43 0.57 0.00 9.30
CA LEU A 43 1.68 -0.83 8.87
C LEU A 43 2.63 -0.06 7.97
N PHE A 44 3.82 -0.60 7.77
CA PHE A 44 4.83 0.04 6.92
C PHE A 44 4.65 -0.37 5.46
N VAL A 45 4.83 0.59 4.56
CA VAL A 45 4.69 0.33 3.13
C VAL A 45 5.77 1.05 2.33
N HIS A 46 6.42 0.32 1.43
CA HIS A 46 7.47 0.88 0.60
C HIS A 46 7.14 0.74 -0.88
N GLN A 47 7.11 1.86 -1.60
CA GLN A 47 6.80 1.85 -3.02
C GLN A 47 7.69 0.86 -3.76
N THR A 48 7.11 -0.28 -4.13
CA THR A 48 7.85 -1.32 -4.84
C THR A 48 7.36 -1.45 -6.28
N ASN A 49 6.04 -1.55 -6.44
CA ASN A 49 5.45 -1.68 -7.76
C ASN A 49 4.32 -0.67 -7.95
N ILE A 50 4.40 0.44 -7.23
CA ILE A 50 3.39 1.48 -7.32
C ILE A 50 3.83 2.61 -8.25
N ASN A 51 3.60 2.41 -9.55
CA ASN A 51 3.98 3.41 -10.55
C ASN A 51 2.93 3.48 -11.66
N SER A 52 2.82 4.66 -12.27
CA SER A 52 1.86 4.85 -13.35
C SER A 52 2.57 5.10 -14.68
N GLU A 53 1.81 5.08 -15.77
CA GLU A 53 2.37 5.29 -17.10
C GLU A 53 2.56 6.78 -17.37
N GLY A 54 1.65 7.60 -16.83
CA GLY A 54 1.73 9.04 -17.03
C GLY A 54 2.33 9.75 -15.83
N PHE A 55 1.47 10.46 -15.09
CA PHE A 55 1.92 11.20 -13.92
C PHE A 55 1.14 10.78 -12.68
N ARG A 56 1.45 11.39 -11.55
CA ARG A 56 0.78 11.07 -10.29
C ARG A 56 -0.05 12.25 -9.81
N SER A 57 -1.36 12.06 -9.73
CA SER A 57 -2.27 13.11 -9.28
C SER A 57 -3.22 12.58 -8.20
N LEU A 58 -2.76 12.62 -6.96
CA LEU A 58 -3.56 12.15 -5.83
C LEU A 58 -3.58 13.18 -4.70
N ARG A 59 -4.65 13.18 -3.93
CA ARG A 59 -4.79 14.11 -2.81
C ARG A 59 -4.80 13.37 -1.48
N GLU A 60 -4.46 14.09 -0.41
CA GLU A 60 -4.42 13.50 0.92
C GLU A 60 -5.82 13.10 1.39
N GLY A 61 -5.93 11.92 1.98
CA GLY A 61 -7.22 11.45 2.46
C GLY A 61 -7.82 10.40 1.55
N GLU A 62 -7.36 10.35 0.31
CA GLU A 62 -7.86 9.39 -0.67
C GLU A 62 -7.50 7.96 -0.25
N VAL A 63 -8.51 7.10 -0.18
CA VAL A 63 -8.31 5.71 0.21
C VAL A 63 -7.77 4.89 -0.96
N VAL A 64 -6.83 4.00 -0.66
CA VAL A 64 -6.24 3.15 -1.69
C VAL A 64 -6.57 1.68 -1.45
N GLU A 65 -6.31 0.84 -2.45
CA GLU A 65 -6.58 -0.59 -2.35
C GLU A 65 -5.39 -1.40 -2.84
N PHE A 66 -5.12 -2.51 -2.16
CA PHE A 66 -4.01 -3.38 -2.53
C PHE A 66 -4.13 -4.74 -1.85
N GLU A 67 -3.41 -5.73 -2.38
CA GLU A 67 -3.45 -7.08 -1.82
C GLU A 67 -2.05 -7.55 -1.45
N VAL A 68 -1.94 -8.27 -0.34
CA VAL A 68 -0.66 -8.78 0.12
C VAL A 68 -0.18 -9.95 -0.75
N GLU A 69 1.09 -9.90 -1.14
CA GLU A 69 1.66 -10.96 -1.97
C GLU A 69 2.71 -11.75 -1.21
N ALA A 70 2.74 -13.05 -1.42
CA ALA A 70 3.71 -13.92 -0.75
C ALA A 70 4.86 -14.28 -1.68
N GLY A 71 6.08 -14.03 -1.22
CA GLY A 71 7.25 -14.35 -2.03
C GLY A 71 7.82 -15.71 -1.72
N PRO A 72 8.87 -16.10 -2.46
CA PRO A 72 9.53 -17.39 -2.28
C PRO A 72 10.31 -17.48 -0.96
N ASP A 73 10.62 -16.31 -0.40
CA ASP A 73 11.35 -16.24 0.87
C ASP A 73 10.45 -16.60 2.04
N GLY A 74 9.15 -16.39 1.86
CA GLY A 74 8.20 -16.70 2.92
C GLY A 74 7.57 -15.46 3.50
N ARG A 75 8.20 -14.31 3.28
CA ARG A 75 7.68 -13.04 3.79
C ARG A 75 6.59 -12.49 2.87
N SER A 76 5.78 -11.59 3.40
CA SER A 76 4.70 -10.99 2.62
C SER A 76 4.91 -9.48 2.48
N LYS A 77 4.43 -8.93 1.38
CA LYS A 77 4.55 -7.49 1.11
C LYS A 77 3.40 -7.00 0.23
N ALA A 78 2.91 -5.80 0.54
CA ALA A 78 1.82 -5.21 -0.23
C ALA A 78 2.35 -4.50 -1.46
N VAL A 79 1.65 -4.67 -2.58
CA VAL A 79 2.05 -4.03 -3.84
C VAL A 79 0.83 -3.75 -4.71
N ASN A 80 1.07 -3.07 -5.84
CA ASN A 80 -0.01 -2.74 -6.77
C ASN A 80 -1.10 -1.92 -6.08
N VAL A 81 -0.68 -0.86 -5.40
CA VAL A 81 -1.61 0.01 -4.70
C VAL A 81 -2.21 1.06 -5.63
N THR A 82 -3.52 1.00 -5.82
CA THR A 82 -4.21 1.94 -6.69
C THR A 82 -3.65 1.89 -8.10
N GLY A 11 -10.02 -20.64 -5.54
CA GLY A 11 -9.98 -21.02 -4.14
C GLY A 11 -10.56 -19.96 -3.24
N SER A 12 -10.30 -20.07 -1.94
CA SER A 12 -10.81 -19.11 -0.96
C SER A 12 -10.10 -19.27 0.37
N GLY A 13 -10.40 -18.36 1.30
CA GLY A 13 -9.78 -18.41 2.62
C GLY A 13 -8.58 -17.50 2.72
N GLU A 14 -7.77 -17.46 1.67
CA GLU A 14 -6.58 -16.61 1.65
C GLU A 14 -6.87 -15.26 1.01
N GLN A 15 -7.66 -14.44 1.71
CA GLN A 15 -8.02 -13.13 1.20
C GLN A 15 -7.14 -12.04 1.82
N LEU A 16 -6.28 -11.44 1.00
CA LEU A 16 -5.38 -10.39 1.47
C LEU A 16 -5.79 -9.04 0.89
N ARG A 17 -6.82 -8.44 1.48
CA ARG A 17 -7.30 -7.13 1.03
C ARG A 17 -6.97 -6.05 2.05
N GLN A 18 -6.07 -5.15 1.67
CA GLN A 18 -5.67 -4.06 2.55
C GLN A 18 -6.04 -2.70 1.96
N GLN A 19 -6.17 -1.70 2.81
CA GLN A 19 -6.51 -0.35 2.36
C GLN A 19 -5.76 0.70 3.16
N GLY A 20 -5.38 1.79 2.50
CA GLY A 20 -4.66 2.86 3.17
C GLY A 20 -5.00 4.23 2.61
N THR A 21 -4.89 5.24 3.46
CA THR A 21 -5.19 6.61 3.04
C THR A 21 -3.91 7.36 2.69
N VAL A 22 -4.06 8.43 1.91
CA VAL A 22 -2.93 9.24 1.50
C VAL A 22 -2.60 10.32 2.54
N LYS A 23 -3.58 10.62 3.39
CA LYS A 23 -3.41 11.62 4.43
C LYS A 23 -2.17 11.33 5.26
N TRP A 24 -1.82 10.05 5.37
CA TRP A 24 -0.64 9.64 6.14
C TRP A 24 0.45 9.12 5.21
N PHE A 25 0.54 9.70 4.02
CA PHE A 25 1.55 9.29 3.05
C PHE A 25 2.55 10.42 2.81
N ASN A 26 3.80 10.05 2.60
CA ASN A 26 4.86 11.03 2.36
C ASN A 26 5.65 10.69 1.10
N ALA A 27 5.17 11.18 -0.03
CA ALA A 27 5.81 10.94 -1.31
C ALA A 27 7.20 11.56 -1.36
N THR A 28 7.29 12.83 -0.95
CA THR A 28 8.56 13.55 -0.94
C THR A 28 9.64 12.75 -0.21
N LYS A 29 9.28 12.24 0.98
CA LYS A 29 10.21 11.47 1.78
C LYS A 29 10.44 10.09 1.17
N GLY A 30 9.45 9.60 0.43
CA GLY A 30 9.56 8.30 -0.20
C GLY A 30 9.15 7.17 0.73
N PHE A 31 8.38 7.50 1.76
CA PHE A 31 7.93 6.51 2.72
C PHE A 31 6.60 6.92 3.34
N GLY A 32 5.62 6.03 3.31
CA GLY A 32 4.32 6.32 3.87
C GLY A 32 3.85 5.25 4.84
N PHE A 33 2.53 5.17 5.03
CA PHE A 33 1.96 4.17 5.93
C PHE A 33 0.55 3.79 5.49
N ILE A 34 0.03 2.71 6.05
CA ILE A 34 -1.30 2.23 5.72
C ILE A 34 -2.15 2.05 6.96
N THR A 35 -3.36 2.59 6.93
CA THR A 35 -4.28 2.50 8.06
C THR A 35 -5.50 1.65 7.71
N PRO A 36 -5.30 0.33 7.66
CA PRO A 36 -6.38 -0.62 7.32
C PRO A 36 -7.42 -0.72 8.44
N GLY A 37 -8.68 -0.87 8.05
CA GLY A 37 -9.75 -0.97 9.03
C GLY A 37 -10.38 0.37 9.34
N GLY A 38 -9.66 1.45 9.10
CA GLY A 38 -10.17 2.78 9.36
C GLY A 38 -9.91 3.23 10.77
N GLY A 39 -8.88 2.65 11.40
CA GLY A 39 -8.55 3.01 12.77
C GLY A 39 -8.13 1.83 13.60
N GLY A 40 -6.83 1.64 13.75
CA GLY A 40 -6.32 0.52 14.53
C GLY A 40 -4.80 0.52 14.61
N GLU A 41 -4.16 -0.19 13.69
CA GLU A 41 -2.70 -0.27 13.66
C GLU A 41 -2.14 0.28 12.35
N ASP A 42 -1.06 1.04 12.44
CA ASP A 42 -0.43 1.62 11.27
C ASP A 42 0.83 0.85 10.88
N LEU A 43 0.92 0.46 9.62
CA LEU A 43 2.08 -0.28 9.14
C LEU A 43 2.94 0.58 8.21
N PHE A 44 4.21 0.21 8.06
CA PHE A 44 5.12 0.94 7.21
C PHE A 44 5.12 0.38 5.80
N VAL A 45 5.02 1.26 4.81
CA VAL A 45 5.01 0.85 3.41
C VAL A 45 6.01 1.65 2.59
N HIS A 46 6.63 0.99 1.61
CA HIS A 46 7.62 1.64 0.76
C HIS A 46 7.26 1.45 -0.72
N GLN A 47 7.67 2.41 -1.55
CA GLN A 47 7.40 2.36 -2.97
C GLN A 47 8.35 1.41 -3.68
N THR A 48 7.86 0.23 -4.03
CA THR A 48 8.67 -0.77 -4.71
C THR A 48 8.22 -0.96 -6.15
N ASN A 49 6.92 -1.15 -6.34
CA ASN A 49 6.37 -1.35 -7.67
C ASN A 49 5.16 -0.45 -7.89
N ILE A 50 5.12 0.68 -7.18
CA ILE A 50 4.02 1.63 -7.30
C ILE A 50 4.37 2.76 -8.25
N ASN A 51 4.24 2.49 -9.55
CA ASN A 51 4.55 3.48 -10.58
C ASN A 51 3.64 3.31 -11.79
N SER A 52 3.04 4.40 -12.23
CA SER A 52 2.14 4.37 -13.39
C SER A 52 2.86 4.83 -14.65
N GLU A 53 2.17 4.75 -15.78
CA GLU A 53 2.76 5.16 -17.06
C GLU A 53 2.87 6.69 -17.13
N GLY A 54 1.87 7.38 -16.59
CA GLY A 54 1.88 8.83 -16.61
C GLY A 54 2.19 9.42 -15.25
N PHE A 55 1.20 10.10 -14.67
CA PHE A 55 1.37 10.73 -13.36
C PHE A 55 0.18 10.41 -12.45
N ARG A 56 0.36 10.65 -11.15
CA ARG A 56 -0.69 10.39 -10.18
C ARG A 56 -1.11 11.68 -9.48
N SER A 57 -2.31 12.15 -9.81
CA SER A 57 -2.84 13.38 -9.22
C SER A 57 -3.98 13.06 -8.25
N LEU A 58 -3.63 12.72 -7.02
CA LEU A 58 -4.62 12.40 -6.00
C LEU A 58 -4.42 13.26 -4.76
N ARG A 59 -5.53 13.60 -4.10
CA ARG A 59 -5.48 14.41 -2.89
C ARG A 59 -5.51 13.54 -1.64
N GLU A 60 -5.14 14.13 -0.51
CA GLU A 60 -5.11 13.41 0.76
C GLU A 60 -6.50 12.85 1.09
N GLY A 61 -6.52 11.67 1.71
CA GLY A 61 -7.78 11.05 2.07
C GLY A 61 -8.17 9.94 1.13
N GLU A 62 -7.58 9.94 -0.06
CA GLU A 62 -7.88 8.92 -1.06
C GLU A 62 -7.41 7.55 -0.59
N VAL A 63 -8.29 6.57 -0.66
CA VAL A 63 -7.97 5.21 -0.24
C VAL A 63 -7.31 4.42 -1.37
N VAL A 64 -6.37 3.56 -1.02
CA VAL A 64 -5.66 2.74 -2.00
C VAL A 64 -5.94 1.26 -1.79
N GLU A 65 -5.65 0.46 -2.81
CA GLU A 65 -5.86 -0.98 -2.73
C GLU A 65 -4.60 -1.74 -3.11
N PHE A 66 -4.26 -2.76 -2.32
CA PHE A 66 -3.08 -3.56 -2.57
C PHE A 66 -3.14 -4.89 -1.80
N GLU A 67 -2.23 -5.80 -2.14
CA GLU A 67 -2.19 -7.10 -1.48
C GLU A 67 -0.75 -7.49 -1.14
N VAL A 68 -0.58 -8.11 0.02
CA VAL A 68 0.74 -8.54 0.47
C VAL A 68 1.19 -9.80 -0.25
N GLU A 69 2.38 -9.75 -0.85
CA GLU A 69 2.92 -10.89 -1.58
C GLU A 69 4.13 -11.47 -0.85
N ALA A 70 4.10 -12.78 -0.60
CA ALA A 70 5.19 -13.45 0.08
C ALA A 70 6.04 -14.25 -0.90
N GLY A 71 7.31 -13.88 -1.01
CA GLY A 71 8.21 -14.57 -1.92
C GLY A 71 8.68 -15.90 -1.36
N PRO A 72 9.58 -16.57 -2.10
CA PRO A 72 10.13 -17.87 -1.70
C PRO A 72 11.05 -17.75 -0.49
N ASP A 73 11.51 -16.54 -0.21
CA ASP A 73 12.40 -16.30 0.92
C ASP A 73 11.62 -16.31 2.24
N GLY A 74 10.33 -16.01 2.17
CA GLY A 74 9.50 -16.00 3.35
C GLY A 74 9.04 -14.60 3.71
N ARG A 75 9.74 -13.59 3.20
CA ARG A 75 9.39 -12.21 3.47
C ARG A 75 8.13 -11.80 2.74
N SER A 76 7.35 -10.90 3.34
CA SER A 76 6.11 -10.43 2.74
C SER A 76 6.09 -8.91 2.67
N LYS A 77 5.61 -8.38 1.54
CA LYS A 77 5.52 -6.95 1.34
C LYS A 77 4.36 -6.58 0.43
N ALA A 78 3.97 -5.31 0.44
CA ALA A 78 2.87 -4.84 -0.39
C ALA A 78 3.37 -4.26 -1.70
N VAL A 79 2.61 -4.45 -2.77
CA VAL A 79 2.98 -3.94 -4.08
C VAL A 79 1.75 -3.65 -4.93
N ASN A 80 1.95 -2.94 -6.04
CA ASN A 80 0.85 -2.61 -6.94
C ASN A 80 -0.25 -1.85 -6.19
N VAL A 81 0.15 -0.83 -5.44
CA VAL A 81 -0.80 -0.03 -4.68
C VAL A 81 -1.43 1.06 -5.55
N THR A 82 -2.71 0.91 -5.85
CA THR A 82 -3.43 1.87 -6.68
C THR A 82 -3.78 3.12 -5.89
N GLY A 11 -1.12 -24.87 -0.95
CA GLY A 11 -1.76 -23.62 -0.61
C GLY A 11 -3.23 -23.77 -0.30
N SER A 12 -3.89 -22.67 0.04
CA SER A 12 -5.31 -22.69 0.37
C SER A 12 -6.09 -21.73 -0.52
N GLY A 13 -5.49 -20.57 -0.80
CA GLY A 13 -6.15 -19.59 -1.65
C GLY A 13 -6.89 -18.54 -0.84
N GLU A 14 -6.24 -18.04 0.20
CA GLU A 14 -6.86 -17.02 1.06
C GLU A 14 -6.41 -15.63 0.65
N GLN A 15 -7.27 -14.93 -0.09
CA GLN A 15 -6.96 -13.58 -0.54
C GLN A 15 -6.70 -12.65 0.64
N LEU A 16 -6.13 -11.49 0.36
CA LEU A 16 -5.81 -10.50 1.40
C LEU A 16 -6.24 -9.11 0.96
N ARG A 17 -7.44 -8.71 1.34
CA ARG A 17 -7.96 -7.39 0.98
C ARG A 17 -7.47 -6.34 1.97
N GLN A 18 -6.80 -5.32 1.44
CA GLN A 18 -6.27 -4.23 2.27
C GLN A 18 -6.43 -2.89 1.58
N GLN A 19 -6.52 -1.82 2.38
CA GLN A 19 -6.67 -0.48 1.83
C GLN A 19 -5.96 0.54 2.71
N GLY A 20 -5.49 1.62 2.09
CA GLY A 20 -4.79 2.66 2.83
C GLY A 20 -5.13 4.05 2.34
N THR A 21 -4.83 5.05 3.16
CA THR A 21 -5.11 6.44 2.81
C THR A 21 -3.83 7.20 2.47
N VAL A 22 -3.94 8.16 1.57
CA VAL A 22 -2.79 8.96 1.16
C VAL A 22 -2.42 9.99 2.23
N LYS A 23 -3.38 10.29 3.09
CA LYS A 23 -3.16 11.25 4.17
C LYS A 23 -1.90 10.91 4.96
N TRP A 24 -1.59 9.62 5.02
CA TRP A 24 -0.41 9.15 5.75
C TRP A 24 0.64 8.60 4.80
N PHE A 25 0.71 9.19 3.60
CA PHE A 25 1.67 8.76 2.60
C PHE A 25 2.70 9.84 2.33
N ASN A 26 3.94 9.42 2.10
CA ASN A 26 5.03 10.37 1.83
C ASN A 26 5.84 9.94 0.61
N ALA A 27 5.40 10.37 -0.56
CA ALA A 27 6.08 10.03 -1.81
C ALA A 27 7.48 10.64 -1.85
N THR A 28 7.56 11.93 -1.55
CA THR A 28 8.84 12.64 -1.56
C THR A 28 9.88 11.90 -0.72
N LYS A 29 9.47 11.47 0.47
CA LYS A 29 10.36 10.76 1.37
C LYS A 29 10.64 9.35 0.85
N GLY A 30 9.68 8.80 0.11
CA GLY A 30 9.84 7.46 -0.43
C GLY A 30 9.39 6.39 0.54
N PHE A 31 8.58 6.77 1.51
CA PHE A 31 8.08 5.84 2.51
C PHE A 31 6.74 6.31 3.08
N GLY A 32 5.69 5.54 2.80
CA GLY A 32 4.37 5.89 3.29
C GLY A 32 3.88 4.94 4.36
N PHE A 33 2.57 4.92 4.58
CA PHE A 33 1.97 4.04 5.58
C PHE A 33 0.54 3.66 5.19
N ILE A 34 0.11 2.49 5.63
CA ILE A 34 -1.24 2.01 5.33
C ILE A 34 -2.08 1.91 6.59
N THR A 35 -3.25 2.54 6.57
CA THR A 35 -4.15 2.52 7.71
C THR A 35 -5.43 1.76 7.39
N PRO A 36 -5.33 0.43 7.35
CA PRO A 36 -6.47 -0.44 7.06
C PRO A 36 -7.50 -0.46 8.19
N GLY A 37 -8.77 -0.39 7.82
CA GLY A 37 -9.83 -0.41 8.82
C GLY A 37 -10.48 0.96 8.99
N GLY A 38 -9.66 2.01 9.01
CA GLY A 38 -10.18 3.35 9.16
C GLY A 38 -9.97 3.89 10.57
N GLY A 39 -9.02 3.31 11.29
CA GLY A 39 -8.75 3.75 12.65
C GLY A 39 -8.32 2.61 13.56
N GLY A 40 -7.06 2.22 13.46
CA GLY A 40 -6.55 1.14 14.28
C GLY A 40 -5.05 1.19 14.45
N GLU A 41 -4.32 0.70 13.44
CA GLU A 41 -2.87 0.70 13.48
C GLU A 41 -2.28 0.88 12.07
N ASP A 42 -1.26 1.72 11.97
CA ASP A 42 -0.62 1.98 10.69
C ASP A 42 0.63 1.14 10.54
N LEU A 43 0.83 0.58 9.34
CA LEU A 43 1.99 -0.24 9.06
C LEU A 43 2.93 0.44 8.08
N PHE A 44 4.14 -0.10 7.94
CA PHE A 44 5.14 0.47 7.04
C PHE A 44 4.96 -0.09 5.62
N VAL A 45 5.14 0.78 4.64
CA VAL A 45 5.01 0.38 3.24
C VAL A 45 5.97 1.16 2.35
N HIS A 46 6.62 0.46 1.42
CA HIS A 46 7.56 1.09 0.51
C HIS A 46 7.03 1.06 -0.93
N GLN A 47 7.30 2.11 -1.68
CA GLN A 47 6.86 2.21 -3.06
C GLN A 47 7.80 1.45 -3.99
N THR A 48 7.40 0.24 -4.38
CA THR A 48 8.20 -0.58 -5.27
C THR A 48 7.56 -0.72 -6.64
N ASN A 49 6.23 -0.87 -6.65
CA ASN A 49 5.50 -1.01 -7.90
C ASN A 49 4.28 -0.08 -7.92
N ILE A 50 4.37 1.01 -7.18
CA ILE A 50 3.29 1.98 -7.10
C ILE A 50 3.69 3.31 -7.71
N ASN A 51 3.64 3.40 -9.04
CA ASN A 51 4.00 4.62 -9.74
C ASN A 51 3.23 4.73 -11.07
N SER A 52 3.44 5.85 -11.76
CA SER A 52 2.77 6.09 -13.04
C SER A 52 3.78 6.35 -14.15
N GLU A 53 3.31 6.34 -15.39
CA GLU A 53 4.18 6.57 -16.53
C GLU A 53 4.59 8.04 -16.61
N GLY A 54 3.73 8.91 -16.09
CA GLY A 54 4.02 10.34 -16.11
C GLY A 54 3.78 11.00 -14.77
N PHE A 55 2.60 11.59 -14.61
CA PHE A 55 2.24 12.26 -13.36
C PHE A 55 0.84 11.85 -12.90
N ARG A 56 0.76 11.23 -11.73
CA ARG A 56 -0.52 10.79 -11.18
C ARG A 56 -1.06 11.81 -10.18
N SER A 57 -2.28 12.27 -10.40
CA SER A 57 -2.91 13.24 -9.53
C SER A 57 -3.50 12.57 -8.30
N LEU A 58 -2.80 12.69 -7.17
CA LEU A 58 -3.25 12.08 -5.92
C LEU A 58 -3.51 13.15 -4.86
N ARG A 59 -4.38 12.84 -3.91
CA ARG A 59 -4.71 13.78 -2.84
C ARG A 59 -4.79 13.06 -1.51
N GLU A 60 -4.59 13.80 -0.42
CA GLU A 60 -4.65 13.24 0.92
C GLU A 60 -6.06 12.80 1.27
N GLY A 61 -6.20 11.54 1.71
CA GLY A 61 -7.51 11.03 2.06
C GLY A 61 -8.00 9.96 1.10
N GLU A 62 -7.42 9.94 -0.10
CA GLU A 62 -7.80 8.97 -1.11
C GLU A 62 -7.50 7.56 -0.65
N VAL A 63 -8.49 6.67 -0.76
CA VAL A 63 -8.32 5.28 -0.35
C VAL A 63 -7.84 4.42 -1.51
N VAL A 64 -6.87 3.56 -1.23
CA VAL A 64 -6.31 2.69 -2.25
C VAL A 64 -6.57 1.22 -1.91
N GLU A 65 -6.16 0.32 -2.82
CA GLU A 65 -6.36 -1.10 -2.61
C GLU A 65 -5.15 -1.89 -3.10
N PHE A 66 -4.89 -3.03 -2.46
CA PHE A 66 -3.75 -3.87 -2.84
C PHE A 66 -3.87 -5.26 -2.20
N GLU A 67 -2.99 -6.17 -2.60
CA GLU A 67 -3.00 -7.52 -2.08
C GLU A 67 -1.61 -7.93 -1.60
N VAL A 68 -1.55 -8.88 -0.68
CA VAL A 68 -0.28 -9.36 -0.15
C VAL A 68 0.34 -10.41 -1.06
N GLU A 69 1.59 -10.20 -1.43
CA GLU A 69 2.29 -11.13 -2.31
C GLU A 69 3.43 -11.83 -1.57
N ALA A 70 3.46 -13.15 -1.64
CA ALA A 70 4.49 -13.94 -0.98
C ALA A 70 5.61 -14.29 -1.93
N GLY A 71 6.84 -13.90 -1.59
CA GLY A 71 7.98 -14.18 -2.44
C GLY A 71 8.67 -15.49 -2.06
N PRO A 72 9.74 -15.82 -2.80
CA PRO A 72 10.50 -17.05 -2.56
C PRO A 72 11.29 -17.00 -1.26
N ASP A 73 11.48 -15.80 -0.73
CA ASP A 73 12.21 -15.61 0.52
C ASP A 73 11.42 -16.15 1.70
N GLY A 74 10.10 -16.19 1.55
CA GLY A 74 9.24 -16.69 2.61
C GLY A 74 8.38 -15.59 3.22
N ARG A 75 8.79 -14.34 3.02
CA ARG A 75 8.05 -13.21 3.56
C ARG A 75 7.13 -12.61 2.50
N SER A 76 6.02 -12.03 2.95
CA SER A 76 5.05 -11.43 2.03
C SER A 76 4.98 -9.91 2.23
N LYS A 77 4.77 -9.20 1.13
CA LYS A 77 4.69 -7.74 1.18
C LYS A 77 3.56 -7.23 0.29
N ALA A 78 3.23 -5.95 0.42
CA ALA A 78 2.18 -5.34 -0.37
C ALA A 78 2.75 -4.58 -1.57
N VAL A 79 2.15 -4.78 -2.74
CA VAL A 79 2.60 -4.12 -3.95
C VAL A 79 1.45 -3.87 -4.91
N ASN A 80 1.73 -3.18 -6.01
CA ASN A 80 0.71 -2.88 -7.00
C ASN A 80 -0.51 -2.23 -6.35
N VAL A 81 -0.27 -1.19 -5.54
CA VAL A 81 -1.34 -0.49 -4.86
C VAL A 81 -1.93 0.60 -5.75
N THR A 82 -3.26 0.62 -5.86
CA THR A 82 -3.94 1.60 -6.68
C THR A 82 -5.09 2.26 -5.91
N GLY A 11 2.40 -20.77 -1.99
CA GLY A 11 1.42 -20.08 -1.17
C GLY A 11 0.35 -19.41 -2.00
N SER A 12 -0.33 -20.18 -2.84
CA SER A 12 -1.38 -19.65 -3.70
C SER A 12 -2.72 -19.62 -2.96
N GLY A 13 -3.58 -18.69 -3.36
CA GLY A 13 -4.89 -18.56 -2.73
C GLY A 13 -4.82 -17.80 -1.42
N GLU A 14 -3.83 -16.93 -1.29
CA GLU A 14 -3.66 -16.14 -0.08
C GLU A 14 -3.78 -14.64 -0.38
N GLN A 15 -4.96 -14.09 -0.11
CA GLN A 15 -5.21 -12.68 -0.35
C GLN A 15 -5.67 -11.97 0.92
N LEU A 16 -5.59 -10.64 0.92
CA LEU A 16 -6.00 -9.86 2.08
C LEU A 16 -6.36 -8.43 1.66
N ARG A 17 -7.65 -8.13 1.66
CA ARG A 17 -8.13 -6.81 1.28
C ARG A 17 -7.69 -5.76 2.30
N GLN A 18 -6.77 -4.89 1.89
CA GLN A 18 -6.27 -3.84 2.77
C GLN A 18 -6.65 -2.46 2.25
N GLN A 19 -6.67 -1.48 3.15
CA GLN A 19 -7.03 -0.12 2.78
C GLN A 19 -6.14 0.90 3.50
N GLY A 20 -5.62 1.87 2.76
CA GLY A 20 -4.77 2.88 3.35
C GLY A 20 -5.04 4.26 2.80
N THR A 21 -4.65 5.28 3.55
CA THR A 21 -4.85 6.66 3.14
C THR A 21 -3.55 7.31 2.68
N VAL A 22 -3.66 8.40 1.93
CA VAL A 22 -2.49 9.11 1.44
C VAL A 22 -2.00 10.13 2.45
N LYS A 23 -2.87 10.51 3.38
CA LYS A 23 -2.53 11.49 4.40
C LYS A 23 -1.25 11.08 5.13
N TRP A 24 -1.00 9.77 5.21
CA TRP A 24 0.18 9.27 5.87
C TRP A 24 1.13 8.62 4.86
N PHE A 25 1.16 9.16 3.66
CA PHE A 25 2.02 8.63 2.60
C PHE A 25 3.07 9.66 2.19
N ASN A 26 4.26 9.18 1.88
CA ASN A 26 5.36 10.05 1.47
C ASN A 26 6.14 9.45 0.30
N ALA A 27 5.85 9.92 -0.91
CA ALA A 27 6.52 9.44 -2.10
C ALA A 27 7.99 9.82 -2.10
N THR A 28 8.27 11.08 -1.80
CA THR A 28 9.64 11.58 -1.76
C THR A 28 10.52 10.71 -0.88
N LYS A 29 9.99 10.32 0.27
CA LYS A 29 10.72 9.47 1.21
C LYS A 29 10.89 8.06 0.66
N GLY A 30 9.97 7.66 -0.21
CA GLY A 30 10.02 6.34 -0.80
C GLY A 30 9.36 5.28 0.08
N PHE A 31 8.47 5.73 0.95
CA PHE A 31 7.76 4.82 1.85
C PHE A 31 6.69 5.57 2.65
N GLY A 32 5.54 4.92 2.82
CA GLY A 32 4.45 5.53 3.57
C GLY A 32 3.91 4.63 4.66
N PHE A 33 2.60 4.71 4.89
CA PHE A 33 1.96 3.89 5.91
C PHE A 33 0.50 3.62 5.56
N ILE A 34 0.01 2.47 5.97
CA ILE A 34 -1.38 2.09 5.70
C ILE A 34 -2.19 2.00 6.99
N THR A 35 -3.35 2.65 6.99
CA THR A 35 -4.22 2.64 8.16
C THR A 35 -5.52 1.89 7.87
N PRO A 36 -5.44 0.55 7.83
CA PRO A 36 -6.61 -0.30 7.56
C PRO A 36 -7.59 -0.30 8.72
N GLY A 37 -8.88 -0.15 8.40
CA GLY A 37 -9.91 -0.14 9.42
C GLY A 37 -10.48 1.25 9.66
N GLY A 38 -9.71 2.28 9.26
CA GLY A 38 -10.16 3.65 9.45
C GLY A 38 -9.95 4.14 10.87
N GLY A 39 -8.97 3.57 11.55
CA GLY A 39 -8.69 3.97 12.92
C GLY A 39 -8.20 2.81 13.77
N GLY A 40 -7.12 2.17 13.33
CA GLY A 40 -6.57 1.05 14.07
C GLY A 40 -5.07 1.15 14.25
N GLU A 41 -4.35 0.16 13.75
CA GLU A 41 -2.89 0.15 13.86
C GLU A 41 -2.24 0.44 12.51
N ASP A 42 -1.28 1.35 12.51
CA ASP A 42 -0.58 1.72 11.28
C ASP A 42 0.31 0.58 10.81
N LEU A 43 0.42 0.42 9.49
CA LEU A 43 1.23 -0.63 8.90
C LEU A 43 2.36 -0.04 8.06
N PHE A 44 3.42 -0.82 7.88
CA PHE A 44 4.57 -0.37 7.08
C PHE A 44 4.37 -0.72 5.61
N VAL A 45 4.76 0.19 4.74
CA VAL A 45 4.63 -0.01 3.30
C VAL A 45 5.75 0.70 2.54
N HIS A 46 6.32 0.01 1.56
CA HIS A 46 7.40 0.58 0.75
C HIS A 46 7.05 0.54 -0.73
N GLN A 47 7.05 1.71 -1.37
CA GLN A 47 6.74 1.81 -2.78
C GLN A 47 7.69 0.97 -3.62
N THR A 48 7.23 -0.21 -4.03
CA THR A 48 8.04 -1.11 -4.83
C THR A 48 7.51 -1.20 -6.26
N ASN A 49 6.20 -1.33 -6.40
CA ASN A 49 5.57 -1.43 -7.71
C ASN A 49 4.38 -0.48 -7.81
N ILE A 50 4.43 0.61 -7.06
CA ILE A 50 3.37 1.60 -7.06
C ILE A 50 3.79 2.86 -7.81
N ASN A 51 3.73 2.80 -9.14
CA ASN A 51 4.10 3.93 -9.97
C ASN A 51 3.33 3.94 -11.29
N SER A 52 2.52 4.97 -11.49
CA SER A 52 1.71 5.08 -12.70
C SER A 52 2.61 5.17 -13.94
N GLU A 53 2.05 4.82 -15.09
CA GLU A 53 2.79 4.86 -16.34
C GLU A 53 2.97 6.30 -16.82
N GLY A 54 1.94 7.12 -16.62
CA GLY A 54 2.01 8.52 -17.04
C GLY A 54 2.11 9.47 -15.87
N PHE A 55 0.98 10.05 -15.49
CA PHE A 55 0.94 11.00 -14.37
C PHE A 55 -0.22 10.69 -13.43
N ARG A 56 -0.04 10.97 -12.15
CA ARG A 56 -1.07 10.72 -11.16
C ARG A 56 -1.30 11.97 -10.30
N SER A 57 -2.57 12.35 -10.15
CA SER A 57 -2.94 13.51 -9.36
C SER A 57 -3.90 13.14 -8.25
N LEU A 58 -3.37 12.79 -7.08
CA LEU A 58 -4.19 12.41 -5.95
C LEU A 58 -3.82 13.23 -4.72
N ARG A 59 -4.84 13.74 -4.02
CA ARG A 59 -4.63 14.54 -2.83
C ARG A 59 -4.63 13.65 -1.58
N GLU A 60 -4.30 14.25 -0.43
CA GLU A 60 -4.26 13.53 0.83
C GLU A 60 -5.67 13.14 1.28
N GLY A 61 -5.77 11.98 1.93
CA GLY A 61 -7.06 11.51 2.39
C GLY A 61 -7.65 10.44 1.49
N GLU A 62 -7.16 10.38 0.26
CA GLU A 62 -7.65 9.40 -0.70
C GLU A 62 -7.30 7.98 -0.25
N VAL A 63 -8.31 7.11 -0.26
CA VAL A 63 -8.11 5.71 0.16
C VAL A 63 -7.68 4.85 -1.02
N VAL A 64 -6.74 3.95 -0.76
CA VAL A 64 -6.24 3.06 -1.79
C VAL A 64 -6.46 1.60 -1.42
N GLU A 65 -6.47 0.73 -2.43
CA GLU A 65 -6.68 -0.69 -2.20
C GLU A 65 -5.52 -1.51 -2.75
N PHE A 66 -5.18 -2.60 -2.06
CA PHE A 66 -4.09 -3.46 -2.48
C PHE A 66 -4.16 -4.82 -1.78
N GLU A 67 -3.39 -5.78 -2.28
CA GLU A 67 -3.38 -7.11 -1.70
C GLU A 67 -1.98 -7.47 -1.21
N VAL A 68 -1.92 -8.16 -0.06
CA VAL A 68 -0.64 -8.56 0.52
C VAL A 68 -0.13 -9.84 -0.12
N GLU A 69 1.10 -9.78 -0.64
CA GLU A 69 1.71 -10.95 -1.28
C GLU A 69 2.91 -11.44 -0.48
N ALA A 70 3.15 -12.74 -0.53
CA ALA A 70 4.26 -13.34 0.19
C ALA A 70 5.45 -13.58 -0.74
N GLY A 71 6.59 -12.96 -0.42
CA GLY A 71 7.78 -13.12 -1.23
C GLY A 71 8.43 -14.48 -1.06
N PRO A 72 9.57 -14.67 -1.72
CA PRO A 72 10.32 -15.93 -1.66
C PRO A 72 10.96 -16.16 -0.28
N ASP A 73 11.10 -15.08 0.48
CA ASP A 73 11.69 -15.16 1.81
C ASP A 73 10.65 -15.62 2.84
N GLY A 74 9.38 -15.38 2.54
CA GLY A 74 8.33 -15.77 3.44
C GLY A 74 7.63 -14.58 4.07
N ARG A 75 8.29 -13.43 4.05
CA ARG A 75 7.72 -12.21 4.63
C ARG A 75 6.55 -11.71 3.78
N SER A 76 5.78 -10.79 4.35
CA SER A 76 4.62 -10.23 3.66
C SER A 76 4.92 -8.81 3.16
N LYS A 77 4.27 -8.44 2.06
CA LYS A 77 4.47 -7.11 1.47
C LYS A 77 3.26 -6.70 0.64
N ALA A 78 3.16 -5.41 0.34
CA ALA A 78 2.05 -4.90 -0.46
C ALA A 78 2.55 -4.35 -1.79
N VAL A 79 1.75 -4.54 -2.84
CA VAL A 79 2.10 -4.06 -4.17
C VAL A 79 0.86 -3.78 -5.00
N ASN A 80 1.03 -3.04 -6.08
CA ASN A 80 -0.08 -2.70 -6.97
C ASN A 80 -1.15 -1.92 -6.22
N VAL A 81 -0.72 -0.92 -5.46
CA VAL A 81 -1.64 -0.09 -4.69
C VAL A 81 -2.22 1.03 -5.54
N THR A 82 -3.54 1.06 -5.67
CA THR A 82 -4.21 2.08 -6.47
C THR A 82 -4.71 3.22 -5.59
N GLY A 11 -3.14 -19.32 5.54
CA GLY A 11 -3.53 -18.56 4.37
C GLY A 11 -3.35 -19.34 3.08
N SER A 12 -3.94 -20.53 3.02
CA SER A 12 -3.85 -21.38 1.85
C SER A 12 -4.90 -20.99 0.81
N GLY A 13 -4.67 -19.84 0.17
CA GLY A 13 -5.61 -19.37 -0.85
C GLY A 13 -6.38 -18.15 -0.40
N GLU A 14 -6.50 -17.98 0.91
CA GLU A 14 -7.23 -16.85 1.47
C GLU A 14 -6.72 -15.53 0.89
N GLN A 15 -7.63 -14.75 0.31
CA GLN A 15 -7.27 -13.47 -0.29
C GLN A 15 -6.80 -12.49 0.78
N LEU A 16 -6.18 -11.39 0.33
CA LEU A 16 -5.67 -10.38 1.25
C LEU A 16 -6.06 -8.98 0.77
N ARG A 17 -7.17 -8.47 1.29
CA ARG A 17 -7.65 -7.15 0.92
C ARG A 17 -7.25 -6.11 1.96
N GLN A 18 -6.50 -5.10 1.54
CA GLN A 18 -6.05 -4.05 2.44
C GLN A 18 -6.45 -2.68 1.91
N GLN A 19 -6.58 -1.71 2.82
CA GLN A 19 -6.95 -0.35 2.44
C GLN A 19 -6.08 0.68 3.17
N GLY A 20 -5.75 1.76 2.47
CA GLY A 20 -4.92 2.79 3.06
C GLY A 20 -5.20 4.17 2.48
N THR A 21 -4.93 5.20 3.24
CA THR A 21 -5.16 6.58 2.80
C THR A 21 -3.84 7.27 2.47
N VAL A 22 -3.92 8.31 1.65
CA VAL A 22 -2.74 9.07 1.25
C VAL A 22 -2.33 10.06 2.34
N LYS A 23 -3.27 10.40 3.21
CA LYS A 23 -3.01 11.33 4.30
C LYS A 23 -1.77 10.92 5.09
N TRP A 24 -1.50 9.61 5.13
CA TRP A 24 -0.35 9.09 5.86
C TRP A 24 0.68 8.53 4.88
N PHE A 25 0.77 9.13 3.71
CA PHE A 25 1.72 8.68 2.69
C PHE A 25 2.79 9.74 2.44
N ASN A 26 4.03 9.29 2.29
CA ASN A 26 5.14 10.20 2.05
C ASN A 26 5.98 9.74 0.85
N ALA A 27 5.60 10.18 -0.33
CA ALA A 27 6.32 9.81 -1.55
C ALA A 27 7.74 10.37 -1.55
N THR A 28 7.85 11.65 -1.23
CA THR A 28 9.15 12.32 -1.21
C THR A 28 10.13 11.54 -0.34
N LYS A 29 9.71 11.17 0.86
CA LYS A 29 10.55 10.42 1.78
C LYS A 29 10.79 9.00 1.26
N GLY A 30 9.87 8.50 0.46
CA GLY A 30 10.01 7.16 -0.10
C GLY A 30 9.50 6.10 0.85
N PHE A 31 8.66 6.50 1.80
CA PHE A 31 8.10 5.56 2.77
C PHE A 31 6.77 6.07 3.31
N GLY A 32 5.70 5.36 3.00
CA GLY A 32 4.38 5.76 3.46
C GLY A 32 3.84 4.84 4.54
N PHE A 33 2.52 4.86 4.73
CA PHE A 33 1.88 4.02 5.74
C PHE A 33 0.45 3.69 5.34
N ILE A 34 0.00 2.50 5.72
CA ILE A 34 -1.36 2.05 5.40
C ILE A 34 -2.19 1.91 6.66
N THR A 35 -3.36 2.54 6.67
CA THR A 35 -4.25 2.48 7.82
C THR A 35 -5.54 1.75 7.47
N PRO A 36 -5.46 0.41 7.37
CA PRO A 36 -6.60 -0.44 7.03
C PRO A 36 -7.62 -0.49 8.17
N GLY A 37 -8.91 -0.46 7.81
CA GLY A 37 -9.95 -0.52 8.80
C GLY A 37 -10.44 0.86 9.20
N GLY A 38 -9.61 1.87 8.97
CA GLY A 38 -9.99 3.24 9.32
C GLY A 38 -10.23 3.41 10.80
N GLY A 39 -9.50 2.65 11.61
CA GLY A 39 -9.65 2.74 13.06
C GLY A 39 -8.52 3.49 13.72
N GLY A 40 -7.31 3.34 13.18
CA GLY A 40 -6.16 4.02 13.73
C GLY A 40 -4.87 3.25 13.50
N GLU A 41 -4.95 1.93 13.57
CA GLU A 41 -3.78 1.08 13.38
C GLU A 41 -3.08 1.42 12.06
N ASP A 42 -1.81 1.81 12.15
CA ASP A 42 -1.03 2.16 10.98
C ASP A 42 0.02 1.09 10.68
N LEU A 43 0.29 0.87 9.40
CA LEU A 43 1.27 -0.12 8.98
C LEU A 43 2.36 0.51 8.10
N PHE A 44 3.52 -0.12 8.06
CA PHE A 44 4.64 0.38 7.27
C PHE A 44 4.55 -0.15 5.84
N VAL A 45 4.81 0.74 4.88
CA VAL A 45 4.77 0.37 3.46
C VAL A 45 5.75 1.19 2.65
N HIS A 46 6.37 0.56 1.66
CA HIS A 46 7.34 1.24 0.80
C HIS A 46 6.97 1.07 -0.67
N GLN A 47 7.17 2.13 -1.44
CA GLN A 47 6.86 2.10 -2.87
C GLN A 47 7.90 1.31 -3.64
N THR A 48 7.56 0.06 -3.97
CA THR A 48 8.48 -0.80 -4.72
C THR A 48 7.97 -1.05 -6.13
N ASN A 49 6.66 -1.24 -6.26
CA ASN A 49 6.05 -1.50 -7.55
C ASN A 49 4.83 -0.60 -7.77
N ILE A 50 4.82 0.54 -7.10
CA ILE A 50 3.71 1.48 -7.21
C ILE A 50 4.16 2.78 -7.88
N ASN A 51 4.18 2.78 -9.21
CA ASN A 51 4.58 3.95 -9.97
C ASN A 51 3.67 4.16 -11.17
N SER A 52 3.87 5.27 -11.87
CA SER A 52 3.06 5.59 -13.04
C SER A 52 3.95 5.95 -14.23
N GLU A 53 3.51 5.58 -15.43
CA GLU A 53 4.25 5.86 -16.64
C GLU A 53 4.17 7.34 -17.01
N GLY A 54 3.02 7.94 -16.74
CA GLY A 54 2.82 9.34 -17.05
C GLY A 54 2.84 10.21 -15.81
N PHE A 55 1.66 10.65 -15.38
CA PHE A 55 1.54 11.50 -14.19
C PHE A 55 0.43 11.00 -13.27
N ARG A 56 0.40 11.53 -12.06
CA ARG A 56 -0.61 11.15 -11.08
C ARG A 56 -1.19 12.37 -10.38
N SER A 57 -2.51 12.53 -10.47
CA SER A 57 -3.18 13.66 -9.86
C SER A 57 -4.09 13.20 -8.72
N LEU A 58 -3.51 13.01 -7.55
CA LEU A 58 -4.26 12.56 -6.38
C LEU A 58 -4.03 13.50 -5.19
N ARG A 59 -4.99 13.54 -4.28
CA ARG A 59 -4.90 14.39 -3.10
C ARG A 59 -4.96 13.56 -1.83
N GLU A 60 -4.61 14.17 -0.70
CA GLU A 60 -4.63 13.49 0.59
C GLU A 60 -6.04 13.06 0.95
N GLY A 61 -6.17 11.83 1.46
CA GLY A 61 -7.47 11.32 1.85
C GLY A 61 -7.95 10.22 0.92
N GLU A 62 -7.38 10.16 -0.27
CA GLU A 62 -7.75 9.14 -1.25
C GLU A 62 -7.41 7.75 -0.75
N VAL A 63 -8.39 6.84 -0.81
CA VAL A 63 -8.19 5.47 -0.35
C VAL A 63 -7.68 4.59 -1.49
N VAL A 64 -6.69 3.74 -1.18
CA VAL A 64 -6.12 2.85 -2.17
C VAL A 64 -6.34 1.39 -1.78
N GLU A 65 -6.19 0.49 -2.76
CA GLU A 65 -6.38 -0.94 -2.52
C GLU A 65 -5.20 -1.74 -3.08
N PHE A 66 -4.82 -2.79 -2.36
CA PHE A 66 -3.71 -3.64 -2.79
C PHE A 66 -3.80 -5.02 -2.13
N GLU A 67 -2.96 -5.94 -2.59
CA GLU A 67 -2.94 -7.28 -2.05
C GLU A 67 -1.52 -7.68 -1.62
N VAL A 68 -1.44 -8.52 -0.60
CA VAL A 68 -0.15 -8.98 -0.09
C VAL A 68 0.46 -10.03 -1.00
N GLU A 69 1.69 -9.79 -1.44
CA GLU A 69 2.38 -10.72 -2.32
C GLU A 69 3.63 -11.28 -1.64
N ALA A 70 4.02 -12.48 -2.04
CA ALA A 70 5.19 -13.14 -1.48
C ALA A 70 6.35 -13.14 -2.46
N GLY A 71 7.42 -12.45 -2.12
CA GLY A 71 8.59 -12.39 -2.98
C GLY A 71 9.33 -13.70 -3.04
N PRO A 72 10.46 -13.71 -3.77
CA PRO A 72 11.30 -14.91 -3.92
C PRO A 72 12.02 -15.29 -2.63
N ASP A 73 12.18 -14.32 -1.73
CA ASP A 73 12.84 -14.55 -0.46
C ASP A 73 11.90 -15.26 0.51
N GLY A 74 10.60 -15.09 0.30
CA GLY A 74 9.61 -15.71 1.17
C GLY A 74 8.86 -14.71 2.02
N ARG A 75 9.43 -13.52 2.16
CA ARG A 75 8.80 -12.47 2.96
C ARG A 75 7.57 -11.92 2.25
N SER A 76 6.70 -11.28 3.02
CA SER A 76 5.47 -10.70 2.47
C SER A 76 5.61 -9.20 2.28
N LYS A 77 4.98 -8.67 1.24
CA LYS A 77 5.02 -7.25 0.95
C LYS A 77 3.86 -6.83 0.05
N ALA A 78 3.40 -5.60 0.22
CA ALA A 78 2.30 -5.07 -0.59
C ALA A 78 2.80 -4.45 -1.88
N VAL A 79 2.08 -4.68 -2.97
CA VAL A 79 2.45 -4.14 -4.27
C VAL A 79 1.22 -3.89 -5.13
N ASN A 80 1.43 -3.23 -6.27
CA ASN A 80 0.34 -2.92 -7.18
C ASN A 80 -0.78 -2.17 -6.46
N VAL A 81 -0.41 -1.11 -5.75
CA VAL A 81 -1.38 -0.30 -5.03
C VAL A 81 -1.98 0.79 -5.91
N THR A 82 -3.30 0.75 -6.06
CA THR A 82 -4.00 1.73 -6.89
C THR A 82 -5.38 2.04 -6.32
N GLY A 11 -1.83 -19.97 3.82
CA GLY A 11 -2.29 -20.96 2.87
C GLY A 11 -2.80 -20.34 1.58
N SER A 12 -3.97 -20.79 1.12
CA SER A 12 -4.56 -20.29 -0.09
C SER A 12 -6.08 -20.35 -0.03
N GLY A 13 -6.74 -19.52 -0.83
CA GLY A 13 -8.20 -19.50 -0.85
C GLY A 13 -8.76 -18.22 -0.27
N GLU A 14 -8.15 -17.74 0.81
CA GLU A 14 -8.61 -16.52 1.46
C GLU A 14 -8.38 -15.31 0.56
N GLN A 15 -8.77 -14.13 1.06
CA GLN A 15 -8.60 -12.89 0.30
C GLN A 15 -7.75 -11.89 1.07
N LEU A 16 -6.88 -11.18 0.37
CA LEU A 16 -6.02 -10.20 0.99
C LEU A 16 -6.38 -8.79 0.52
N ARG A 17 -7.50 -8.28 1.02
CA ARG A 17 -7.95 -6.94 0.66
C ARG A 17 -7.55 -5.91 1.71
N GLN A 18 -6.66 -5.00 1.35
CA GLN A 18 -6.18 -3.97 2.25
C GLN A 18 -6.59 -2.58 1.77
N GLN A 19 -6.52 -1.61 2.67
CA GLN A 19 -6.88 -0.23 2.34
C GLN A 19 -6.02 0.77 3.11
N GLY A 20 -5.48 1.74 2.40
CA GLY A 20 -4.64 2.75 3.04
C GLY A 20 -4.91 4.15 2.51
N THR A 21 -4.77 5.14 3.38
CA THR A 21 -4.99 6.53 2.98
C THR A 21 -3.68 7.22 2.62
N VAL A 22 -3.77 8.30 1.86
CA VAL A 22 -2.60 9.05 1.44
C VAL A 22 -2.15 10.03 2.53
N LYS A 23 -3.07 10.35 3.43
CA LYS A 23 -2.78 11.27 4.53
C LYS A 23 -1.51 10.84 5.27
N TRP A 24 -1.27 9.54 5.30
CA TRP A 24 -0.09 9.01 5.98
C TRP A 24 0.90 8.43 4.98
N PHE A 25 0.97 9.03 3.79
CA PHE A 25 1.87 8.57 2.75
C PHE A 25 2.93 9.63 2.44
N ASN A 26 4.14 9.17 2.15
CA ASN A 26 5.25 10.07 1.85
C ASN A 26 5.97 9.64 0.57
N ALA A 27 5.55 10.20 -0.56
CA ALA A 27 6.15 9.86 -1.84
C ALA A 27 7.60 10.36 -1.91
N THR A 28 7.80 11.64 -1.61
CA THR A 28 9.13 12.23 -1.63
C THR A 28 10.10 11.42 -0.78
N LYS A 29 9.61 10.88 0.33
CA LYS A 29 10.44 10.09 1.22
C LYS A 29 10.71 8.70 0.64
N GLY A 30 9.80 8.25 -0.21
CA GLY A 30 9.96 6.94 -0.83
C GLY A 30 9.40 5.82 0.03
N PHE A 31 8.48 6.17 0.91
CA PHE A 31 7.86 5.18 1.80
C PHE A 31 6.73 5.82 2.62
N GLY A 32 5.61 5.11 2.72
CA GLY A 32 4.48 5.61 3.48
C GLY A 32 3.96 4.61 4.48
N PHE A 33 2.66 4.64 4.74
CA PHE A 33 2.04 3.73 5.70
C PHE A 33 0.59 3.47 5.33
N ILE A 34 0.06 2.34 5.81
CA ILE A 34 -1.32 1.97 5.53
C ILE A 34 -2.14 1.93 6.81
N THR A 35 -3.32 2.56 6.77
CA THR A 35 -4.20 2.59 7.93
C THR A 35 -5.48 1.81 7.67
N PRO A 36 -5.37 0.47 7.70
CA PRO A 36 -6.51 -0.43 7.47
C PRO A 36 -7.52 -0.39 8.62
N GLY A 37 -8.80 -0.30 8.27
CA GLY A 37 -9.84 -0.26 9.28
C GLY A 37 -10.54 1.09 9.34
N GLY A 38 -9.83 2.14 8.94
CA GLY A 38 -10.41 3.46 8.94
C GLY A 38 -9.88 4.32 10.09
N GLY A 39 -8.61 4.13 10.43
CA GLY A 39 -8.00 4.88 11.51
C GLY A 39 -7.89 4.08 12.79
N GLY A 40 -6.77 4.21 13.47
CA GLY A 40 -6.56 3.49 14.71
C GLY A 40 -5.18 2.86 14.79
N GLU A 41 -4.76 2.23 13.70
CA GLU A 41 -3.46 1.57 13.65
C GLU A 41 -2.79 1.80 12.30
N ASP A 42 -1.51 2.17 12.33
CA ASP A 42 -0.76 2.42 11.11
C ASP A 42 0.23 1.28 10.85
N LEU A 43 0.42 0.96 9.57
CA LEU A 43 1.34 -0.11 9.17
C LEU A 43 2.37 0.41 8.18
N PHE A 44 3.53 -0.26 8.15
CA PHE A 44 4.61 0.14 7.25
C PHE A 44 4.43 -0.53 5.88
N VAL A 45 4.61 0.25 4.82
CA VAL A 45 4.47 -0.26 3.46
C VAL A 45 5.61 0.22 2.58
N HIS A 46 6.15 -0.67 1.76
CA HIS A 46 7.25 -0.33 0.86
C HIS A 46 6.76 -0.27 -0.58
N GLN A 47 7.43 0.55 -1.39
CA GLN A 47 7.06 0.71 -2.79
C GLN A 47 8.15 0.15 -3.70
N THR A 48 7.93 -1.06 -4.22
CA THR A 48 8.89 -1.71 -5.10
C THR A 48 8.35 -1.79 -6.52
N ASN A 49 7.03 -1.91 -6.65
CA ASN A 49 6.39 -2.00 -7.96
C ASN A 49 5.54 -0.77 -8.24
N ILE A 50 5.07 -0.14 -7.17
CA ILE A 50 4.23 1.04 -7.29
C ILE A 50 4.92 2.12 -8.13
N ASN A 51 4.53 2.23 -9.39
CA ASN A 51 5.10 3.21 -10.30
C ASN A 51 4.11 3.60 -11.39
N SER A 52 4.50 4.57 -12.22
CA SER A 52 3.64 5.04 -13.30
C SER A 52 4.47 5.71 -14.38
N GLU A 53 3.91 5.77 -15.59
CA GLU A 53 4.59 6.40 -16.72
C GLU A 53 4.62 7.92 -16.56
N GLY A 54 3.56 8.47 -15.98
CA GLY A 54 3.49 9.91 -15.77
C GLY A 54 3.13 10.27 -14.34
N PHE A 55 1.87 10.61 -14.13
CA PHE A 55 1.40 10.99 -12.80
C PHE A 55 0.14 10.21 -12.42
N ARG A 56 -0.31 10.37 -11.19
CA ARG A 56 -1.50 9.68 -10.70
C ARG A 56 -2.41 10.64 -9.93
N SER A 57 -3.71 10.49 -10.13
CA SER A 57 -4.70 11.34 -9.46
C SER A 57 -4.86 10.93 -8.00
N LEU A 58 -4.00 11.46 -7.14
CA LEU A 58 -4.04 11.15 -5.72
C LEU A 58 -4.28 12.42 -4.89
N ARG A 59 -4.76 12.23 -3.67
CA ARG A 59 -5.03 13.36 -2.78
C ARG A 59 -5.04 12.91 -1.32
N GLU A 60 -4.82 13.85 -0.41
CA GLU A 60 -4.81 13.55 1.02
C GLU A 60 -6.14 12.95 1.45
N GLY A 61 -6.11 11.69 1.86
CA GLY A 61 -7.32 11.02 2.30
C GLY A 61 -7.77 9.93 1.34
N GLU A 62 -7.27 10.00 0.11
CA GLU A 62 -7.64 9.02 -0.91
C GLU A 62 -7.22 7.61 -0.48
N VAL A 63 -8.16 6.68 -0.56
CA VAL A 63 -7.90 5.30 -0.19
C VAL A 63 -7.35 4.50 -1.35
N VAL A 64 -6.37 3.65 -1.08
CA VAL A 64 -5.75 2.83 -2.11
C VAL A 64 -6.01 1.34 -1.85
N GLU A 65 -6.05 0.56 -2.93
CA GLU A 65 -6.29 -0.87 -2.82
C GLU A 65 -5.06 -1.66 -3.28
N PHE A 66 -4.76 -2.74 -2.56
CA PHE A 66 -3.61 -3.58 -2.89
C PHE A 66 -3.71 -4.92 -2.18
N GLU A 67 -2.77 -5.81 -2.47
CA GLU A 67 -2.74 -7.14 -1.87
C GLU A 67 -1.32 -7.53 -1.47
N VAL A 68 -1.17 -8.08 -0.27
CA VAL A 68 0.13 -8.50 0.22
C VAL A 68 0.61 -9.76 -0.49
N GLU A 69 1.79 -9.69 -1.10
CA GLU A 69 2.35 -10.83 -1.82
C GLU A 69 3.70 -11.22 -1.22
N ALA A 70 4.09 -12.48 -1.45
CA ALA A 70 5.35 -12.99 -0.94
C ALA A 70 6.41 -13.04 -2.03
N GLY A 71 7.46 -12.23 -1.87
CA GLY A 71 8.53 -12.20 -2.85
C GLY A 71 9.36 -13.46 -2.85
N PRO A 72 10.42 -13.48 -3.68
CA PRO A 72 11.31 -14.64 -3.80
C PRO A 72 12.16 -14.84 -2.54
N ASP A 73 12.24 -13.80 -1.72
CA ASP A 73 13.02 -13.85 -0.49
C ASP A 73 12.28 -14.64 0.59
N GLY A 74 10.95 -14.67 0.48
CA GLY A 74 10.14 -15.39 1.44
C GLY A 74 9.31 -14.45 2.30
N ARG A 75 9.71 -13.18 2.36
CA ARG A 75 8.99 -12.19 3.15
C ARG A 75 7.73 -11.71 2.42
N SER A 76 6.89 -10.98 3.13
CA SER A 76 5.65 -10.47 2.56
C SER A 76 5.64 -8.95 2.55
N LYS A 77 5.11 -8.38 1.48
CA LYS A 77 5.03 -6.92 1.34
C LYS A 77 3.87 -6.52 0.45
N ALA A 78 3.56 -5.23 0.43
CA ALA A 78 2.47 -4.71 -0.38
C ALA A 78 2.99 -4.06 -1.67
N VAL A 79 2.33 -4.33 -2.78
CA VAL A 79 2.73 -3.78 -4.06
C VAL A 79 1.52 -3.59 -4.98
N ASN A 80 1.77 -3.03 -6.17
CA ASN A 80 0.70 -2.79 -7.14
C ASN A 80 -0.41 -1.94 -6.52
N VAL A 81 -0.03 -1.05 -5.62
CA VAL A 81 -0.99 -0.17 -4.95
C VAL A 81 -1.55 0.87 -5.93
N THR A 82 -2.87 0.92 -6.03
CA THR A 82 -3.53 1.87 -6.93
C THR A 82 -3.27 3.30 -6.49
N GLY A 11 -1.04 -22.72 3.85
CA GLY A 11 -2.08 -22.53 2.86
C GLY A 11 -1.66 -21.61 1.73
N SER A 12 -2.15 -21.88 0.53
CA SER A 12 -1.81 -21.07 -0.63
C SER A 12 -3.04 -20.35 -1.17
N GLY A 13 -2.83 -19.14 -1.67
CA GLY A 13 -3.93 -18.36 -2.21
C GLY A 13 -4.67 -17.58 -1.13
N GLU A 14 -3.92 -16.90 -0.27
CA GLU A 14 -4.51 -16.12 0.81
C GLU A 14 -4.62 -14.65 0.42
N GLN A 15 -5.78 -14.24 -0.08
CA GLN A 15 -6.00 -12.87 -0.48
C GLN A 15 -6.21 -11.97 0.73
N LEU A 16 -5.63 -10.77 0.69
CA LEU A 16 -5.75 -9.82 1.78
C LEU A 16 -6.04 -8.42 1.26
N ARG A 17 -7.33 -8.05 1.24
CA ARG A 17 -7.74 -6.74 0.76
C ARG A 17 -7.67 -5.70 1.88
N GLN A 18 -6.90 -4.65 1.65
CA GLN A 18 -6.74 -3.59 2.64
C GLN A 18 -6.95 -2.21 2.01
N GLN A 19 -7.19 -1.22 2.84
CA GLN A 19 -7.41 0.14 2.37
C GLN A 19 -6.58 1.14 3.17
N GLY A 20 -5.90 2.04 2.47
CA GLY A 20 -5.08 3.03 3.13
C GLY A 20 -5.26 4.43 2.54
N THR A 21 -5.01 5.44 3.36
CA THR A 21 -5.15 6.82 2.91
C THR A 21 -3.80 7.42 2.53
N VAL A 22 -3.83 8.48 1.71
CA VAL A 22 -2.60 9.13 1.27
C VAL A 22 -2.14 10.17 2.29
N LYS A 23 -3.05 10.59 3.15
CA LYS A 23 -2.74 11.57 4.18
C LYS A 23 -1.52 11.14 4.99
N TRP A 24 -1.32 9.84 5.11
CA TRP A 24 -0.19 9.30 5.86
C TRP A 24 0.81 8.63 4.92
N PHE A 25 0.93 9.17 3.71
CA PHE A 25 1.86 8.62 2.72
C PHE A 25 2.93 9.64 2.36
N ASN A 26 4.14 9.14 2.13
CA ASN A 26 5.27 10.01 1.78
C ASN A 26 6.05 9.44 0.60
N ALA A 27 5.85 10.02 -0.58
CA ALA A 27 6.54 9.57 -1.78
C ALA A 27 8.00 9.98 -1.76
N THR A 28 8.25 11.27 -1.57
CA THR A 28 9.61 11.79 -1.53
C THR A 28 10.45 11.04 -0.51
N LYS A 29 9.85 10.72 0.62
CA LYS A 29 10.54 10.00 1.69
C LYS A 29 10.87 8.57 1.26
N GLY A 30 10.08 8.05 0.32
CA GLY A 30 10.31 6.69 -0.17
C GLY A 30 9.63 5.65 0.70
N PHE A 31 8.58 6.06 1.40
CA PHE A 31 7.84 5.15 2.27
C PHE A 31 6.60 5.82 2.83
N GLY A 32 5.52 5.05 2.95
CA GLY A 32 4.27 5.59 3.47
C GLY A 32 3.70 4.75 4.60
N PHE A 33 2.39 4.84 4.80
CA PHE A 33 1.73 4.09 5.85
C PHE A 33 0.28 3.79 5.48
N ILE A 34 -0.28 2.73 6.04
CA ILE A 34 -1.66 2.34 5.77
C ILE A 34 -2.48 2.31 7.06
N THR A 35 -3.75 2.68 6.94
CA THR A 35 -4.65 2.70 8.08
C THR A 35 -5.74 1.64 7.95
N PRO A 36 -5.37 0.37 8.16
CA PRO A 36 -6.30 -0.75 8.07
C PRO A 36 -7.31 -0.76 9.21
N GLY A 37 -8.60 -0.88 8.85
CA GLY A 37 -9.64 -0.90 9.85
C GLY A 37 -10.14 0.49 10.19
N GLY A 38 -9.22 1.41 10.44
CA GLY A 38 -9.59 2.78 10.78
C GLY A 38 -9.49 3.05 12.26
N GLY A 39 -9.47 1.99 13.06
CA GLY A 39 -9.38 2.15 14.50
C GLY A 39 -8.21 3.04 14.91
N GLY A 40 -7.05 2.42 15.10
CA GLY A 40 -5.87 3.17 15.49
C GLY A 40 -4.60 2.38 15.31
N GLU A 41 -4.53 1.61 14.22
CA GLU A 41 -3.35 0.79 13.93
C GLU A 41 -2.70 1.24 12.62
N ASP A 42 -1.45 1.70 12.71
CA ASP A 42 -0.72 2.16 11.54
C ASP A 42 0.40 1.17 11.18
N LEU A 43 0.59 0.94 9.90
CA LEU A 43 1.62 0.02 9.42
C LEU A 43 2.53 0.70 8.42
N PHE A 44 3.81 0.33 8.42
CA PHE A 44 4.78 0.90 7.50
C PHE A 44 4.80 0.14 6.18
N VAL A 45 4.82 0.88 5.07
CA VAL A 45 4.84 0.28 3.75
C VAL A 45 5.94 0.89 2.88
N HIS A 46 6.73 0.03 2.25
CA HIS A 46 7.81 0.48 1.39
C HIS A 46 7.42 0.38 -0.08
N GLN A 47 7.28 1.53 -0.73
CA GLN A 47 6.91 1.58 -2.14
C GLN A 47 7.84 0.71 -2.98
N THR A 48 7.32 -0.43 -3.44
CA THR A 48 8.11 -1.35 -4.25
C THR A 48 7.61 -1.39 -5.68
N ASN A 49 6.30 -1.58 -5.84
CA ASN A 49 5.69 -1.63 -7.16
C ASN A 49 4.59 -0.58 -7.30
N ILE A 50 4.73 0.51 -6.54
CA ILE A 50 3.75 1.58 -6.58
C ILE A 50 4.29 2.79 -7.34
N ASN A 51 4.15 2.76 -8.66
CA ASN A 51 4.63 3.84 -9.51
C ASN A 51 3.79 3.96 -10.78
N SER A 52 4.16 4.90 -11.64
CA SER A 52 3.43 5.12 -12.90
C SER A 52 4.39 5.56 -14.00
N GLU A 53 4.01 5.27 -15.24
CA GLU A 53 4.82 5.64 -16.39
C GLU A 53 4.66 7.11 -16.74
N GLY A 54 3.45 7.63 -16.49
CA GLY A 54 3.18 9.03 -16.78
C GLY A 54 3.25 9.91 -15.55
N PHE A 55 2.10 10.42 -15.12
CA PHE A 55 2.04 11.28 -13.93
C PHE A 55 0.91 10.85 -13.01
N ARG A 56 0.95 11.35 -11.78
CA ARG A 56 -0.08 11.01 -10.79
C ARG A 56 -0.58 12.27 -10.09
N SER A 57 -1.82 12.64 -10.37
CA SER A 57 -2.42 13.82 -9.76
C SER A 57 -3.45 13.43 -8.71
N LEU A 58 -2.97 13.16 -7.50
CA LEU A 58 -3.84 12.77 -6.39
C LEU A 58 -3.54 13.60 -5.14
N ARG A 59 -4.58 13.87 -4.36
CA ARG A 59 -4.42 14.65 -3.14
C ARG A 59 -4.52 13.75 -1.91
N GLU A 60 -4.22 14.32 -0.75
CA GLU A 60 -4.26 13.58 0.51
C GLU A 60 -5.70 13.20 0.86
N GLY A 61 -5.86 12.04 1.48
CA GLY A 61 -7.19 11.59 1.87
C GLY A 61 -7.71 10.50 0.96
N GLU A 62 -7.13 10.39 -0.23
CA GLU A 62 -7.55 9.38 -1.20
C GLU A 62 -7.30 7.98 -0.66
N VAL A 63 -8.31 7.13 -0.73
CA VAL A 63 -8.20 5.75 -0.25
C VAL A 63 -7.76 4.82 -1.38
N VAL A 64 -6.74 4.01 -1.11
CA VAL A 64 -6.23 3.07 -2.09
C VAL A 64 -6.52 1.63 -1.68
N GLU A 65 -6.08 0.68 -2.50
CA GLU A 65 -6.28 -0.73 -2.21
C GLU A 65 -5.11 -1.57 -2.73
N PHE A 66 -4.74 -2.58 -1.95
CA PHE A 66 -3.62 -3.45 -2.33
C PHE A 66 -3.84 -4.87 -1.77
N GLU A 67 -2.95 -5.78 -2.16
CA GLU A 67 -3.04 -7.16 -1.70
C GLU A 67 -1.65 -7.75 -1.46
N VAL A 68 -1.55 -8.63 -0.47
CA VAL A 68 -0.28 -9.26 -0.15
C VAL A 68 0.09 -10.33 -1.16
N GLU A 69 1.36 -10.37 -1.54
CA GLU A 69 1.84 -11.36 -2.51
C GLU A 69 3.08 -12.08 -1.99
N ALA A 70 3.09 -13.40 -2.16
CA ALA A 70 4.22 -14.21 -1.71
C ALA A 70 5.30 -14.29 -2.77
N GLY A 71 6.46 -13.72 -2.48
CA GLY A 71 7.56 -13.73 -3.43
C GLY A 71 8.32 -15.05 -3.41
N PRO A 72 9.36 -15.15 -4.26
CA PRO A 72 10.18 -16.35 -4.35
C PRO A 72 11.04 -16.57 -3.11
N ASP A 73 11.21 -15.51 -2.32
CA ASP A 73 12.01 -15.58 -1.10
C ASP A 73 11.27 -16.38 -0.02
N GLY A 74 9.95 -16.40 -0.11
CA GLY A 74 9.15 -17.12 0.86
C GLY A 74 8.32 -16.20 1.72
N ARG A 75 8.70 -14.92 1.76
CA ARG A 75 7.98 -13.94 2.56
C ARG A 75 6.95 -13.20 1.71
N SER A 76 5.90 -12.70 2.37
CA SER A 76 4.84 -11.99 1.67
C SER A 76 4.82 -10.52 2.07
N LYS A 77 4.36 -9.67 1.16
CA LYS A 77 4.29 -8.24 1.41
C LYS A 77 3.24 -7.58 0.53
N ALA A 78 2.83 -6.37 0.90
CA ALA A 78 1.83 -5.63 0.13
C ALA A 78 2.48 -4.84 -0.99
N VAL A 79 1.92 -4.97 -2.19
CA VAL A 79 2.44 -4.27 -3.37
C VAL A 79 1.34 -3.98 -4.37
N ASN A 80 1.69 -3.28 -5.44
CA ASN A 80 0.73 -2.92 -6.48
C ASN A 80 -0.48 -2.20 -5.88
N VAL A 81 -0.21 -1.15 -5.13
CA VAL A 81 -1.27 -0.37 -4.50
C VAL A 81 -1.93 0.58 -5.51
N THR A 82 -3.24 0.41 -5.70
CA THR A 82 -3.99 1.25 -6.63
C THR A 82 -3.92 2.72 -6.22
N GLY A 11 -6.48 -21.15 -7.05
CA GLY A 11 -6.65 -21.29 -5.61
C GLY A 11 -7.67 -20.32 -5.05
N SER A 12 -8.16 -20.61 -3.85
CA SER A 12 -9.15 -19.75 -3.21
C SER A 12 -9.15 -19.96 -1.69
N GLY A 13 -9.51 -18.91 -0.96
CA GLY A 13 -9.54 -19.00 0.49
C GLY A 13 -8.43 -18.20 1.15
N GLU A 14 -7.31 -18.08 0.45
CA GLU A 14 -6.16 -17.34 0.97
C GLU A 14 -6.01 -16.00 0.25
N GLN A 15 -6.77 -15.01 0.70
CA GLN A 15 -6.71 -13.68 0.11
C GLN A 15 -6.31 -12.64 1.14
N LEU A 16 -5.74 -11.53 0.66
CA LEU A 16 -5.30 -10.45 1.55
C LEU A 16 -5.73 -9.10 1.00
N ARG A 17 -6.86 -8.60 1.48
CA ARG A 17 -7.38 -7.32 1.03
C ARG A 17 -7.09 -6.23 2.07
N GLN A 18 -6.37 -5.19 1.64
CA GLN A 18 -6.02 -4.09 2.52
C GLN A 18 -6.22 -2.75 1.82
N GLN A 19 -6.40 -1.70 2.62
CA GLN A 19 -6.60 -0.35 2.07
C GLN A 19 -5.94 0.69 2.96
N GLY A 20 -5.45 1.77 2.33
CA GLY A 20 -4.80 2.82 3.08
C GLY A 20 -5.13 4.20 2.54
N THR A 21 -4.79 5.23 3.30
CA THR A 21 -5.06 6.60 2.91
C THR A 21 -3.77 7.34 2.56
N VAL A 22 -3.88 8.36 1.72
CA VAL A 22 -2.73 9.15 1.31
C VAL A 22 -2.34 10.17 2.37
N LYS A 23 -3.30 10.49 3.24
CA LYS A 23 -3.07 11.45 4.31
C LYS A 23 -1.83 11.08 5.11
N TRP A 24 -1.54 9.79 5.19
CA TRP A 24 -0.38 9.30 5.92
C TRP A 24 0.68 8.76 4.97
N PHE A 25 0.78 9.36 3.79
CA PHE A 25 1.75 8.94 2.79
C PHE A 25 2.84 9.99 2.61
N ASN A 26 4.07 9.54 2.38
CA ASN A 26 5.20 10.44 2.20
C ASN A 26 6.01 10.03 0.97
N ALA A 27 5.53 10.41 -0.21
CA ALA A 27 6.22 10.09 -1.45
C ALA A 27 7.61 10.71 -1.49
N THR A 28 7.68 12.02 -1.20
CA THR A 28 8.95 12.72 -1.20
C THR A 28 9.98 12.02 -0.34
N LYS A 29 9.52 11.44 0.77
CA LYS A 29 10.41 10.72 1.69
C LYS A 29 10.67 9.30 1.18
N GLY A 30 9.73 8.77 0.42
CA GLY A 30 9.89 7.42 -0.11
C GLY A 30 9.42 6.36 0.85
N PHE A 31 8.59 6.76 1.82
CA PHE A 31 8.07 5.82 2.81
C PHE A 31 6.74 6.31 3.36
N GLY A 32 5.68 5.56 3.07
CA GLY A 32 4.36 5.94 3.56
C GLY A 32 3.82 4.98 4.60
N PHE A 33 2.50 4.96 4.77
CA PHE A 33 1.88 4.08 5.76
C PHE A 33 0.47 3.72 5.33
N ILE A 34 -0.01 2.57 5.79
CA ILE A 34 -1.36 2.11 5.47
C ILE A 34 -2.27 2.12 6.69
N THR A 35 -3.53 2.48 6.48
CA THR A 35 -4.49 2.52 7.57
C THR A 35 -5.58 1.47 7.38
N PRO A 36 -5.23 0.20 7.65
CA PRO A 36 -6.15 -0.93 7.52
C PRO A 36 -7.24 -0.90 8.59
N GLY A 37 -8.38 -1.51 8.29
CA GLY A 37 -9.48 -1.55 9.23
C GLY A 37 -10.11 -0.19 9.44
N GLY A 38 -9.93 0.70 8.46
CA GLY A 38 -10.50 2.03 8.56
C GLY A 38 -10.06 2.76 9.83
N GLY A 39 -8.81 2.53 10.23
CA GLY A 39 -8.30 3.17 11.43
C GLY A 39 -7.55 2.21 12.32
N GLY A 40 -7.02 2.72 13.43
CA GLY A 40 -6.28 1.89 14.35
C GLY A 40 -4.78 2.15 14.30
N GLU A 41 -4.01 1.10 14.07
CA GLU A 41 -2.56 1.21 14.00
C GLU A 41 -2.09 1.30 12.56
N ASP A 42 -1.30 2.33 12.26
CA ASP A 42 -0.78 2.53 10.91
C ASP A 42 0.34 1.54 10.61
N LEU A 43 0.26 0.90 9.44
CA LEU A 43 1.27 -0.07 9.03
C LEU A 43 2.30 0.57 8.12
N PHE A 44 3.50 0.00 8.09
CA PHE A 44 4.57 0.51 7.26
C PHE A 44 4.54 -0.12 5.86
N VAL A 45 4.81 0.68 4.84
CA VAL A 45 4.81 0.20 3.46
C VAL A 45 5.96 0.82 2.67
N HIS A 46 6.60 0.01 1.84
CA HIS A 46 7.71 0.48 1.02
C HIS A 46 7.34 0.46 -0.46
N GLN A 47 7.75 1.50 -1.18
CA GLN A 47 7.45 1.61 -2.60
C GLN A 47 8.33 0.66 -3.42
N THR A 48 7.75 -0.45 -3.84
CA THR A 48 8.48 -1.44 -4.63
C THR A 48 7.98 -1.48 -6.07
N ASN A 49 6.67 -1.56 -6.24
CA ASN A 49 6.07 -1.60 -7.57
C ASN A 49 4.94 -0.58 -7.69
N ILE A 50 5.02 0.48 -6.89
CA ILE A 50 4.00 1.52 -6.90
C ILE A 50 4.47 2.73 -7.72
N ASN A 51 4.32 2.65 -9.03
CA ASN A 51 4.72 3.72 -9.92
C ASN A 51 3.82 3.79 -11.14
N SER A 52 3.90 4.89 -11.87
CA SER A 52 3.09 5.09 -13.07
C SER A 52 3.94 5.57 -14.24
N GLU A 53 3.59 5.13 -15.44
CA GLU A 53 4.32 5.53 -16.64
C GLU A 53 4.02 6.97 -17.02
N GLY A 54 2.80 7.40 -16.73
CA GLY A 54 2.39 8.76 -17.05
C GLY A 54 2.40 9.67 -15.83
N PHE A 55 1.20 10.07 -15.40
CA PHE A 55 1.07 10.93 -14.23
C PHE A 55 0.02 10.39 -13.26
N ARG A 56 -0.07 11.02 -12.10
CA ARG A 56 -1.04 10.60 -11.08
C ARG A 56 -1.59 11.80 -10.34
N SER A 57 -2.91 12.00 -10.44
CA SER A 57 -3.58 13.11 -9.79
C SER A 57 -4.35 12.64 -8.56
N LEU A 58 -3.66 12.58 -7.42
CA LEU A 58 -4.28 12.15 -6.17
C LEU A 58 -3.97 13.12 -5.05
N ARG A 59 -4.88 13.21 -4.09
CA ARG A 59 -4.72 14.12 -2.96
C ARG A 59 -4.83 13.35 -1.64
N GLU A 60 -4.54 14.04 -0.54
CA GLU A 60 -4.61 13.43 0.78
C GLU A 60 -6.04 13.00 1.11
N GLY A 61 -6.18 11.79 1.65
CA GLY A 61 -7.49 11.28 2.00
C GLY A 61 -7.96 10.19 1.06
N GLU A 62 -7.37 10.15 -0.13
CA GLU A 62 -7.73 9.15 -1.13
C GLU A 62 -7.39 7.74 -0.63
N VAL A 63 -8.37 6.85 -0.71
CA VAL A 63 -8.18 5.46 -0.27
C VAL A 63 -7.64 4.60 -1.41
N VAL A 64 -6.70 3.72 -1.07
CA VAL A 64 -6.09 2.83 -2.07
C VAL A 64 -6.35 1.37 -1.72
N GLU A 65 -5.97 0.48 -2.62
CA GLU A 65 -6.16 -0.95 -2.41
C GLU A 65 -4.96 -1.75 -2.91
N PHE A 66 -4.59 -2.79 -2.18
CA PHE A 66 -3.45 -3.62 -2.55
C PHE A 66 -3.53 -4.98 -1.87
N GLU A 67 -2.60 -5.86 -2.22
CA GLU A 67 -2.56 -7.21 -1.64
C GLU A 67 -1.16 -7.55 -1.14
N VAL A 68 -1.10 -8.29 -0.04
CA VAL A 68 0.18 -8.69 0.55
C VAL A 68 0.86 -9.76 -0.30
N GLU A 69 2.05 -9.44 -0.81
CA GLU A 69 2.81 -10.38 -1.63
C GLU A 69 3.94 -11.02 -0.83
N ALA A 70 4.13 -12.32 -1.02
CA ALA A 70 5.17 -13.05 -0.32
C ALA A 70 6.40 -13.25 -1.21
N GLY A 71 7.45 -12.49 -0.94
CA GLY A 71 8.66 -12.60 -1.74
C GLY A 71 9.19 -14.03 -1.78
N PRO A 72 10.26 -14.24 -2.57
CA PRO A 72 10.89 -15.55 -2.72
C PRO A 72 11.61 -16.01 -1.45
N ASP A 73 11.92 -15.05 -0.58
CA ASP A 73 12.61 -15.35 0.67
C ASP A 73 11.61 -15.77 1.74
N GLY A 74 10.36 -15.34 1.60
CA GLY A 74 9.34 -15.68 2.57
C GLY A 74 8.88 -14.49 3.38
N ARG A 75 9.22 -13.29 2.90
CA ARG A 75 8.82 -12.06 3.58
C ARG A 75 7.59 -11.45 2.95
N SER A 76 6.83 -10.68 3.73
CA SER A 76 5.62 -10.05 3.24
C SER A 76 5.89 -8.60 2.83
N LYS A 77 5.27 -8.17 1.73
CA LYS A 77 5.44 -6.81 1.23
C LYS A 77 4.23 -6.38 0.43
N ALA A 78 3.84 -5.12 0.60
CA ALA A 78 2.69 -4.57 -0.12
C ALA A 78 3.12 -3.88 -1.42
N VAL A 79 2.39 -4.16 -2.49
CA VAL A 79 2.70 -3.58 -3.79
C VAL A 79 1.44 -3.46 -4.65
N ASN A 80 1.59 -2.86 -5.82
CA ASN A 80 0.47 -2.68 -6.74
C ASN A 80 -0.64 -1.86 -6.08
N VAL A 81 -0.25 -0.89 -5.26
CA VAL A 81 -1.21 -0.04 -4.57
C VAL A 81 -1.83 0.97 -5.53
N THR A 82 -3.15 0.89 -5.70
CA THR A 82 -3.86 1.80 -6.59
C THR A 82 -3.81 3.23 -6.07
N GLY A 11 -5.51 -23.72 -3.77
CA GLY A 11 -6.88 -23.27 -3.97
C GLY A 11 -7.12 -21.90 -3.37
N SER A 12 -8.17 -21.23 -3.85
CA SER A 12 -8.50 -19.90 -3.35
C SER A 12 -8.86 -19.93 -1.87
N GLY A 13 -9.16 -18.77 -1.31
CA GLY A 13 -9.52 -18.68 0.10
C GLY A 13 -8.48 -17.97 0.91
N GLU A 14 -7.25 -17.93 0.41
CA GLU A 14 -6.15 -17.27 1.10
C GLU A 14 -5.84 -15.92 0.46
N GLN A 15 -6.57 -14.89 0.88
CA GLN A 15 -6.36 -13.55 0.34
C GLN A 15 -6.05 -12.55 1.46
N LEU A 16 -5.47 -11.42 1.08
CA LEU A 16 -5.11 -10.40 2.06
C LEU A 16 -5.56 -9.02 1.58
N ARG A 17 -6.76 -8.62 2.00
CA ARG A 17 -7.31 -7.33 1.61
C ARG A 17 -6.75 -6.21 2.50
N GLN A 18 -6.11 -5.23 1.88
CA GLN A 18 -5.53 -4.11 2.61
C GLN A 18 -5.89 -2.79 1.95
N GLN A 19 -6.15 -1.77 2.77
CA GLN A 19 -6.50 -0.45 2.27
C GLN A 19 -5.75 0.63 3.02
N GLY A 20 -5.36 1.68 2.31
CA GLY A 20 -4.64 2.77 2.93
C GLY A 20 -5.06 4.13 2.39
N THR A 21 -4.80 5.18 3.16
CA THR A 21 -5.16 6.53 2.75
C THR A 21 -3.91 7.37 2.47
N VAL A 22 -4.03 8.30 1.53
CA VAL A 22 -2.92 9.16 1.16
C VAL A 22 -2.65 10.19 2.25
N LYS A 23 -3.65 10.45 3.08
CA LYS A 23 -3.53 11.42 4.17
C LYS A 23 -2.29 11.12 5.02
N TRP A 24 -1.93 9.85 5.09
CA TRP A 24 -0.76 9.43 5.87
C TRP A 24 0.37 8.98 4.95
N PHE A 25 0.47 9.60 3.79
CA PHE A 25 1.51 9.26 2.82
C PHE A 25 2.54 10.38 2.71
N ASN A 26 3.80 10.00 2.53
CA ASN A 26 4.88 10.98 2.41
C ASN A 26 5.75 10.68 1.18
N ALA A 27 5.29 11.12 0.02
CA ALA A 27 6.02 10.90 -1.23
C ALA A 27 7.38 11.58 -1.17
N THR A 28 7.41 12.82 -0.71
CA THR A 28 8.65 13.58 -0.62
C THR A 28 9.72 12.79 0.12
N LYS A 29 9.34 12.21 1.26
CA LYS A 29 10.28 11.43 2.06
C LYS A 29 10.56 10.09 1.40
N GLY A 30 9.62 9.61 0.59
CA GLY A 30 9.80 8.34 -0.08
C GLY A 30 9.36 7.17 0.76
N PHE A 31 8.54 7.44 1.77
CA PHE A 31 8.05 6.39 2.66
C PHE A 31 6.72 6.80 3.31
N GLY A 32 5.67 6.08 2.97
CA GLY A 32 4.36 6.38 3.52
C GLY A 32 3.89 5.33 4.51
N PHE A 33 2.58 5.26 4.73
CA PHE A 33 2.01 4.29 5.66
C PHE A 33 0.59 3.91 5.23
N ILE A 34 0.09 2.80 5.80
CA ILE A 34 -1.24 2.32 5.49
C ILE A 34 -2.10 2.24 6.74
N THR A 35 -3.31 2.80 6.66
CA THR A 35 -4.23 2.80 7.78
C THR A 35 -5.46 1.95 7.48
N PRO A 36 -5.28 0.62 7.51
CA PRO A 36 -6.36 -0.33 7.25
C PRO A 36 -7.42 -0.35 8.36
N GLY A 37 -8.68 -0.38 7.97
CA GLY A 37 -9.76 -0.40 8.94
C GLY A 37 -10.54 0.91 8.96
N GLY A 38 -9.88 1.99 8.59
CA GLY A 38 -10.53 3.29 8.58
C GLY A 38 -10.08 4.17 9.73
N GLY A 39 -8.81 4.05 10.11
CA GLY A 39 -8.29 4.85 11.20
C GLY A 39 -8.03 4.03 12.44
N GLY A 40 -6.84 3.43 12.51
CA GLY A 40 -6.49 2.61 13.66
C GLY A 40 -4.99 2.45 13.83
N GLU A 41 -4.44 1.43 13.21
CA GLU A 41 -3.00 1.16 13.29
C GLU A 41 -2.31 1.48 11.96
N ASP A 42 -1.38 2.41 11.99
CA ASP A 42 -0.64 2.81 10.79
C ASP A 42 0.60 1.94 10.62
N LEU A 43 0.68 1.26 9.47
CA LEU A 43 1.81 0.39 9.18
C LEU A 43 2.67 0.99 8.05
N PHE A 44 3.89 0.49 7.93
CA PHE A 44 4.81 0.96 6.90
C PHE A 44 4.61 0.18 5.60
N VAL A 45 4.69 0.88 4.47
CA VAL A 45 4.52 0.25 3.17
C VAL A 45 5.69 0.58 2.25
N HIS A 46 6.19 -0.44 1.56
CA HIS A 46 7.31 -0.26 0.63
C HIS A 46 6.82 -0.09 -0.79
N GLN A 47 7.58 0.64 -1.60
CA GLN A 47 7.22 0.87 -2.99
C GLN A 47 8.16 0.13 -3.93
N THR A 48 7.68 -1.00 -4.45
CA THR A 48 8.47 -1.82 -5.36
C THR A 48 7.91 -1.76 -6.78
N ASN A 49 6.61 -1.95 -6.90
CA ASN A 49 5.95 -1.91 -8.21
C ASN A 49 4.83 -0.89 -8.22
N ILE A 50 4.95 0.12 -7.37
CA ILE A 50 3.94 1.18 -7.29
C ILE A 50 4.42 2.45 -7.97
N ASN A 51 4.27 2.50 -9.29
CA ASN A 51 4.69 3.66 -10.07
C ASN A 51 3.85 3.80 -11.34
N SER A 52 3.76 5.02 -11.85
CA SER A 52 2.98 5.29 -13.06
C SER A 52 3.90 5.71 -14.21
N GLU A 53 3.33 5.82 -15.40
CA GLU A 53 4.09 6.21 -16.58
C GLU A 53 3.94 7.70 -16.86
N GLY A 54 3.64 8.46 -15.80
CA GLY A 54 3.47 9.90 -15.95
C GLY A 54 3.30 10.61 -14.62
N PHE A 55 2.14 11.20 -14.41
CA PHE A 55 1.86 11.92 -13.17
C PHE A 55 0.54 11.45 -12.55
N ARG A 56 0.49 11.43 -11.23
CA ARG A 56 -0.71 11.00 -10.52
C ARG A 56 -1.34 12.17 -9.76
N SER A 57 -2.43 12.68 -10.29
CA SER A 57 -3.13 13.80 -9.67
C SER A 57 -4.16 13.32 -8.66
N LEU A 58 -3.72 13.09 -7.43
CA LEU A 58 -4.61 12.62 -6.38
C LEU A 58 -4.49 13.49 -5.13
N ARG A 59 -5.59 13.61 -4.38
CA ARG A 59 -5.61 14.41 -3.17
C ARG A 59 -5.62 13.52 -1.92
N GLU A 60 -5.24 14.10 -0.79
CA GLU A 60 -5.21 13.36 0.47
C GLU A 60 -6.58 12.78 0.79
N GLY A 61 -6.58 11.61 1.42
CA GLY A 61 -7.83 10.96 1.78
C GLY A 61 -8.18 9.82 0.84
N GLU A 62 -7.57 9.82 -0.34
CA GLU A 62 -7.83 8.79 -1.33
C GLU A 62 -7.49 7.41 -0.77
N VAL A 63 -8.42 6.47 -0.90
CA VAL A 63 -8.22 5.11 -0.42
C VAL A 63 -7.65 4.21 -1.50
N VAL A 64 -6.64 3.42 -1.16
CA VAL A 64 -6.01 2.51 -2.10
C VAL A 64 -6.26 1.06 -1.72
N GLU A 65 -5.78 0.14 -2.55
CA GLU A 65 -5.94 -1.28 -2.29
C GLU A 65 -4.75 -2.08 -2.82
N PHE A 66 -4.49 -3.22 -2.21
CA PHE A 66 -3.37 -4.08 -2.62
C PHE A 66 -3.42 -5.41 -1.89
N GLU A 67 -2.55 -6.34 -2.31
CA GLU A 67 -2.49 -7.66 -1.70
C GLU A 67 -1.06 -8.01 -1.31
N VAL A 68 -0.93 -8.85 -0.28
CA VAL A 68 0.39 -9.26 0.20
C VAL A 68 0.95 -10.41 -0.64
N GLU A 69 2.14 -10.22 -1.19
CA GLU A 69 2.77 -11.24 -2.01
C GLU A 69 3.88 -11.96 -1.23
N ALA A 70 3.79 -13.28 -1.18
CA ALA A 70 4.78 -14.09 -0.47
C ALA A 70 6.00 -14.36 -1.35
N GLY A 71 7.13 -13.77 -0.99
CA GLY A 71 8.34 -13.95 -1.75
C GLY A 71 8.77 -15.42 -1.81
N PRO A 72 9.86 -15.68 -2.55
CA PRO A 72 10.39 -17.05 -2.70
C PRO A 72 10.99 -17.58 -1.41
N ASP A 73 11.29 -16.68 -0.48
CA ASP A 73 11.89 -17.07 0.79
C ASP A 73 10.80 -17.26 1.85
N GLY A 74 9.67 -16.60 1.66
CA GLY A 74 8.57 -16.73 2.61
C GLY A 74 8.25 -15.41 3.29
N ARG A 75 8.77 -14.31 2.75
CA ARG A 75 8.54 -13.00 3.31
C ARG A 75 7.30 -12.34 2.70
N SER A 76 6.70 -11.41 3.43
CA SER A 76 5.51 -10.72 2.96
C SER A 76 5.86 -9.31 2.48
N LYS A 77 5.22 -8.90 1.39
CA LYS A 77 5.45 -7.58 0.82
C LYS A 77 4.22 -7.09 0.05
N ALA A 78 3.89 -5.82 0.23
CA ALA A 78 2.75 -5.23 -0.45
C ALA A 78 3.17 -4.51 -1.73
N VAL A 79 2.41 -4.71 -2.81
CA VAL A 79 2.71 -4.09 -4.08
C VAL A 79 1.45 -3.90 -4.91
N ASN A 80 1.58 -3.17 -6.02
CA ASN A 80 0.45 -2.93 -6.90
C ASN A 80 -0.64 -2.14 -6.18
N VAL A 81 -0.22 -1.12 -5.43
CA VAL A 81 -1.16 -0.29 -4.69
C VAL A 81 -1.88 0.69 -5.62
N THR A 82 -3.20 0.52 -5.73
CA THR A 82 -4.00 1.39 -6.58
C THR A 82 -4.94 2.26 -5.76
N GLY A 11 -8.16 -24.11 2.07
CA GLY A 11 -7.88 -22.68 2.05
C GLY A 11 -9.08 -21.86 1.62
N SER A 12 -10.07 -21.76 2.50
CA SER A 12 -11.28 -21.00 2.20
C SER A 12 -11.25 -19.65 2.91
N GLY A 13 -11.29 -18.58 2.11
CA GLY A 13 -11.27 -17.25 2.67
C GLY A 13 -9.86 -16.76 2.98
N GLU A 14 -8.91 -17.18 2.15
CA GLU A 14 -7.52 -16.80 2.34
C GLU A 14 -7.14 -15.66 1.41
N GLN A 15 -8.01 -14.66 1.30
CA GLN A 15 -7.76 -13.52 0.43
C GLN A 15 -6.97 -12.45 1.16
N LEU A 16 -6.18 -11.68 0.41
CA LEU A 16 -5.37 -10.62 0.98
C LEU A 16 -5.82 -9.25 0.47
N ARG A 17 -6.90 -8.74 1.06
CA ARG A 17 -7.43 -7.44 0.67
C ARG A 17 -7.09 -6.38 1.72
N GLN A 18 -6.28 -5.42 1.32
CA GLN A 18 -5.87 -4.34 2.23
C GLN A 18 -6.15 -2.98 1.61
N GLN A 19 -6.31 -1.97 2.45
CA GLN A 19 -6.58 -0.61 1.98
C GLN A 19 -5.82 0.41 2.81
N GLY A 20 -5.41 1.50 2.17
CA GLY A 20 -4.66 2.54 2.86
C GLY A 20 -5.04 3.93 2.38
N THR A 21 -4.56 4.94 3.11
CA THR A 21 -4.85 6.33 2.75
C THR A 21 -3.57 7.11 2.50
N VAL A 22 -3.66 8.15 1.68
CA VAL A 22 -2.51 8.98 1.36
C VAL A 22 -2.30 10.05 2.41
N LYS A 23 -3.35 10.34 3.18
CA LYS A 23 -3.27 11.35 4.23
C LYS A 23 -2.07 11.09 5.14
N TRP A 24 -1.71 9.83 5.31
CA TRP A 24 -0.60 9.46 6.16
C TRP A 24 0.57 8.93 5.32
N PHE A 25 0.72 9.49 4.12
CA PHE A 25 1.80 9.08 3.22
C PHE A 25 2.75 10.24 2.96
N ASN A 26 4.04 9.93 2.91
CA ASN A 26 5.06 10.95 2.67
C ASN A 26 5.72 10.75 1.30
N ALA A 27 5.25 11.49 0.31
CA ALA A 27 5.79 11.38 -1.04
C ALA A 27 7.21 11.94 -1.11
N THR A 28 7.40 13.14 -0.56
CA THR A 28 8.71 13.78 -0.55
C THR A 28 9.77 12.85 0.00
N LYS A 29 9.41 12.08 1.02
CA LYS A 29 10.33 11.14 1.64
C LYS A 29 10.43 9.86 0.83
N GLY A 30 9.39 9.56 0.07
CA GLY A 30 9.38 8.36 -0.74
C GLY A 30 8.88 7.14 0.03
N PHE A 31 8.10 7.38 1.07
CA PHE A 31 7.57 6.30 1.90
C PHE A 31 6.20 6.68 2.46
N GLY A 32 5.65 5.80 3.29
CA GLY A 32 4.35 6.04 3.88
C GLY A 32 3.88 4.89 4.74
N PHE A 33 2.56 4.80 4.94
CA PHE A 33 1.99 3.73 5.75
C PHE A 33 0.57 3.41 5.28
N ILE A 34 0.03 2.29 5.78
CA ILE A 34 -1.31 1.87 5.42
C ILE A 34 -2.20 1.75 6.66
N THR A 35 -3.39 2.34 6.59
CA THR A 35 -4.33 2.30 7.69
C THR A 35 -5.58 1.50 7.33
N PRO A 36 -5.43 0.16 7.30
CA PRO A 36 -6.54 -0.74 6.97
C PRO A 36 -7.59 -0.79 8.06
N GLY A 37 -8.84 -0.55 7.67
CA GLY A 37 -9.93 -0.56 8.63
C GLY A 37 -10.48 0.83 8.91
N GLY A 38 -9.65 1.84 8.68
CA GLY A 38 -10.08 3.22 8.91
C GLY A 38 -9.84 3.65 10.34
N GLY A 39 -8.82 3.08 10.97
CA GLY A 39 -8.50 3.44 12.35
C GLY A 39 -7.60 2.42 13.01
N GLY A 40 -7.63 1.19 12.51
CA GLY A 40 -6.80 0.14 13.08
C GLY A 40 -5.32 0.50 13.08
N GLU A 41 -4.50 -0.41 13.59
CA GLU A 41 -3.06 -0.18 13.65
C GLU A 41 -2.51 0.16 12.27
N ASP A 42 -1.48 1.00 12.25
CA ASP A 42 -0.86 1.42 10.99
C ASP A 42 0.21 0.42 10.56
N LEU A 43 0.36 0.26 9.25
CA LEU A 43 1.35 -0.67 8.70
C LEU A 43 2.37 0.07 7.84
N PHE A 44 3.56 -0.49 7.73
CA PHE A 44 4.62 0.11 6.93
C PHE A 44 4.54 -0.36 5.48
N VAL A 45 4.87 0.54 4.55
CA VAL A 45 4.84 0.22 3.13
C VAL A 45 5.99 0.88 2.40
N HIS A 46 6.70 0.09 1.59
CA HIS A 46 7.83 0.60 0.83
C HIS A 46 7.54 0.55 -0.67
N GLN A 47 7.43 1.73 -1.29
CA GLN A 47 7.15 1.82 -2.71
C GLN A 47 8.14 0.98 -3.52
N THR A 48 7.69 -0.18 -3.98
CA THR A 48 8.53 -1.08 -4.76
C THR A 48 8.09 -1.11 -6.21
N ASN A 49 6.79 -1.26 -6.44
CA ASN A 49 6.26 -1.29 -7.80
C ASN A 49 5.08 -0.32 -7.94
N ILE A 50 5.08 0.72 -7.13
CA ILE A 50 4.02 1.72 -7.17
C ILE A 50 4.45 2.94 -7.98
N ASN A 51 4.20 2.90 -9.28
CA ASN A 51 4.55 4.00 -10.17
C ASN A 51 3.61 4.06 -11.36
N SER A 52 3.34 5.28 -11.83
CA SER A 52 2.45 5.48 -12.97
C SER A 52 3.24 5.61 -14.27
N GLU A 53 2.56 5.45 -15.40
CA GLU A 53 3.20 5.56 -16.70
C GLU A 53 3.43 7.02 -17.08
N GLY A 54 2.54 7.89 -16.61
CA GLY A 54 2.67 9.30 -16.91
C GLY A 54 2.58 10.16 -15.66
N PHE A 55 1.40 10.70 -15.39
CA PHE A 55 1.20 11.56 -14.22
C PHE A 55 -0.03 11.11 -13.44
N ARG A 56 0.02 11.29 -12.12
CA ARG A 56 -1.09 10.91 -11.26
C ARG A 56 -1.59 12.11 -10.46
N SER A 57 -2.91 12.33 -10.48
CA SER A 57 -3.52 13.45 -9.77
C SER A 57 -4.32 12.95 -8.57
N LEU A 58 -3.64 12.76 -7.44
CA LEU A 58 -4.30 12.29 -6.23
C LEU A 58 -4.09 13.28 -5.09
N ARG A 59 -4.98 13.23 -4.10
CA ARG A 59 -4.90 14.11 -2.95
C ARG A 59 -4.96 13.32 -1.64
N GLU A 60 -4.51 13.94 -0.55
CA GLU A 60 -4.52 13.28 0.75
C GLU A 60 -5.91 12.75 1.09
N GLY A 61 -5.96 11.58 1.72
CA GLY A 61 -7.22 10.98 2.08
C GLY A 61 -7.68 9.94 1.07
N GLU A 62 -7.13 10.02 -0.14
CA GLU A 62 -7.50 9.07 -1.19
C GLU A 62 -7.20 7.64 -0.77
N VAL A 63 -8.21 6.78 -0.86
CA VAL A 63 -8.06 5.38 -0.49
C VAL A 63 -7.53 4.56 -1.66
N VAL A 64 -6.70 3.56 -1.34
CA VAL A 64 -6.12 2.70 -2.37
C VAL A 64 -6.24 1.22 -1.97
N GLU A 65 -6.04 0.35 -2.95
CA GLU A 65 -6.12 -1.09 -2.71
C GLU A 65 -4.84 -1.79 -3.15
N PHE A 66 -4.54 -2.91 -2.52
CA PHE A 66 -3.34 -3.68 -2.84
C PHE A 66 -3.37 -5.05 -2.17
N GLU A 67 -2.37 -5.87 -2.48
CA GLU A 67 -2.28 -7.21 -1.90
C GLU A 67 -0.84 -7.54 -1.49
N VAL A 68 -0.68 -8.11 -0.31
CA VAL A 68 0.65 -8.47 0.19
C VAL A 68 1.20 -9.69 -0.54
N GLU A 69 2.38 -9.53 -1.12
CA GLU A 69 3.02 -10.63 -1.86
C GLU A 69 4.24 -11.14 -1.11
N ALA A 70 4.41 -12.46 -1.10
CA ALA A 70 5.54 -13.09 -0.43
C ALA A 70 6.59 -13.54 -1.42
N GLY A 71 7.84 -13.14 -1.18
CA GLY A 71 8.92 -13.51 -2.07
C GLY A 71 9.58 -14.82 -1.66
N PRO A 72 10.65 -15.19 -2.38
CA PRO A 72 11.39 -16.43 -2.11
C PRO A 72 12.19 -16.34 -0.81
N ASP A 73 12.45 -15.12 -0.36
CA ASP A 73 13.20 -14.90 0.87
C ASP A 73 12.37 -15.30 2.09
N GLY A 74 11.06 -15.25 1.95
CA GLY A 74 10.17 -15.61 3.04
C GLY A 74 9.41 -14.41 3.57
N ARG A 75 9.91 -13.21 3.29
CA ARG A 75 9.26 -11.99 3.75
C ARG A 75 8.17 -11.55 2.77
N SER A 76 7.27 -10.69 3.25
CA SER A 76 6.17 -10.20 2.42
C SER A 76 6.19 -8.67 2.34
N LYS A 77 5.52 -8.14 1.33
CA LYS A 77 5.46 -6.69 1.14
C LYS A 77 4.22 -6.30 0.34
N ALA A 78 3.93 -5.00 0.29
CA ALA A 78 2.78 -4.50 -0.44
C ALA A 78 3.21 -3.77 -1.70
N VAL A 79 2.53 -4.05 -2.80
CA VAL A 79 2.84 -3.41 -4.09
C VAL A 79 1.61 -3.32 -4.97
N ASN A 80 1.76 -2.70 -6.13
CA ASN A 80 0.65 -2.54 -7.07
C ASN A 80 -0.50 -1.78 -6.43
N VAL A 81 -0.16 -0.83 -5.56
CA VAL A 81 -1.17 -0.02 -4.87
C VAL A 81 -1.83 0.96 -5.84
N THR A 82 -3.15 0.81 -6.02
CA THR A 82 -3.90 1.68 -6.91
C THR A 82 -3.69 3.15 -6.54
N GLY A 11 -7.28 -20.13 -7.26
CA GLY A 11 -6.21 -19.59 -6.43
C GLY A 11 -5.97 -20.43 -5.18
N SER A 12 -4.98 -20.03 -4.40
CA SER A 12 -4.64 -20.75 -3.17
C SER A 12 -5.54 -20.32 -2.02
N GLY A 13 -5.92 -19.03 -2.02
CA GLY A 13 -6.77 -18.52 -0.97
C GLY A 13 -6.01 -17.71 0.06
N GLU A 14 -4.97 -17.01 -0.39
CA GLU A 14 -4.16 -16.20 0.50
C GLU A 14 -4.37 -14.71 0.23
N GLN A 15 -5.59 -14.34 -0.12
CA GLN A 15 -5.93 -12.96 -0.41
C GLN A 15 -6.01 -12.14 0.87
N LEU A 16 -5.53 -10.90 0.81
CA LEU A 16 -5.55 -10.02 1.97
C LEU A 16 -6.06 -8.63 1.58
N ARG A 17 -7.35 -8.40 1.78
CA ARG A 17 -7.95 -7.12 1.45
C ARG A 17 -7.54 -6.04 2.45
N GLN A 18 -6.81 -5.04 1.97
CA GLN A 18 -6.35 -3.95 2.82
C GLN A 18 -6.77 -2.60 2.27
N GLN A 19 -6.84 -1.59 3.14
CA GLN A 19 -7.24 -0.26 2.73
C GLN A 19 -6.36 0.80 3.40
N GLY A 20 -5.87 1.74 2.60
CA GLY A 20 -5.03 2.80 3.15
C GLY A 20 -5.36 4.16 2.57
N THR A 21 -4.88 5.21 3.22
CA THR A 21 -5.13 6.58 2.77
C THR A 21 -3.82 7.31 2.47
N VAL A 22 -3.85 8.18 1.48
CA VAL A 22 -2.67 8.95 1.10
C VAL A 22 -2.30 9.96 2.17
N LYS A 23 -3.26 10.27 3.04
CA LYS A 23 -3.04 11.22 4.12
C LYS A 23 -1.79 10.86 4.92
N TRP A 24 -1.49 9.57 4.98
CA TRP A 24 -0.34 9.08 5.72
C TRP A 24 0.68 8.46 4.77
N PHE A 25 0.71 8.94 3.53
CA PHE A 25 1.64 8.42 2.52
C PHE A 25 2.63 9.50 2.10
N ASN A 26 3.89 9.11 1.95
CA ASN A 26 4.94 10.04 1.55
C ASN A 26 5.80 9.46 0.43
N ALA A 27 5.48 9.81 -0.80
CA ALA A 27 6.22 9.32 -1.96
C ALA A 27 7.61 9.93 -2.02
N THR A 28 7.68 11.26 -1.89
CA THR A 28 8.96 11.96 -1.93
C THR A 28 9.95 11.35 -0.95
N LYS A 29 9.50 11.13 0.28
CA LYS A 29 10.35 10.54 1.31
C LYS A 29 10.68 9.09 0.99
N GLY A 30 9.81 8.44 0.22
CA GLY A 30 10.02 7.06 -0.14
C GLY A 30 9.53 6.08 0.91
N PHE A 31 8.65 6.57 1.79
CA PHE A 31 8.11 5.73 2.86
C PHE A 31 6.71 6.22 3.27
N GLY A 32 5.70 5.40 2.98
CA GLY A 32 4.34 5.76 3.33
C GLY A 32 3.79 4.93 4.47
N PHE A 33 2.48 4.98 4.67
CA PHE A 33 1.84 4.24 5.74
C PHE A 33 0.40 3.89 5.37
N ILE A 34 -0.08 2.77 5.90
CA ILE A 34 -1.44 2.32 5.62
C ILE A 34 -2.30 2.36 6.88
N THR A 35 -3.56 2.76 6.72
CA THR A 35 -4.48 2.84 7.85
C THR A 35 -5.60 1.82 7.71
N PRO A 36 -5.28 0.54 7.97
CA PRO A 36 -6.24 -0.56 7.89
C PRO A 36 -7.29 -0.50 9.00
N GLY A 37 -8.56 -0.67 8.63
CA GLY A 37 -9.62 -0.63 9.60
C GLY A 37 -10.23 0.75 9.74
N GLY A 38 -9.38 1.77 9.86
CA GLY A 38 -9.86 3.13 10.00
C GLY A 38 -9.94 3.57 11.45
N GLY A 39 -9.12 2.96 12.29
CA GLY A 39 -9.12 3.31 13.70
C GLY A 39 -8.02 4.29 14.06
N GLY A 40 -6.90 4.20 13.35
CA GLY A 40 -5.79 5.09 13.61
C GLY A 40 -4.47 4.35 13.78
N GLU A 41 -4.31 3.27 13.03
CA GLU A 41 -3.09 2.46 13.11
C GLU A 41 -2.29 2.57 11.81
N ASP A 42 -1.06 3.07 11.92
CA ASP A 42 -0.19 3.22 10.76
C ASP A 42 0.79 2.06 10.66
N LEU A 43 0.90 1.48 9.47
CA LEU A 43 1.81 0.37 9.24
C LEU A 43 2.86 0.72 8.21
N PHE A 44 3.89 -0.11 8.11
CA PHE A 44 4.98 0.11 7.16
C PHE A 44 4.65 -0.51 5.80
N VAL A 45 4.68 0.31 4.76
CA VAL A 45 4.38 -0.16 3.41
C VAL A 45 5.52 0.17 2.45
N HIS A 46 6.03 -0.85 1.76
CA HIS A 46 7.12 -0.67 0.82
C HIS A 46 6.58 -0.39 -0.58
N GLN A 47 7.36 0.33 -1.37
CA GLN A 47 6.97 0.67 -2.73
C GLN A 47 7.81 -0.08 -3.76
N THR A 48 7.25 -1.15 -4.31
CA THR A 48 7.96 -1.96 -5.30
C THR A 48 7.34 -1.80 -6.68
N ASN A 49 6.02 -1.95 -6.75
CA ASN A 49 5.30 -1.82 -8.02
C ASN A 49 4.33 -0.65 -7.98
N ILE A 50 4.62 0.33 -7.13
CA ILE A 50 3.77 1.50 -7.00
C ILE A 50 4.38 2.72 -7.68
N ASN A 51 4.17 2.82 -8.99
CA ASN A 51 4.70 3.94 -9.77
C ASN A 51 3.80 4.26 -10.95
N SER A 52 4.20 5.27 -11.74
CA SER A 52 3.42 5.67 -12.89
C SER A 52 4.34 6.12 -14.03
N GLU A 53 3.85 6.00 -15.26
CA GLU A 53 4.62 6.40 -16.43
C GLU A 53 4.58 7.91 -16.63
N GLY A 54 3.51 8.54 -16.14
CA GLY A 54 3.38 9.97 -16.28
C GLY A 54 3.11 10.66 -14.95
N PHE A 55 1.86 11.09 -14.75
CA PHE A 55 1.49 11.77 -13.51
C PHE A 55 0.28 11.09 -12.87
N ARG A 56 0.15 11.26 -11.57
CA ARG A 56 -0.97 10.66 -10.83
C ARG A 56 -1.76 11.72 -10.09
N SER A 57 -2.96 12.01 -10.59
CA SER A 57 -3.82 13.02 -9.99
C SER A 57 -4.48 12.48 -8.72
N LEU A 58 -3.75 12.54 -7.61
CA LEU A 58 -4.26 12.06 -6.33
C LEU A 58 -4.04 13.11 -5.23
N ARG A 59 -4.86 13.03 -4.19
CA ARG A 59 -4.76 13.97 -3.08
C ARG A 59 -4.79 13.23 -1.75
N GLU A 60 -4.56 13.96 -0.66
CA GLU A 60 -4.55 13.37 0.67
C GLU A 60 -5.95 12.90 1.06
N GLY A 61 -6.03 11.69 1.60
CA GLY A 61 -7.31 11.14 2.01
C GLY A 61 -7.82 10.07 1.06
N GLU A 62 -7.29 10.08 -0.17
CA GLU A 62 -7.70 9.12 -1.17
C GLU A 62 -7.46 7.69 -0.68
N VAL A 63 -8.49 6.85 -0.79
CA VAL A 63 -8.39 5.46 -0.36
C VAL A 63 -7.74 4.60 -1.44
N VAL A 64 -6.91 3.64 -1.01
CA VAL A 64 -6.24 2.75 -1.94
C VAL A 64 -6.43 1.30 -1.56
N GLU A 65 -6.29 0.39 -2.52
CA GLU A 65 -6.46 -1.03 -2.28
C GLU A 65 -5.24 -1.80 -2.76
N PHE A 66 -4.90 -2.87 -2.04
CA PHE A 66 -3.75 -3.69 -2.39
C PHE A 66 -3.82 -5.05 -1.69
N GLU A 67 -2.98 -5.98 -2.13
CA GLU A 67 -2.94 -7.32 -1.54
C GLU A 67 -1.51 -7.74 -1.24
N VAL A 68 -1.34 -8.50 -0.16
CA VAL A 68 -0.02 -8.97 0.24
C VAL A 68 0.45 -10.10 -0.67
N GLU A 69 1.70 -9.98 -1.14
CA GLU A 69 2.28 -10.97 -2.02
C GLU A 69 3.55 -11.58 -1.41
N ALA A 70 3.63 -12.91 -1.43
CA ALA A 70 4.79 -13.60 -0.88
C ALA A 70 5.68 -14.15 -1.99
N GLY A 71 6.97 -13.83 -1.93
CA GLY A 71 7.90 -14.30 -2.94
C GLY A 71 8.59 -15.59 -2.53
N PRO A 72 9.50 -16.07 -3.39
CA PRO A 72 10.24 -17.31 -3.14
C PRO A 72 11.24 -17.18 -2.00
N ASP A 73 11.56 -15.93 -1.65
CA ASP A 73 12.50 -15.67 -0.57
C ASP A 73 11.89 -16.01 0.79
N GLY A 74 10.56 -15.99 0.86
CA GLY A 74 9.88 -16.32 2.10
C GLY A 74 9.19 -15.11 2.71
N ARG A 75 9.62 -13.92 2.31
CA ARG A 75 9.04 -12.68 2.83
C ARG A 75 7.87 -12.23 1.97
N SER A 76 6.89 -11.59 2.60
CA SER A 76 5.71 -11.12 1.90
C SER A 76 5.52 -9.62 2.10
N LYS A 77 5.14 -8.93 1.03
CA LYS A 77 4.93 -7.48 1.09
C LYS A 77 3.79 -7.06 0.16
N ALA A 78 3.25 -5.87 0.40
CA ALA A 78 2.16 -5.35 -0.42
C ALA A 78 2.70 -4.63 -1.64
N VAL A 79 2.00 -4.77 -2.77
CA VAL A 79 2.41 -4.13 -4.01
C VAL A 79 1.21 -3.84 -4.90
N ASN A 80 1.44 -3.11 -5.99
CA ASN A 80 0.38 -2.77 -6.93
C ASN A 80 -0.76 -2.05 -6.21
N VAL A 81 -0.40 -1.05 -5.39
CA VAL A 81 -1.39 -0.28 -4.64
C VAL A 81 -2.04 0.77 -5.53
N THR A 82 -3.35 0.68 -5.70
CA THR A 82 -4.09 1.63 -6.52
C THR A 82 -3.97 3.04 -5.96
N GLY A 11 -7.45 -18.62 -6.98
CA GLY A 11 -6.25 -19.00 -7.68
C GLY A 11 -5.09 -19.30 -6.74
N SER A 12 -4.87 -18.40 -5.78
CA SER A 12 -3.79 -18.56 -4.82
C SER A 12 -4.34 -18.97 -3.46
N GLY A 13 -5.33 -18.24 -2.98
CA GLY A 13 -5.93 -18.52 -1.69
C GLY A 13 -5.58 -17.49 -0.64
N GLU A 14 -4.47 -16.79 -0.85
CA GLU A 14 -4.02 -15.77 0.09
C GLU A 14 -4.82 -14.48 -0.10
N GLN A 15 -5.93 -14.36 0.63
CA GLN A 15 -6.78 -13.18 0.55
C GLN A 15 -6.45 -12.20 1.66
N LEU A 16 -5.71 -11.15 1.32
CA LEU A 16 -5.33 -10.12 2.29
C LEU A 16 -5.80 -8.74 1.84
N ARG A 17 -7.01 -8.38 2.25
CA ARG A 17 -7.58 -7.09 1.91
C ARG A 17 -7.06 -5.98 2.83
N GLN A 18 -6.42 -4.97 2.25
CA GLN A 18 -5.87 -3.87 3.03
C GLN A 18 -6.20 -2.53 2.37
N GLN A 19 -6.43 -1.52 3.19
CA GLN A 19 -6.75 -0.19 2.69
C GLN A 19 -5.95 0.88 3.42
N GLY A 20 -5.59 1.94 2.70
CA GLY A 20 -4.82 3.01 3.30
C GLY A 20 -5.09 4.35 2.63
N THR A 21 -4.73 5.43 3.33
CA THR A 21 -4.94 6.77 2.80
C THR A 21 -3.61 7.43 2.44
N VAL A 22 -3.68 8.53 1.70
CA VAL A 22 -2.48 9.25 1.28
C VAL A 22 -2.06 10.27 2.34
N LYS A 23 -2.99 10.63 3.21
CA LYS A 23 -2.71 11.59 4.28
C LYS A 23 -1.48 11.17 5.07
N TRP A 24 -1.25 9.86 5.15
CA TRP A 24 -0.10 9.34 5.89
C TRP A 24 0.92 8.72 4.94
N PHE A 25 1.03 9.30 3.74
CA PHE A 25 1.96 8.82 2.74
C PHE A 25 3.06 9.85 2.47
N ASN A 26 4.30 9.39 2.43
CA ASN A 26 5.44 10.27 2.17
C ASN A 26 6.25 9.78 0.98
N ALA A 27 5.87 10.24 -0.21
CA ALA A 27 6.58 9.84 -1.43
C ALA A 27 8.01 10.36 -1.43
N THR A 28 8.17 11.66 -1.15
CA THR A 28 9.48 12.27 -1.12
C THR A 28 10.44 11.49 -0.23
N LYS A 29 9.95 11.07 0.94
CA LYS A 29 10.76 10.31 1.88
C LYS A 29 10.98 8.89 1.39
N GLY A 30 10.04 8.40 0.58
CA GLY A 30 10.15 7.05 0.06
C GLY A 30 9.60 6.00 1.01
N PHE A 31 8.77 6.43 1.95
CA PHE A 31 8.18 5.53 2.92
C PHE A 31 6.85 6.08 3.44
N GLY A 32 5.77 5.38 3.12
CA GLY A 32 4.44 5.81 3.55
C GLY A 32 3.90 4.96 4.66
N PHE A 33 2.59 5.01 4.87
CA PHE A 33 1.93 4.24 5.92
C PHE A 33 0.49 3.91 5.54
N ILE A 34 0.03 2.74 5.96
CA ILE A 34 -1.33 2.31 5.66
C ILE A 34 -2.18 2.26 6.94
N THR A 35 -3.26 3.04 6.95
CA THR A 35 -4.15 3.07 8.10
C THR A 35 -5.52 2.50 7.76
N PRO A 36 -5.58 1.16 7.65
CA PRO A 36 -6.83 0.45 7.33
C PRO A 36 -7.85 0.51 8.47
N GLY A 37 -9.11 0.75 8.11
CA GLY A 37 -10.15 0.82 9.12
C GLY A 37 -10.41 2.25 9.58
N GLY A 38 -9.38 3.09 9.51
CA GLY A 38 -9.52 4.47 9.92
C GLY A 38 -8.99 4.72 11.31
N GLY A 39 -8.99 3.67 12.15
CA GLY A 39 -8.50 3.81 13.51
C GLY A 39 -7.68 2.60 13.94
N GLY A 40 -7.12 1.89 12.98
CA GLY A 40 -6.32 0.72 13.29
C GLY A 40 -4.83 1.01 13.23
N GLU A 41 -4.04 0.13 13.84
CA GLU A 41 -2.59 0.29 13.85
C GLU A 41 -2.04 0.44 12.45
N ASP A 42 -1.27 1.50 12.22
CA ASP A 42 -0.68 1.76 10.91
C ASP A 42 0.55 0.90 10.69
N LEU A 43 0.73 0.44 9.46
CA LEU A 43 1.88 -0.41 9.11
C LEU A 43 2.83 0.32 8.17
N PHE A 44 4.02 -0.23 7.99
CA PHE A 44 5.02 0.37 7.12
C PHE A 44 4.84 -0.11 5.69
N VAL A 45 4.93 0.81 4.74
CA VAL A 45 4.77 0.49 3.32
C VAL A 45 5.76 1.28 2.46
N HIS A 46 6.43 0.59 1.55
CA HIS A 46 7.39 1.23 0.67
C HIS A 46 7.06 0.96 -0.80
N GLN A 47 6.97 2.02 -1.59
CA GLN A 47 6.64 1.89 -3.01
C GLN A 47 7.58 0.90 -3.68
N THR A 48 7.04 -0.28 -4.02
CA THR A 48 7.83 -1.32 -4.68
C THR A 48 7.38 -1.51 -6.12
N ASN A 49 6.07 -1.65 -6.32
CA ASN A 49 5.52 -1.85 -7.65
C ASN A 49 4.35 -0.89 -7.90
N ILE A 50 4.39 0.26 -7.23
CA ILE A 50 3.33 1.26 -7.39
C ILE A 50 3.74 2.34 -8.37
N ASN A 51 3.55 2.07 -9.66
CA ASN A 51 3.89 3.02 -10.70
C ASN A 51 2.75 3.19 -11.69
N SER A 52 2.73 4.33 -12.39
CA SER A 52 1.69 4.61 -13.36
C SER A 52 2.28 4.82 -14.75
N GLU A 53 1.45 4.68 -15.77
CA GLU A 53 1.89 4.86 -17.15
C GLU A 53 2.13 6.33 -17.46
N GLY A 54 1.41 7.20 -16.77
CA GLY A 54 1.56 8.62 -16.99
C GLY A 54 1.49 9.43 -15.71
N PHE A 55 1.08 10.69 -15.81
CA PHE A 55 0.98 11.55 -14.65
C PHE A 55 -0.31 11.28 -13.87
N ARG A 56 -0.20 11.26 -12.55
CA ARG A 56 -1.35 11.00 -11.70
C ARG A 56 -1.53 12.11 -10.67
N SER A 57 -2.75 12.62 -10.55
CA SER A 57 -3.05 13.70 -9.60
C SER A 57 -3.73 13.15 -8.36
N LEU A 58 -2.93 12.81 -7.35
CA LEU A 58 -3.46 12.27 -6.10
C LEU A 58 -3.37 13.30 -4.99
N ARG A 59 -4.38 13.32 -4.13
CA ARG A 59 -4.41 14.26 -3.01
C ARG A 59 -4.55 13.52 -1.68
N GLU A 60 -4.15 14.18 -0.60
CA GLU A 60 -4.22 13.59 0.73
C GLU A 60 -5.67 13.19 1.07
N GLY A 61 -5.83 12.01 1.63
CA GLY A 61 -7.15 11.53 2.00
C GLY A 61 -7.65 10.44 1.06
N GLU A 62 -7.06 10.36 -0.12
CA GLU A 62 -7.46 9.35 -1.10
C GLU A 62 -7.17 7.94 -0.59
N VAL A 63 -8.18 7.09 -0.61
CA VAL A 63 -8.03 5.71 -0.15
C VAL A 63 -7.56 4.81 -1.28
N VAL A 64 -6.72 3.83 -0.93
CA VAL A 64 -6.19 2.89 -1.91
C VAL A 64 -6.34 1.45 -1.43
N GLU A 65 -6.27 0.51 -2.37
CA GLU A 65 -6.40 -0.90 -2.04
C GLU A 65 -5.20 -1.69 -2.56
N PHE A 66 -4.90 -2.79 -1.89
CA PHE A 66 -3.77 -3.64 -2.28
C PHE A 66 -3.83 -4.98 -1.57
N GLU A 67 -3.03 -5.94 -2.04
CA GLU A 67 -2.98 -7.26 -1.44
C GLU A 67 -1.56 -7.65 -1.05
N VAL A 68 -1.42 -8.50 -0.04
CA VAL A 68 -0.12 -8.93 0.43
C VAL A 68 0.39 -10.11 -0.40
N GLU A 69 1.65 -10.02 -0.82
CA GLU A 69 2.27 -11.07 -1.62
C GLU A 69 3.41 -11.73 -0.86
N ALA A 70 3.51 -13.05 -0.98
CA ALA A 70 4.57 -13.80 -0.31
C ALA A 70 5.72 -14.10 -1.26
N GLY A 71 6.85 -13.41 -1.06
CA GLY A 71 8.00 -13.62 -1.91
C GLY A 71 8.59 -15.01 -1.76
N PRO A 72 9.69 -15.27 -2.46
CA PRO A 72 10.38 -16.56 -2.43
C PRO A 72 11.05 -16.83 -1.09
N ASP A 73 11.24 -15.77 -0.30
CA ASP A 73 11.87 -15.89 1.00
C ASP A 73 10.85 -16.28 2.07
N GLY A 74 9.57 -15.95 1.82
CA GLY A 74 8.53 -16.27 2.76
C GLY A 74 7.93 -15.03 3.40
N ARG A 75 8.68 -13.93 3.36
CA ARG A 75 8.22 -12.68 3.95
C ARG A 75 7.00 -12.14 3.21
N SER A 76 6.35 -11.14 3.79
CA SER A 76 5.18 -10.53 3.18
C SER A 76 5.45 -9.09 2.77
N LYS A 77 4.94 -8.71 1.61
CA LYS A 77 5.13 -7.36 1.09
C LYS A 77 3.88 -6.87 0.36
N ALA A 78 3.59 -5.59 0.48
CA ALA A 78 2.43 -4.99 -0.17
C ALA A 78 2.81 -4.39 -1.52
N VAL A 79 1.98 -4.64 -2.52
CA VAL A 79 2.23 -4.12 -3.86
C VAL A 79 0.92 -3.89 -4.61
N ASN A 80 1.02 -3.26 -5.78
CA ASN A 80 -0.15 -2.97 -6.60
C ASN A 80 -1.17 -2.13 -5.83
N VAL A 81 -0.71 -1.01 -5.28
CA VAL A 81 -1.57 -0.12 -4.52
C VAL A 81 -2.18 0.94 -5.41
N THR A 82 -3.50 0.86 -5.60
CA THR A 82 -4.22 1.81 -6.43
C THR A 82 -5.37 2.45 -5.68
N GLY A 11 2.18 -22.97 -0.73
CA GLY A 11 0.84 -22.57 -1.14
C GLY A 11 0.82 -21.20 -1.78
N SER A 12 -0.37 -20.74 -2.13
CA SER A 12 -0.53 -19.43 -2.77
C SER A 12 -2.00 -19.07 -2.90
N GLY A 13 -2.27 -17.84 -3.35
CA GLY A 13 -3.64 -17.39 -3.52
C GLY A 13 -4.27 -16.99 -2.20
N GLU A 14 -3.55 -16.20 -1.41
CA GLU A 14 -4.06 -15.75 -0.12
C GLU A 14 -4.87 -14.46 -0.27
N GLN A 15 -6.13 -14.51 0.19
CA GLN A 15 -7.01 -13.35 0.11
C GLN A 15 -6.71 -12.36 1.23
N LEU A 16 -6.39 -11.13 0.84
CA LEU A 16 -6.08 -10.08 1.82
C LEU A 16 -6.34 -8.70 1.23
N ARG A 17 -7.44 -8.07 1.64
CA ARG A 17 -7.80 -6.75 1.16
C ARG A 17 -7.46 -5.68 2.19
N GLN A 18 -6.64 -4.72 1.78
CA GLN A 18 -6.23 -3.64 2.67
C GLN A 18 -6.59 -2.28 2.09
N GLN A 19 -6.59 -1.25 2.94
CA GLN A 19 -6.92 0.10 2.49
C GLN A 19 -6.20 1.14 3.33
N GLY A 20 -5.62 2.13 2.67
CA GLY A 20 -4.89 3.17 3.38
C GLY A 20 -5.10 4.54 2.76
N THR A 21 -5.03 5.58 3.58
CA THR A 21 -5.21 6.95 3.09
C THR A 21 -3.87 7.58 2.74
N VAL A 22 -3.90 8.56 1.83
CA VAL A 22 -2.69 9.25 1.40
C VAL A 22 -2.23 10.26 2.44
N LYS A 23 -3.17 10.68 3.29
CA LYS A 23 -2.87 11.65 4.34
C LYS A 23 -1.67 11.20 5.18
N TRP A 24 -1.48 9.89 5.27
CA TRP A 24 -0.38 9.32 6.03
C TRP A 24 0.69 8.74 5.11
N PHE A 25 0.85 9.35 3.95
CA PHE A 25 1.83 8.89 2.97
C PHE A 25 3.03 9.84 2.92
N ASN A 26 4.22 9.27 2.72
CA ASN A 26 5.44 10.06 2.65
C ASN A 26 6.26 9.68 1.42
N ALA A 27 6.02 10.39 0.32
CA ALA A 27 6.73 10.13 -0.92
C ALA A 27 8.19 10.55 -0.81
N THR A 28 8.42 11.74 -0.27
CA THR A 28 9.77 12.27 -0.12
C THR A 28 10.66 11.26 0.60
N LYS A 29 10.22 10.80 1.77
CA LYS A 29 10.98 9.83 2.55
C LYS A 29 11.03 8.48 1.84
N GLY A 30 10.04 8.21 1.00
CA GLY A 30 10.00 6.96 0.27
C GLY A 30 9.35 5.84 1.07
N PHE A 31 8.57 6.22 2.07
CA PHE A 31 7.88 5.24 2.93
C PHE A 31 6.60 5.84 3.50
N GLY A 32 5.47 5.25 3.12
CA GLY A 32 4.19 5.73 3.61
C GLY A 32 3.61 4.84 4.70
N PHE A 33 2.29 4.88 4.85
CA PHE A 33 1.62 4.08 5.88
C PHE A 33 0.20 3.73 5.44
N ILE A 34 -0.33 2.66 6.00
CA ILE A 34 -1.69 2.21 5.67
C ILE A 34 -2.57 2.17 6.92
N THR A 35 -3.73 2.80 6.84
CA THR A 35 -4.67 2.83 7.96
C THR A 35 -5.94 2.06 7.63
N PRO A 36 -5.85 0.73 7.64
CA PRO A 36 -6.99 -0.14 7.34
C PRO A 36 -8.05 -0.12 8.44
N GLY A 37 -9.27 0.25 8.08
CA GLY A 37 -10.35 0.31 9.04
C GLY A 37 -10.77 1.73 9.35
N GLY A 38 -9.87 2.68 9.11
CA GLY A 38 -10.16 4.07 9.38
C GLY A 38 -9.49 4.59 10.63
N GLY A 39 -9.20 3.68 11.56
CA GLY A 39 -8.56 4.07 12.80
C GLY A 39 -8.27 2.88 13.70
N GLY A 40 -7.16 2.19 13.43
CA GLY A 40 -6.80 1.04 14.23
C GLY A 40 -5.29 0.86 14.34
N GLU A 41 -4.73 0.04 13.46
CA GLU A 41 -3.29 -0.21 13.47
C GLU A 41 -2.63 0.35 12.21
N ASP A 42 -1.61 1.17 12.40
CA ASP A 42 -0.89 1.77 11.27
C ASP A 42 0.34 0.94 10.90
N LEU A 43 0.38 0.50 9.65
CA LEU A 43 1.50 -0.31 9.18
C LEU A 43 2.34 0.47 8.17
N PHE A 44 3.59 0.05 8.00
CA PHE A 44 4.50 0.71 7.07
C PHE A 44 4.43 0.07 5.69
N VAL A 45 4.53 0.89 4.65
CA VAL A 45 4.47 0.40 3.28
C VAL A 45 5.55 1.05 2.42
N HIS A 46 6.18 0.26 1.56
CA HIS A 46 7.23 0.77 0.68
C HIS A 46 6.82 0.64 -0.79
N GLN A 47 7.27 1.57 -1.60
CA GLN A 47 6.96 1.57 -3.03
C GLN A 47 7.81 0.55 -3.77
N THR A 48 7.22 -0.59 -4.10
CA THR A 48 7.93 -1.65 -4.81
C THR A 48 7.43 -1.78 -6.24
N ASN A 49 6.11 -1.81 -6.41
CA ASN A 49 5.51 -1.93 -7.73
C ASN A 49 4.40 -0.89 -7.92
N ILE A 50 4.53 0.23 -7.21
CA ILE A 50 3.54 1.30 -7.30
C ILE A 50 4.03 2.42 -8.22
N ASN A 51 3.73 2.32 -9.50
CA ASN A 51 4.14 3.32 -10.47
C ASN A 51 3.17 3.37 -11.64
N SER A 52 3.07 4.53 -12.28
CA SER A 52 2.18 4.72 -13.42
C SER A 52 2.97 5.00 -14.69
N GLU A 53 2.33 4.76 -15.83
CA GLU A 53 2.97 4.98 -17.13
C GLU A 53 2.82 6.43 -17.57
N GLY A 54 1.76 7.08 -17.10
CA GLY A 54 1.52 8.46 -17.46
C GLY A 54 1.87 9.42 -16.34
N PHE A 55 0.85 9.87 -15.62
CA PHE A 55 1.05 10.81 -14.51
C PHE A 55 0.29 10.35 -13.27
N ARG A 56 0.75 10.78 -12.11
CA ARG A 56 0.11 10.42 -10.85
C ARG A 56 -0.67 11.60 -10.27
N SER A 57 -1.99 11.47 -10.25
CA SER A 57 -2.87 12.52 -9.74
C SER A 57 -3.58 12.07 -8.47
N LEU A 58 -2.89 12.18 -7.34
CA LEU A 58 -3.46 11.79 -6.06
C LEU A 58 -3.27 12.88 -5.01
N ARG A 59 -4.15 12.90 -4.01
CA ARG A 59 -4.08 13.90 -2.96
C ARG A 59 -4.31 13.25 -1.59
N GLU A 60 -4.03 14.00 -0.53
CA GLU A 60 -4.21 13.50 0.83
C GLU A 60 -5.68 13.18 1.10
N GLY A 61 -5.92 12.10 1.84
CA GLY A 61 -7.28 11.71 2.15
C GLY A 61 -7.80 10.63 1.23
N GLU A 62 -7.21 10.54 0.03
CA GLU A 62 -7.62 9.55 -0.95
C GLU A 62 -7.19 8.14 -0.52
N VAL A 63 -8.16 7.24 -0.41
CA VAL A 63 -7.89 5.87 0.00
C VAL A 63 -7.36 5.05 -1.17
N VAL A 64 -6.54 4.05 -0.87
CA VAL A 64 -5.96 3.19 -1.90
C VAL A 64 -6.36 1.73 -1.67
N GLU A 65 -5.96 0.87 -2.60
CA GLU A 65 -6.27 -0.55 -2.50
C GLU A 65 -5.09 -1.40 -2.98
N PHE A 66 -4.89 -2.54 -2.33
CA PHE A 66 -3.80 -3.44 -2.68
C PHE A 66 -3.97 -4.79 -1.98
N GLU A 67 -3.23 -5.79 -2.47
CA GLU A 67 -3.28 -7.13 -1.89
C GLU A 67 -1.91 -7.57 -1.40
N VAL A 68 -1.90 -8.36 -0.32
CA VAL A 68 -0.66 -8.85 0.26
C VAL A 68 -0.13 -10.04 -0.52
N GLU A 69 1.09 -9.92 -1.05
CA GLU A 69 1.71 -10.98 -1.82
C GLU A 69 2.99 -11.47 -1.13
N ALA A 70 3.21 -12.78 -1.18
CA ALA A 70 4.40 -13.38 -0.57
C ALA A 70 5.43 -13.73 -1.62
N GLY A 71 6.63 -13.17 -1.48
CA GLY A 71 7.69 -13.44 -2.42
C GLY A 71 8.39 -14.75 -2.16
N PRO A 72 9.44 -15.05 -2.94
CA PRO A 72 10.21 -16.28 -2.80
C PRO A 72 11.04 -16.32 -1.52
N ASP A 73 11.24 -15.15 -0.93
CA ASP A 73 12.01 -15.04 0.31
C ASP A 73 11.21 -15.58 1.49
N GLY A 74 9.90 -15.57 1.37
CA GLY A 74 9.05 -16.05 2.43
C GLY A 74 8.29 -14.94 3.14
N ARG A 75 8.79 -13.72 3.00
CA ARG A 75 8.16 -12.56 3.63
C ARG A 75 7.01 -12.03 2.76
N SER A 76 6.10 -11.29 3.39
CA SER A 76 4.96 -10.73 2.68
C SER A 76 5.14 -9.22 2.47
N LYS A 77 4.56 -8.71 1.39
CA LYS A 77 4.65 -7.29 1.07
C LYS A 77 3.42 -6.82 0.31
N ALA A 78 3.21 -5.51 0.27
CA ALA A 78 2.08 -4.94 -0.43
C ALA A 78 2.52 -4.26 -1.73
N VAL A 79 1.78 -4.54 -2.80
CA VAL A 79 2.10 -3.96 -4.11
C VAL A 79 0.82 -3.63 -4.88
N ASN A 80 0.97 -2.91 -5.99
CA ASN A 80 -0.16 -2.53 -6.82
C ASN A 80 -1.14 -1.66 -6.03
N VAL A 81 -0.60 -0.66 -5.34
CA VAL A 81 -1.42 0.26 -4.55
C VAL A 81 -2.05 1.32 -5.43
N THR A 82 -3.36 1.22 -5.64
CA THR A 82 -4.09 2.18 -6.45
C THR A 82 -4.72 3.27 -5.60
#